data_4HP2
# 
_entry.id   4HP2 
# 
_audit_conform.dict_name       mmcif_pdbx.dic 
_audit_conform.dict_version    5.403 
_audit_conform.dict_location   http://mmcif.pdb.org/dictionaries/ascii/mmcif_pdbx.dic 
# 
loop_
_database_2.database_id 
_database_2.database_code 
_database_2.pdbx_database_accession 
_database_2.pdbx_DOI 
PDB   4HP2         pdb_00004hp2 10.2210/pdb4hp2/pdb 
RCSB  RCSB075741   ?            ?                   
WWPDB D_1000075741 ?            ?                   
# 
loop_
_pdbx_audit_revision_history.ordinal 
_pdbx_audit_revision_history.data_content_type 
_pdbx_audit_revision_history.major_revision 
_pdbx_audit_revision_history.minor_revision 
_pdbx_audit_revision_history.revision_date 
_pdbx_audit_revision_history.part_number 
1 'Structure model' 1 0 2013-10-02 ? 
2 'Structure model' 1 1 2017-11-15 ? 
3 'Structure model' 1 2 2018-04-04 ? 
4 'Structure model' 2 0 2025-03-26 ? 
# 
_pdbx_audit_revision_details.ordinal             1 
_pdbx_audit_revision_details.revision_ordinal    1 
_pdbx_audit_revision_details.data_content_type   'Structure model' 
_pdbx_audit_revision_details.provider            repository 
_pdbx_audit_revision_details.type                'Initial release' 
_pdbx_audit_revision_details.description         ? 
_pdbx_audit_revision_details.details             ? 
# 
loop_
_pdbx_audit_revision_group.ordinal 
_pdbx_audit_revision_group.revision_ordinal 
_pdbx_audit_revision_group.data_content_type 
_pdbx_audit_revision_group.group 
1 2 'Structure model' 'Refinement description' 
2 3 'Structure model' 'Data collection'        
3 4 'Structure model' 'Data collection'        
4 4 'Structure model' 'Database references'    
5 4 'Structure model' 'Derived calculations'   
6 4 'Structure model' 'Polymer sequence'       
7 4 'Structure model' 'Structure summary'      
# 
loop_
_pdbx_audit_revision_category.ordinal 
_pdbx_audit_revision_category.revision_ordinal 
_pdbx_audit_revision_category.data_content_type 
_pdbx_audit_revision_category.category 
1  2 'Structure model' software                  
2  3 'Structure model' diffrn_detector           
3  3 'Structure model' diffrn_source             
4  4 'Structure model' chem_comp_atom            
5  4 'Structure model' chem_comp_bond            
6  4 'Structure model' database_2                
7  4 'Structure model' entity_poly               
8  4 'Structure model' pdbx_entry_details        
9  4 'Structure model' pdbx_modification_feature 
10 4 'Structure model' struct_conn               
11 4 'Structure model' struct_ref_seq_dif        
12 4 'Structure model' struct_site               
# 
loop_
_pdbx_audit_revision_item.ordinal 
_pdbx_audit_revision_item.revision_ordinal 
_pdbx_audit_revision_item.data_content_type 
_pdbx_audit_revision_item.item 
1  3 'Structure model' '_diffrn_detector.detector'                    
2  3 'Structure model' '_diffrn_detector.type'                        
3  3 'Structure model' '_diffrn_source.pdbx_synchrotron_beamline'     
4  3 'Structure model' '_diffrn_source.type'                          
5  4 'Structure model' '_database_2.pdbx_DOI'                         
6  4 'Structure model' '_database_2.pdbx_database_accession'          
7  4 'Structure model' '_entity_poly.pdbx_seq_one_letter_code_can'    
8  4 'Structure model' '_pdbx_entry_details.has_protein_modification' 
9  4 'Structure model' '_struct_conn.pdbx_dist_value'                 
10 4 'Structure model' '_struct_conn.pdbx_leaving_atom_flag'          
11 4 'Structure model' '_struct_conn.pdbx_ptnr1_label_alt_id'         
12 4 'Structure model' '_struct_conn.pdbx_ptnr2_label_alt_id'         
13 4 'Structure model' '_struct_conn.ptnr1_auth_asym_id'              
14 4 'Structure model' '_struct_conn.ptnr1_auth_comp_id'              
15 4 'Structure model' '_struct_conn.ptnr1_auth_seq_id'               
16 4 'Structure model' '_struct_conn.ptnr1_label_asym_id'             
17 4 'Structure model' '_struct_conn.ptnr1_label_atom_id'             
18 4 'Structure model' '_struct_conn.ptnr1_label_comp_id'             
19 4 'Structure model' '_struct_conn.ptnr1_label_seq_id'              
20 4 'Structure model' '_struct_conn.ptnr2_auth_asym_id'              
21 4 'Structure model' '_struct_conn.ptnr2_auth_comp_id'              
22 4 'Structure model' '_struct_conn.ptnr2_auth_seq_id'               
23 4 'Structure model' '_struct_conn.ptnr2_label_asym_id'             
24 4 'Structure model' '_struct_conn.ptnr2_label_atom_id'             
25 4 'Structure model' '_struct_conn.ptnr2_label_comp_id'             
26 4 'Structure model' '_struct_conn.ptnr2_label_seq_id'              
27 4 'Structure model' '_struct_ref_seq_dif.details'                  
28 4 'Structure model' '_struct_site.pdbx_auth_asym_id'               
29 4 'Structure model' '_struct_site.pdbx_auth_comp_id'               
30 4 'Structure model' '_struct_site.pdbx_auth_seq_id'                
# 
_pdbx_database_status.status_code                     REL 
_pdbx_database_status.entry_id                        4HP2 
_pdbx_database_status.recvd_initial_deposition_date   2012-10-23 
_pdbx_database_status.deposit_site                    RCSB 
_pdbx_database_status.process_site                    PDBJ 
_pdbx_database_status.methods_development_category    ? 
_pdbx_database_status.status_code_sf                  REL 
_pdbx_database_status.status_code_mr                  ? 
_pdbx_database_status.SG_entry                        ? 
_pdbx_database_status.status_code_cs                  ? 
_pdbx_database_status.pdb_format_compatible           Y 
_pdbx_database_status.status_code_nmr_data            ? 
# 
loop_
_audit_author.name 
_audit_author.pdbx_ordinal 
'Proepper, K.'    1 
'Holstein, J.J.'  2 
'Huebschle, C.B.' 3 
'Bond, C.S.'      4 
'Dittrich, B.'    5 
# 
_citation.id                        primary 
_citation.title                     'Invariom refinement of a new monoclinic solvate of thiostrepton at 0.64 angstrom resolution.' 
_citation.journal_abbrev            'Acta Crystallogr.,Sect.D' 
_citation.journal_volume            69 
_citation.page_first                1530 
_citation.page_last                 1539 
_citation.year                      2013 
_citation.journal_id_ASTM           ABCRE6 
_citation.country                   DK 
_citation.journal_id_ISSN           0907-4449 
_citation.journal_id_CSD            0766 
_citation.book_publisher            ? 
_citation.pdbx_database_id_PubMed   23897476 
_citation.pdbx_database_id_DOI      10.1107/S0907444913010664 
# 
loop_
_citation_author.citation_id 
_citation_author.name 
_citation_author.ordinal 
_citation_author.identifier_ORCID 
primary 'Propper, K.'    1 ? 
primary 'Holstein, J.J.' 2 ? 
primary 'Hubschle, C.B.' 3 ? 
primary 'Bond, C.S.'     4 ? 
primary 'Dittrich, B.'   5 ? 
# 
loop_
_entity.id 
_entity.type 
_entity.src_method 
_entity.pdbx_description 
_entity.formula_weight 
_entity.pdbx_number_of_molecules 
_entity.pdbx_ec 
_entity.pdbx_mutation 
_entity.pdbx_fragment 
_entity.details 
1 polymer     nat Thiostrepton      1805.985 2 ? ? 'UNP RESIDUES 56-72' ? 
2 non-polymer syn DIMETHYLFORMAMIDE 73.094   8 ? ? ?                    ? 
3 non-polymer syn 'diethyl ether'   74.122   6 ? ? ?                    ? 
4 water       nat water             18.015   2 ? ? ?                    ? 
# 
_entity_name_com.entity_id   1 
_entity_name_com.name        'Alaninamide, Bryamycin, Gargon, Thiactin' 
# 
_entity_poly.entity_id                      1 
_entity_poly.type                           'polypeptide(L)' 
_entity_poly.nstd_linkage                   no 
_entity_poly.nstd_monomer                   yes 
_entity_poly.pdbx_seq_one_letter_code       '(QUA)IA(DHA)AS(BB9)T(DBU)(DCY)(TS9)(BB9)T(BB9)(MH6)(BB9)(DHA)(DHA)(NH2)' 
_entity_poly.pdbx_seq_one_letter_code_can   XIASASCTTCICTCSCSSX 
_entity_poly.pdbx_strand_id                 A,B 
_entity_poly.pdbx_target_identifier         ? 
# 
loop_
_pdbx_entity_nonpoly.entity_id 
_pdbx_entity_nonpoly.name 
_pdbx_entity_nonpoly.comp_id 
2 DIMETHYLFORMAMIDE DMF 
3 'diethyl ether'   ETZ 
4 water             HOH 
# 
loop_
_entity_poly_seq.entity_id 
_entity_poly_seq.num 
_entity_poly_seq.mon_id 
_entity_poly_seq.hetero 
1 1  QUA n 
1 2  ILE n 
1 3  ALA n 
1 4  DHA n 
1 5  ALA n 
1 6  SER n 
1 7  BB9 n 
1 8  THR n 
1 9  DBU n 
1 10 DCY n 
1 11 TS9 n 
1 12 BB9 n 
1 13 THR n 
1 14 BB9 n 
1 15 MH6 n 
1 16 BB9 n 
1 17 DHA n 
1 18 DHA n 
1 19 NH2 n 
# 
_entity_src_nat.entity_id                  1 
_entity_src_nat.pdbx_src_id                1 
_entity_src_nat.pdbx_alt_source_flag       sample 
_entity_src_nat.pdbx_beg_seq_num           ? 
_entity_src_nat.pdbx_end_seq_num           ? 
_entity_src_nat.common_name                ? 
_entity_src_nat.pdbx_organism_scientific   'Streptomyces azureus' 
_entity_src_nat.pdbx_ncbi_taxonomy_id      146537 
_entity_src_nat.genus                      ? 
_entity_src_nat.species                    ? 
_entity_src_nat.strain                     MST-AS4632 
_entity_src_nat.tissue                     ? 
_entity_src_nat.tissue_fraction            ? 
_entity_src_nat.pdbx_secretion             ? 
_entity_src_nat.pdbx_fragment              ? 
_entity_src_nat.pdbx_variant               ? 
_entity_src_nat.pdbx_cell_line             ? 
_entity_src_nat.pdbx_atcc                  ? 
_entity_src_nat.pdbx_cellular_location     ? 
_entity_src_nat.pdbx_organ                 ? 
_entity_src_nat.pdbx_organelle             ? 
_entity_src_nat.pdbx_cell                  ? 
_entity_src_nat.pdbx_plasmid_name          ? 
_entity_src_nat.pdbx_plasmid_details       ? 
_entity_src_nat.details                    ? 
# 
loop_
_chem_comp.id 
_chem_comp.type 
_chem_comp.mon_nstd_flag 
_chem_comp.name 
_chem_comp.pdbx_synonyms 
_chem_comp.formula 
_chem_comp.formula_weight 
ALA 'L-peptide linking' y ALANINE                                                   ?                    'C3 H7 N O2'   89.093  
BB9 'peptide linking'   n '(2Z)-2-amino-3-sulfanylprop-2-enoic acid'                ?                    'C3 H5 N O2 S' 119.142 
DBU 'peptide linking'   n '(2Z)-2-AMINOBUT-2-ENOIC ACID'                            Z-DEHYDROBUTYRINE    'C4 H7 N O2'   101.104 
DCY 'D-peptide linking' . D-CYSTEINE                                                ?                    'C3 H7 N O2 S' 121.158 
DHA 'peptide linking'   n '2-AMINO-ACRYLIC ACID'                                    2,3-DIDEHYDROALANINE 'C3 H5 N O2'   87.077  
DMF non-polymer         . DIMETHYLFORMAMIDE                                         ?                    'C3 H7 N O'    73.094  
ETZ non-polymer         . 'diethyl ether'                                           ?                    'C4 H10 O'     74.122  
HOH non-polymer         . WATER                                                     ?                    'H2 O'         18.015  
ILE 'L-peptide linking' y ISOLEUCINE                                                ?                    'C6 H13 N O2'  131.173 
MH6 'peptide linking'   n '3-hydroxy-2-iminopropanoic acid'                         ?                    'C3 H5 N O3'   103.077 
NH2 non-polymer         . 'AMINO GROUP'                                             ?                    'H2 N'         16.023  
QUA non-polymer         . '8-HYDROXY-4-(1-HYDROXYETHYL)QUINOLINE-2-CARBOXYLIC ACID' ?                    'C12 H13 N O4' 235.236 
SER 'L-peptide linking' y SERINE                                                    ?                    'C3 H7 N O3'   105.093 
THR 'L-peptide linking' y THREONINE                                                 ?                    'C4 H9 N O3'   119.119 
TS9 'L-peptide linking' n '(2S,3S,4R)-2-amino-3,4-dihydroxy-3-methylpentanoic acid' ?                    'C6 H13 N O4'  163.172 
# 
loop_
_pdbx_poly_seq_scheme.asym_id 
_pdbx_poly_seq_scheme.entity_id 
_pdbx_poly_seq_scheme.seq_id 
_pdbx_poly_seq_scheme.mon_id 
_pdbx_poly_seq_scheme.ndb_seq_num 
_pdbx_poly_seq_scheme.pdb_seq_num 
_pdbx_poly_seq_scheme.auth_seq_num 
_pdbx_poly_seq_scheme.pdb_mon_id 
_pdbx_poly_seq_scheme.auth_mon_id 
_pdbx_poly_seq_scheme.pdb_strand_id 
_pdbx_poly_seq_scheme.pdb_ins_code 
_pdbx_poly_seq_scheme.hetero 
A 1 1  QUA 1  1  1  QUA QUA A . n 
A 1 2  ILE 2  2  2  ILE ILE A . n 
A 1 3  ALA 3  3  3  ALA ALA A . n 
A 1 4  DHA 4  4  4  DHA DHA A . n 
A 1 5  ALA 5  5  5  ALA ALA A . n 
A 1 6  SER 6  6  6  SER SER A . n 
A 1 7  BB9 7  7  7  BB9 BB9 A . n 
A 1 8  THR 8  8  8  THR THR A . n 
A 1 9  DBU 9  9  9  DBU DBU A . n 
A 1 10 DCY 10 10 10 DCY DCY A . n 
A 1 11 TS9 11 11 11 TS9 TS9 A . n 
A 1 12 BB9 12 12 12 BB9 BB9 A . n 
A 1 13 THR 13 13 13 THR THR A . n 
A 1 14 BB9 14 14 14 BB9 BB9 A . n 
A 1 15 MH6 15 15 15 MH6 MH6 A . n 
A 1 16 BB9 16 16 16 BB9 BB9 A . n 
A 1 17 DHA 17 17 17 DHA DHA A . n 
A 1 18 DHA 18 18 18 DHA DHA A . n 
A 1 19 NH2 19 19 19 NH2 NH2 A . n 
B 1 1  QUA 1  1  1  QUA QUA B . n 
B 1 2  ILE 2  2  2  ILE ILE B . n 
B 1 3  ALA 3  3  3  ALA ALA B . n 
B 1 4  DHA 4  4  4  DHA DHA B . n 
B 1 5  ALA 5  5  5  ALA ALA B . n 
B 1 6  SER 6  6  6  SER SER B . n 
B 1 7  BB9 7  7  7  BB9 BB9 B . n 
B 1 8  THR 8  8  8  THR THR B . n 
B 1 9  DBU 9  9  9  DBU DBU B . n 
B 1 10 DCY 10 10 10 DCY DCY B . n 
B 1 11 TS9 11 11 11 TS9 TS9 B . n 
B 1 12 BB9 12 12 12 BB9 BB9 B . n 
B 1 13 THR 13 13 13 THR THR B . n 
B 1 14 BB9 14 14 14 BB9 BB9 B . n 
B 1 15 MH6 15 15 15 MH6 MH6 B . n 
B 1 16 BB9 16 16 16 BB9 BB9 B . n 
B 1 17 DHA 17 17 17 DHA DHA B . n 
B 1 18 DHA 18 18 18 DHA DHA B . n 
B 1 19 NH2 19 19 19 NH2 NH2 B . n 
# 
loop_
_pdbx_nonpoly_scheme.asym_id 
_pdbx_nonpoly_scheme.entity_id 
_pdbx_nonpoly_scheme.mon_id 
_pdbx_nonpoly_scheme.ndb_seq_num 
_pdbx_nonpoly_scheme.pdb_seq_num 
_pdbx_nonpoly_scheme.auth_seq_num 
_pdbx_nonpoly_scheme.pdb_mon_id 
_pdbx_nonpoly_scheme.auth_mon_id 
_pdbx_nonpoly_scheme.pdb_strand_id 
_pdbx_nonpoly_scheme.pdb_ins_code 
C 2 DMF 1 101 42 DMF DMF A . 
D 2 DMF 1 102 49 DMF DMF A . 
E 3 ETZ 1 103 51 ETZ ETO A . 
F 3 ETZ 1 104 52 ETZ ETO A . 
G 3 ETZ 1 105 53 ETZ ETO A . 
H 3 ETZ 1 106 54 ETZ ETO A . 
I 3 ETZ 1 107 55 ETZ ETO A . 
J 2 DMF 1 108 45 DMF DMF A . 
K 2 DMF 1 101 40 DMF DMF B . 
L 2 DMF 1 102 41 DMF DMF B . 
M 2 DMF 1 103 43 DMF DMF B . 
N 2 DMF 1 104 44 DMF DMF B . 
O 2 DMF 1 105 47 DMF DMF B . 
P 3 ETZ 1 106 50 ETZ ETO B . 
Q 4 HOH 1 201 60 HOH HOH A . 
Q 4 HOH 2 202 60 HOH HOH A . 
# 
loop_
_pdbx_unobs_or_zero_occ_atoms.id 
_pdbx_unobs_or_zero_occ_atoms.PDB_model_num 
_pdbx_unobs_or_zero_occ_atoms.polymer_flag 
_pdbx_unobs_or_zero_occ_atoms.occupancy_flag 
_pdbx_unobs_or_zero_occ_atoms.auth_asym_id 
_pdbx_unobs_or_zero_occ_atoms.auth_comp_id 
_pdbx_unobs_or_zero_occ_atoms.auth_seq_id 
_pdbx_unobs_or_zero_occ_atoms.PDB_ins_code 
_pdbx_unobs_or_zero_occ_atoms.auth_atom_id 
_pdbx_unobs_or_zero_occ_atoms.label_alt_id 
_pdbx_unobs_or_zero_occ_atoms.label_asym_id 
_pdbx_unobs_or_zero_occ_atoms.label_comp_id 
_pdbx_unobs_or_zero_occ_atoms.label_seq_id 
_pdbx_unobs_or_zero_occ_atoms.label_atom_id 
1 1 Y 1 A SER 6 ? OG ? A SER 6 OG 
2 1 Y 1 B SER 6 ? OG ? B SER 6 OG 
# 
loop_
_software.name 
_software.classification 
_software.version 
_software.citation_id 
_software.pdbx_ordinal 
_software.date 
_software.type 
_software.location 
_software.language 
SHELXL refinement       . ? 1 ? ? ? ? 
XDS    'data reduction' . ? 2 ? ? ? ? 
XDS    'data scaling'   . ? 3 ? ? ? ? 
# 
_cell.entry_id           4HP2 
_cell.length_a           21.394 
_cell.length_b           22.870 
_cell.length_c           22.780 
_cell.angle_alpha        90.00 
_cell.angle_beta         106.45 
_cell.angle_gamma        90.00 
_cell.Z_PDB              4 
_cell.pdbx_unique_axis   ? 
# 
_symmetry.entry_id                         4HP2 
_symmetry.space_group_name_H-M             'P 1 21 1' 
_symmetry.pdbx_full_space_group_name_H-M   ? 
_symmetry.cell_setting                     ? 
_symmetry.Int_Tables_number                4 
# 
_exptl.entry_id          4HP2 
_exptl.method            'X-RAY DIFFRACTION' 
_exptl.crystals_number   1 
# 
_exptl_crystal.id                    1 
_exptl_crystal.density_meas          ? 
_exptl_crystal.density_Matthews      1.48 
_exptl_crystal.density_percent_sol   16.88 
_exptl_crystal.description           ? 
_exptl_crystal.F_000                 ? 
_exptl_crystal.preparation           ? 
# 
_exptl_crystal_grow.crystal_id      1 
_exptl_crystal_grow.method          'VAPOR DIFFUSION' 
_exptl_crystal_grow.temp            ? 
_exptl_crystal_grow.temp_details    ? 
_exptl_crystal_grow.pH              7.00 
_exptl_crystal_grow.pdbx_details    'DIMETHYLFORMAMID, DIETHYLETHER, pH 7.00, VAPOR DIFFUSION' 
_exptl_crystal_grow.pdbx_pH_range   . 
# 
_diffrn.id                     1 
_diffrn.ambient_temp           100.0 
_diffrn.ambient_temp_details   ? 
_diffrn.crystal_id             1 
# 
_diffrn_detector.diffrn_id              1 
_diffrn_detector.detector               PIXEL 
_diffrn_detector.type                   'DECTRIS PILATUS3 X 6M' 
_diffrn_detector.pdbx_collection_date   ? 
_diffrn_detector.details                ? 
# 
_diffrn_radiation.diffrn_id                        1 
_diffrn_radiation.wavelength_id                    1 
_diffrn_radiation.pdbx_monochromatic_or_laue_m_l   M 
_diffrn_radiation.monochromator                    ? 
_diffrn_radiation.pdbx_diffrn_protocol             'SINGLE WAVELENGTH' 
_diffrn_radiation.pdbx_scattering_type             x-ray 
# 
_diffrn_radiation_wavelength.id           1 
_diffrn_radiation_wavelength.wavelength   0.65 
_diffrn_radiation_wavelength.wt           1.0 
# 
_diffrn_source.diffrn_id                   1 
_diffrn_source.source                      SYNCHROTRON 
_diffrn_source.type                        'SLS BEAMLINE X10SA' 
_diffrn_source.pdbx_synchrotron_site       SLS 
_diffrn_source.pdbx_synchrotron_beamline   X10SA 
_diffrn_source.pdbx_wavelength             0.65 
_diffrn_source.pdbx_wavelength_list        ? 
# 
_reflns.entry_id                     4HP2 
_reflns.observed_criterion_sigma_I   ? 
_reflns.observed_criterion_sigma_F   ? 
_reflns.d_resolution_low             50.000 
_reflns.d_resolution_high            0.64 
_reflns.number_obs                   72903 
_reflns.number_all                   ? 
_reflns.percent_possible_obs         91.0 
_reflns.pdbx_Rmerge_I_obs            0.0505 
_reflns.pdbx_Rsym_value              ? 
_reflns.pdbx_netI_over_sigmaI        16.88 
_reflns.B_iso_Wilson_estimate        ? 
_reflns.pdbx_redundancy              3.61 
_reflns.R_free_details               ? 
_reflns.limit_h_max                  ? 
_reflns.limit_h_min                  ? 
_reflns.limit_k_max                  ? 
_reflns.limit_k_min                  ? 
_reflns.limit_l_max                  ? 
_reflns.limit_l_min                  ? 
_reflns.observed_criterion_F_max     ? 
_reflns.observed_criterion_F_min     ? 
_reflns.pdbx_chi_squared             ? 
_reflns.pdbx_scaling_rejects         ? 
_reflns.pdbx_ordinal                 1 
_reflns.pdbx_diffrn_id               1 
# 
_reflns_shell.d_res_high                  0.64 
_reflns_shell.d_res_low                   0.65 
_reflns_shell.percent_possible_all        46.4 
_reflns_shell.Rmerge_I_obs                0.1457 
_reflns_shell.pdbx_Rsym_value             ? 
_reflns_shell.meanI_over_sigI_obs         3.46 
_reflns_shell.pdbx_redundancy             0.67 
_reflns_shell.percent_possible_obs        ? 
_reflns_shell.number_unique_all           ? 
_reflns_shell.number_measured_all         ? 
_reflns_shell.number_measured_obs         ? 
_reflns_shell.number_unique_obs           ? 
_reflns_shell.pdbx_chi_squared            ? 
_reflns_shell.pdbx_rejects                ? 
_reflns_shell.pdbx_netI_over_sigmaI_obs   ? 
_reflns_shell.number_possible             ? 
_reflns_shell.Rmerge_F_all                ? 
_reflns_shell.Rmerge_F_obs                ? 
_reflns_shell.Rmerge_I_all                ? 
_reflns_shell.meanI_over_sigI_all         ? 
_reflns_shell.pdbx_Rrim_I_all             ? 
_reflns_shell.pdbx_Rpim_I_all             ? 
_reflns_shell.pdbx_ordinal                1 
_reflns_shell.pdbx_diffrn_id              1 
# 
_refine.entry_id                                 4HP2 
_refine.ls_number_reflns_obs                     62211 
_refine.ls_number_reflns_all                     72903 
_refine.pdbx_ls_sigma_I                          ? 
_refine.pdbx_ls_sigma_F                          0.0 
_refine.pdbx_data_cutoff_high_absF               ? 
_refine.pdbx_data_cutoff_low_absF                ? 
_refine.pdbx_data_cutoff_high_rms_absF           ? 
_refine.ls_d_res_low                             50.00 
_refine.ls_d_res_high                            0.64 
_refine.ls_percent_reflns_obs                    91.0 
_refine.ls_R_factor_obs                          0.0678 
_refine.ls_R_factor_all                          0.0756 
_refine.ls_R_factor_R_work                       0.0678 
_refine.ls_R_factor_R_free                       ? 
_refine.ls_R_factor_R_free_error                 ? 
_refine.ls_R_factor_R_free_error_details         ? 
_refine.ls_percent_reflns_R_free                 ? 
_refine.ls_number_reflns_R_free                  ? 
_refine.ls_number_parameters                     ? 
_refine.ls_number_restraints                     ? 
_refine.occupancy_min                            ? 
_refine.occupancy_max                            ? 
_refine.correlation_coeff_Fo_to_Fc               ? 
_refine.correlation_coeff_Fo_to_Fc_free          ? 
_refine.B_iso_mean                               ? 
_refine.aniso_B[1][1]                            ? 
_refine.aniso_B[2][2]                            ? 
_refine.aniso_B[3][3]                            ? 
_refine.aniso_B[1][2]                            ? 
_refine.aniso_B[1][3]                            ? 
_refine.aniso_B[2][3]                            ? 
_refine.solvent_model_details                    ? 
_refine.solvent_model_param_ksol                 ? 
_refine.solvent_model_param_bsol                 ? 
_refine.pdbx_solvent_vdw_probe_radii             ? 
_refine.pdbx_solvent_ion_probe_radii             ? 
_refine.pdbx_solvent_shrinkage_radii             ? 
_refine.pdbx_ls_cross_valid_method               'LEAST SQUARES' 
_refine.details                                  ? 
_refine.pdbx_starting_model                      ? 
_refine.pdbx_method_to_determine_struct          SHELXS/DIRECT-METHODS 
_refine.pdbx_isotropic_thermal_model             ? 
_refine.pdbx_stereochemistry_target_values       ? 
_refine.pdbx_stereochem_target_val_spec_case     ? 
_refine.pdbx_R_Free_selection_details            ? 
_refine.pdbx_overall_ESU_R                       ? 
_refine.pdbx_overall_ESU_R_Free                  ? 
_refine.overall_SU_ML                            ? 
_refine.pdbx_overall_phase_error                 ? 
_refine.overall_SU_B                             ? 
_refine.overall_SU_R_Cruickshank_DPI             ? 
_refine.ls_redundancy_reflns_obs                 ? 
_refine.B_iso_min                                ? 
_refine.B_iso_max                                ? 
_refine.overall_SU_R_free                        ? 
_refine.ls_wR_factor_R_free                      ? 
_refine.ls_wR_factor_R_work                      ? 
_refine.overall_FOM_free_R_set                   ? 
_refine.overall_FOM_work_R_set                   ? 
_refine.pdbx_diffrn_id                           1 
_refine.pdbx_refine_id                           'X-RAY DIFFRACTION' 
_refine.pdbx_TLS_residual_ADP_flag               ? 
_refine.pdbx_overall_SU_R_free_Cruickshank_DPI   ? 
_refine.pdbx_overall_SU_R_Blow_DPI               ? 
_refine.pdbx_overall_SU_R_free_Blow_DPI          ? 
# 
_refine_hist.pdbx_refine_id                   'X-RAY DIFFRACTION' 
_refine_hist.cycle_id                         LAST 
_refine_hist.pdbx_number_atoms_protein        228 
_refine_hist.pdbx_number_atoms_nucleic_acid   0 
_refine_hist.pdbx_number_atoms_ligand         70 
_refine_hist.number_atoms_solvent             2 
_refine_hist.number_atoms_total               300 
_refine_hist.d_res_high                       0.64 
_refine_hist.d_res_low                        50.00 
# 
_pdbx_refine.pdbx_refine_id                              'X-RAY DIFFRACTION' 
_pdbx_refine.entry_id                                    4HP2 
_pdbx_refine.R_factor_all_no_cutoff                      0.0756 
_pdbx_refine.R_factor_obs_no_cutoff                      0.0678 
_pdbx_refine.free_R_factor_no_cutoff                     ? 
_pdbx_refine.free_R_error_no_cutoff                      ? 
_pdbx_refine.free_R_val_test_set_size_perc_no_cutoff     ? 
_pdbx_refine.free_R_val_test_set_ct_no_cutoff            ? 
_pdbx_refine.R_factor_all_4sig_cutoff                    0.0756 
_pdbx_refine.R_factor_obs_4sig_cutoff                    0.0678 
_pdbx_refine.free_R_factor_4sig_cutoff                   ? 
_pdbx_refine.free_R_val_test_set_size_perc_4sig_cutoff   ? 
_pdbx_refine.free_R_val_test_set_ct_4sig_cutoff          ? 
_pdbx_refine.number_reflns_obs_4sig_cutoff               62211 
# 
_struct.entry_id                  4HP2 
_struct.title                     
'Invariom refinement of a new dimeric monoclinic 2 solvate of thiostrepton at 0.64 angstrom resolution' 
_struct.pdbx_model_details        ? 
_struct.pdbx_CASP_flag            ? 
_struct.pdbx_model_type_details   ? 
# 
_struct_keywords.entry_id        4HP2 
_struct_keywords.pdbx_keywords   ANTIBIOTIC 
_struct_keywords.text            
'ANTIBIOTIC, THIOPEPTIDE, ANTIBACTERIAL, THIAZOLE, THIAZOLINE, OXAZOLE, RIBOSOME, TRANSLATION INHIBITION' 
# 
loop_
_struct_asym.id 
_struct_asym.pdbx_blank_PDB_chainid_flag 
_struct_asym.pdbx_modified 
_struct_asym.entity_id 
_struct_asym.details 
A N N 1 ? 
B N N 1 ? 
C N N 2 ? 
D N N 2 ? 
E N N 3 ? 
F N N 3 ? 
G N N 3 ? 
H N N 3 ? 
I N N 3 ? 
J N N 2 ? 
K N N 2 ? 
L N N 2 ? 
M N N 2 ? 
N N N 2 ? 
O N N 2 ? 
P N N 3 ? 
Q N N 4 ? 
# 
_struct_ref.id                         1 
_struct_ref.entity_id                  1 
_struct_ref.db_name                    UNP 
_struct_ref.db_code                    THCL_STRAJ 
_struct_ref.pdbx_db_accession          P0C8P8 
_struct_ref.pdbx_seq_one_letter_code   IASASCTTCICTCSCSS 
_struct_ref.pdbx_align_begin           56 
_struct_ref.pdbx_db_isoform            ? 
# 
loop_
_struct_ref_seq.align_id 
_struct_ref_seq.ref_id 
_struct_ref_seq.pdbx_PDB_id_code 
_struct_ref_seq.pdbx_strand_id 
_struct_ref_seq.seq_align_beg 
_struct_ref_seq.pdbx_seq_align_beg_ins_code 
_struct_ref_seq.seq_align_end 
_struct_ref_seq.pdbx_seq_align_end_ins_code 
_struct_ref_seq.pdbx_db_accession 
_struct_ref_seq.db_align_beg 
_struct_ref_seq.pdbx_db_align_beg_ins_code 
_struct_ref_seq.db_align_end 
_struct_ref_seq.pdbx_db_align_end_ins_code 
_struct_ref_seq.pdbx_auth_seq_align_beg 
_struct_ref_seq.pdbx_auth_seq_align_end 
1 1 4HP2 A 2 ? 18 ? P0C8P8 56 ? 72 ? 2 18 
2 1 4HP2 B 2 ? 18 ? P0C8P8 56 ? 72 ? 2 18 
# 
loop_
_struct_ref_seq_dif.align_id 
_struct_ref_seq_dif.pdbx_pdb_id_code 
_struct_ref_seq_dif.mon_id 
_struct_ref_seq_dif.pdbx_pdb_strand_id 
_struct_ref_seq_dif.seq_num 
_struct_ref_seq_dif.pdbx_pdb_ins_code 
_struct_ref_seq_dif.pdbx_seq_db_name 
_struct_ref_seq_dif.pdbx_seq_db_accession_code 
_struct_ref_seq_dif.db_mon_id 
_struct_ref_seq_dif.pdbx_seq_db_seq_num 
_struct_ref_seq_dif.details 
_struct_ref_seq_dif.pdbx_auth_seq_num 
_struct_ref_seq_dif.pdbx_ordinal 
1 4HP2 QUA A 1  ? UNP P0C8P8 ? ? 'SEE REMARK 999' 1  1 
1 4HP2 NH2 A 19 ? UNP P0C8P8 ? ? amidation        19 2 
2 4HP2 QUA B 1  ? UNP P0C8P8 ? ? 'SEE REMARK 999' 1  3 
2 4HP2 NH2 B 19 ? UNP P0C8P8 ? ? amidation        19 4 
# 
_pdbx_struct_assembly.id                   1 
_pdbx_struct_assembly.details              author_defined_assembly 
_pdbx_struct_assembly.method_details       ? 
_pdbx_struct_assembly.oligomeric_details   dimeric 
_pdbx_struct_assembly.oligomeric_count     2 
# 
_pdbx_struct_assembly_gen.assembly_id       1 
_pdbx_struct_assembly_gen.oper_expression   1 
_pdbx_struct_assembly_gen.asym_id_list      A,B,C,D,E,F,G,H,I,J,K,L,M,N,O,P,Q 
# 
_pdbx_struct_oper_list.id                   1 
_pdbx_struct_oper_list.type                 'identity operation' 
_pdbx_struct_oper_list.name                 1_555 
_pdbx_struct_oper_list.symmetry_operation   x,y,z 
_pdbx_struct_oper_list.matrix[1][1]         1.0000000000 
_pdbx_struct_oper_list.matrix[1][2]         0.0000000000 
_pdbx_struct_oper_list.matrix[1][3]         0.0000000000 
_pdbx_struct_oper_list.vector[1]            0.0000000000 
_pdbx_struct_oper_list.matrix[2][1]         0.0000000000 
_pdbx_struct_oper_list.matrix[2][2]         1.0000000000 
_pdbx_struct_oper_list.matrix[2][3]         0.0000000000 
_pdbx_struct_oper_list.vector[2]            0.0000000000 
_pdbx_struct_oper_list.matrix[3][1]         0.0000000000 
_pdbx_struct_oper_list.matrix[3][2]         0.0000000000 
_pdbx_struct_oper_list.matrix[3][3]         1.0000000000 
_pdbx_struct_oper_list.vector[3]            0.0000000000 
# 
loop_
_struct_conn.id 
_struct_conn.conn_type_id 
_struct_conn.pdbx_leaving_atom_flag 
_struct_conn.pdbx_PDB_id 
_struct_conn.ptnr1_label_asym_id 
_struct_conn.ptnr1_label_comp_id 
_struct_conn.ptnr1_label_seq_id 
_struct_conn.ptnr1_label_atom_id 
_struct_conn.pdbx_ptnr1_label_alt_id 
_struct_conn.pdbx_ptnr1_PDB_ins_code 
_struct_conn.pdbx_ptnr1_standard_comp_id 
_struct_conn.ptnr1_symmetry 
_struct_conn.ptnr2_label_asym_id 
_struct_conn.ptnr2_label_comp_id 
_struct_conn.ptnr2_label_seq_id 
_struct_conn.ptnr2_label_atom_id 
_struct_conn.pdbx_ptnr2_label_alt_id 
_struct_conn.pdbx_ptnr2_PDB_ins_code 
_struct_conn.ptnr1_auth_asym_id 
_struct_conn.ptnr1_auth_comp_id 
_struct_conn.ptnr1_auth_seq_id 
_struct_conn.ptnr2_auth_asym_id 
_struct_conn.ptnr2_auth_comp_id 
_struct_conn.ptnr2_auth_seq_id 
_struct_conn.ptnr2_symmetry 
_struct_conn.pdbx_ptnr3_label_atom_id 
_struct_conn.pdbx_ptnr3_label_seq_id 
_struct_conn.pdbx_ptnr3_label_comp_id 
_struct_conn.pdbx_ptnr3_label_asym_id 
_struct_conn.pdbx_ptnr3_label_alt_id 
_struct_conn.pdbx_ptnr3_PDB_ins_code 
_struct_conn.details 
_struct_conn.pdbx_dist_value 
_struct_conn.pdbx_value_order 
_struct_conn.pdbx_role 
covale1  covale both ? A QUA 1  C7  ? ? ? 1_555 A ILE 2  N   ? ? A QUA 1  A ILE 2  1_555 ? ? ? ? ? ? ? 1.465 ? ? 
covale2  covale one  ? A QUA 1  C11 ? ? ? 1_555 A THR 13 OG1 C ? A QUA 1  A THR 13 1_555 ? ? ? ? ? ? ? 1.359 ? ? 
covale3  covale one  ? A QUA 1  C11 ? ? ? 1_555 A THR 13 OG1 D ? A QUA 1  A THR 13 1_555 ? ? ? ? ? ? ? 1.305 ? ? 
covale4  covale both ? A ALA 3  C   ? ? ? 1_555 A DHA 4  N   ? ? A ALA 3  A DHA 4  1_555 ? ? ? ? ? ? ? 1.343 ? ? 
covale5  covale both ? A DHA 4  C   ? ? ? 1_555 A ALA 5  N   ? ? A DHA 4  A ALA 5  1_555 ? ? ? ? ? ? ? 1.351 ? ? 
covale6  covale both ? A SER 6  C   ? ? ? 1_555 A BB9 7  N   ? ? A SER 6  A BB9 7  1_555 ? ? ? ? ? ? ? 1.303 ? ? 
covale7  covale both ? A BB9 7  C   ? ? ? 1_555 A THR 8  N   ? ? A BB9 7  A THR 8  1_555 ? ? ? ? ? ? ? 1.345 ? ? 
covale8  covale both ? A THR 8  C   ? ? ? 1_555 A DBU 9  N   ? ? A THR 8  A DBU 9  1_555 ? ? ? ? ? ? ? 1.356 ? ? 
covale9  covale both ? A DBU 9  C   ? ? ? 1_555 A DCY 10 N   ? ? A DBU 9  A DCY 10 1_555 ? ? ? ? ? ? ? 1.278 ? ? 
covale10 covale both ? A DCY 10 C   ? ? ? 1_555 A TS9 11 N   ? ? A DCY 10 A TS9 11 1_555 ? ? ? ? ? ? ? 1.346 ? ? 
covale11 covale both ? A TS9 11 C   ? ? ? 1_555 A BB9 12 N   ? ? A TS9 11 A BB9 12 1_555 ? ? ? ? ? ? ? 1.303 ? ? 
covale12 covale both ? A BB9 12 C   ? ? ? 1_555 A THR 13 N   C ? A BB9 12 A THR 13 1_555 ? ? ? ? ? ? ? 1.337 ? ? 
covale13 covale both ? A BB9 12 C   ? ? ? 1_555 A THR 13 N   D ? A BB9 12 A THR 13 1_555 ? ? ? ? ? ? ? 1.424 ? ? 
covale14 covale both ? A THR 13 C   C ? ? 1_555 A BB9 14 N   C ? A THR 13 A BB9 14 1_555 ? ? ? ? ? ? ? 1.298 ? ? 
covale15 covale both ? A THR 13 C   D ? ? 1_555 A BB9 14 N   D ? A THR 13 A BB9 14 1_555 ? ? ? ? ? ? ? 1.317 ? ? 
covale16 covale both ? A BB9 14 C   C ? ? 1_555 A MH6 15 N   C ? A BB9 14 A MH6 15 1_555 ? ? ? ? ? ? ? 1.483 ? ? 
covale17 covale both ? A BB9 14 C   D ? ? 1_555 A MH6 15 N   D ? A BB9 14 A MH6 15 1_555 ? ? ? ? ? ? ? 1.462 ? ? 
covale18 covale both ? A MH6 15 C   C ? ? 1_555 A BB9 16 N   C ? A MH6 15 A BB9 16 1_555 ? ? ? ? ? ? ? 1.312 ? ? 
covale19 covale both ? A MH6 15 C   D ? ? 1_555 A BB9 16 N   D ? A MH6 15 A BB9 16 1_555 ? ? ? ? ? ? ? 1.318 ? ? 
covale20 covale both ? A BB9 16 C   C ? ? 1_555 A DHA 17 N   C ? A BB9 16 A DHA 17 1_555 ? ? ? ? ? ? ? 1.333 ? ? 
covale21 covale both ? A BB9 16 C   D ? ? 1_555 A DHA 17 N   D ? A BB9 16 A DHA 17 1_555 ? ? ? ? ? ? ? 1.515 ? ? 
covale22 covale both ? A DHA 17 C   C ? ? 1_555 A DHA 18 N   C ? A DHA 17 A DHA 18 1_555 ? ? ? ? ? ? ? 1.328 ? ? 
covale23 covale both ? A DHA 17 C   D ? ? 1_555 A DHA 18 N   D ? A DHA 17 A DHA 18 1_555 ? ? ? ? ? ? ? 1.343 ? ? 
covale24 covale both ? A DHA 18 C   C ? ? 1_555 A NH2 19 N   C ? A DHA 18 A NH2 19 1_555 ? ? ? ? ? ? ? 1.273 ? ? 
covale25 covale both ? A DHA 18 C   D ? ? 1_555 A NH2 19 N   D ? A DHA 18 A NH2 19 1_555 ? ? ? ? ? ? ? 1.379 ? ? 
covale26 covale both ? B QUA 1  C7  ? ? ? 1_555 B ILE 2  N   ? ? B QUA 1  B ILE 2  1_555 ? ? ? ? ? ? ? 1.464 ? ? 
covale27 covale one  ? B QUA 1  C11 ? ? ? 1_555 B THR 13 OG1 ? ? B QUA 1  B THR 13 1_555 ? ? ? ? ? ? ? 1.336 ? ? 
covale28 covale both ? B ALA 3  C   ? ? ? 1_555 B DHA 4  N   ? ? B ALA 3  B DHA 4  1_555 ? ? ? ? ? ? ? 1.360 ? ? 
covale29 covale both ? B DHA 4  C   ? ? ? 1_555 B ALA 5  N   ? ? B DHA 4  B ALA 5  1_555 ? ? ? ? ? ? ? 1.351 ? ? 
covale30 covale both ? B SER 6  C   A ? ? 1_555 B BB9 7  N   A ? B SER 6  B BB9 7  1_555 ? ? ? ? ? ? ? 1.303 ? ? 
covale31 covale both ? B SER 6  C   B ? ? 1_555 B BB9 7  N   B ? B SER 6  B BB9 7  1_555 ? ? ? ? ? ? ? 1.312 ? ? 
covale32 covale both ? B BB9 7  C   A ? ? 1_555 B THR 8  N   ? ? B BB9 7  B THR 8  1_555 ? ? ? ? ? ? ? 1.328 ? ? 
covale33 covale both ? B BB9 7  C   B ? ? 1_555 B THR 8  N   ? ? B BB9 7  B THR 8  1_555 ? ? ? ? ? ? ? 1.395 ? ? 
covale34 covale both ? B THR 8  C   ? ? ? 1_555 B DBU 9  N   ? ? B THR 8  B DBU 9  1_555 ? ? ? ? ? ? ? 1.355 ? ? 
covale35 covale both ? B DBU 9  C   ? ? ? 1_555 B DCY 10 N   ? ? B DBU 9  B DCY 10 1_555 ? ? ? ? ? ? ? 1.276 ? ? 
covale36 covale both ? B DCY 10 C   ? ? ? 1_555 B TS9 11 N   ? ? B DCY 10 B TS9 11 1_555 ? ? ? ? ? ? ? 1.347 ? ? 
covale37 covale both ? B TS9 11 C   ? ? ? 1_555 B BB9 12 N   ? ? B TS9 11 B BB9 12 1_555 ? ? ? ? ? ? ? 1.299 ? ? 
covale38 covale both ? B BB9 12 C   ? ? ? 1_555 B THR 13 N   ? ? B BB9 12 B THR 13 1_555 ? ? ? ? ? ? ? 1.360 ? ? 
covale39 covale both ? B THR 13 C   A ? ? 1_555 B BB9 14 N   A ? B THR 13 B BB9 14 1_555 ? ? ? ? ? ? ? 1.281 ? ? 
covale40 covale both ? B THR 13 C   B ? ? 1_555 B BB9 14 N   B ? B THR 13 B BB9 14 1_555 ? ? ? ? ? ? ? 1.407 ? ? 
covale41 covale both ? B BB9 14 C   A ? ? 1_555 B MH6 15 N   A ? B BB9 14 B MH6 15 1_555 ? ? ? ? ? ? ? 1.475 ? ? 
covale42 covale both ? B BB9 14 C   B ? ? 1_555 B MH6 15 N   B ? B BB9 14 B MH6 15 1_555 ? ? ? ? ? ? ? 1.503 ? ? 
covale43 covale both ? B MH6 15 C   A ? ? 1_555 B BB9 16 N   A ? B MH6 15 B BB9 16 1_555 ? ? ? ? ? ? ? 1.292 ? ? 
covale44 covale both ? B MH6 15 C   B ? ? 1_555 B BB9 16 N   B ? B MH6 15 B BB9 16 1_555 ? ? ? ? ? ? ? 1.284 ? ? 
covale45 covale both ? B BB9 16 C   A ? ? 1_555 B DHA 17 N   A ? B BB9 16 B DHA 17 1_555 ? ? ? ? ? ? ? 1.356 ? ? 
covale46 covale both ? B BB9 16 C   B ? ? 1_555 B DHA 17 N   B ? B BB9 16 B DHA 17 1_555 ? ? ? ? ? ? ? 1.316 ? ? 
covale47 covale both ? B DHA 17 C   A ? ? 1_555 B DHA 18 N   A ? B DHA 17 B DHA 18 1_555 ? ? ? ? ? ? ? 1.352 ? ? 
covale48 covale both ? B DHA 17 C   B ? ? 1_555 B DHA 18 N   B ? B DHA 17 B DHA 18 1_555 ? ? ? ? ? ? ? 1.359 ? ? 
covale49 covale both ? B DHA 18 C   A ? ? 1_555 B NH2 19 N   A ? B DHA 18 B NH2 19 1_555 ? ? ? ? ? ? ? 1.312 ? ? 
covale50 covale both ? B DHA 18 C   B ? ? 1_555 B NH2 19 N   B ? B DHA 18 B NH2 19 1_555 ? ? ? ? ? ? ? 1.283 ? ? 
# 
_struct_conn_type.id          covale 
_struct_conn_type.criteria    ? 
_struct_conn_type.reference   ? 
# 
loop_
_pdbx_modification_feature.ordinal 
_pdbx_modification_feature.label_comp_id 
_pdbx_modification_feature.label_asym_id 
_pdbx_modification_feature.label_seq_id 
_pdbx_modification_feature.label_alt_id 
_pdbx_modification_feature.modified_residue_label_comp_id 
_pdbx_modification_feature.modified_residue_label_asym_id 
_pdbx_modification_feature.modified_residue_label_seq_id 
_pdbx_modification_feature.modified_residue_label_alt_id 
_pdbx_modification_feature.auth_comp_id 
_pdbx_modification_feature.auth_asym_id 
_pdbx_modification_feature.auth_seq_id 
_pdbx_modification_feature.PDB_ins_code 
_pdbx_modification_feature.symmetry 
_pdbx_modification_feature.modified_residue_auth_comp_id 
_pdbx_modification_feature.modified_residue_auth_asym_id 
_pdbx_modification_feature.modified_residue_auth_seq_id 
_pdbx_modification_feature.modified_residue_PDB_ins_code 
_pdbx_modification_feature.modified_residue_symmetry 
_pdbx_modification_feature.comp_id_linking_atom 
_pdbx_modification_feature.modified_residue_id_linking_atom 
_pdbx_modification_feature.modified_residue_id 
_pdbx_modification_feature.ref_pcm_id 
_pdbx_modification_feature.ref_comp_id 
_pdbx_modification_feature.type 
_pdbx_modification_feature.category 
1  DHA A 4  ? .   . .  . DHA A 4  ? 1_555 .   . .  . .     .   .   SER 1  DHA 'Dehydroamino acid' 'Named protein modification' 
2  DBU A 9  ? .   . .  . DBU A 9  ? 1_555 .   . .  . .     .   .   THR 1  DBU 'Dehydroamino acid' 'Named protein modification' 
3  TS9 A 11 ? .   . .  . TS9 A 11 ? 1_555 .   . .  . .     .   .   ILE 1  TS9 Hydroxylation       'Named protein modification' 
4  MH6 A 15 C .   . .  . MH6 A 15 ? 1_555 .   . .  . .     .   .   SER 1  MH6 Dehydrogenation     'Named protein modification' 
5  MH6 A 15 D .   . .  . MH6 A 15 ? 1_555 .   . .  . .     .   .   SER 1  MH6 Dehydrogenation     'Named protein modification' 
6  DHA A 17 C .   . .  . DHA A 17 ? 1_555 .   . .  . .     .   .   SER 1  DHA 'Dehydroamino acid' 'Named protein modification' 
7  DHA A 17 D .   . .  . DHA A 17 ? 1_555 .   . .  . .     .   .   SER 1  DHA 'Dehydroamino acid' 'Named protein modification' 
8  DHA A 18 C .   . .  . DHA A 18 ? 1_555 .   . .  . .     .   .   SER 1  DHA 'Dehydroamino acid' 'Named protein modification' 
9  DHA A 18 D .   . .  . DHA A 18 ? 1_555 .   . .  . .     .   .   SER 1  DHA 'Dehydroamino acid' 'Named protein modification' 
10 DHA B 4  ? .   . .  . DHA B 4  ? 1_555 .   . .  . .     .   .   SER 1  DHA 'Dehydroamino acid' 'Named protein modification' 
11 DBU B 9  ? .   . .  . DBU B 9  ? 1_555 .   . .  . .     .   .   THR 1  DBU 'Dehydroamino acid' 'Named protein modification' 
12 TS9 B 11 ? .   . .  . TS9 B 11 ? 1_555 .   . .  . .     .   .   ILE 1  TS9 Hydroxylation       'Named protein modification' 
13 MH6 B 15 A .   . .  . MH6 B 15 ? 1_555 .   . .  . .     .   .   SER 1  MH6 Dehydrogenation     'Named protein modification' 
14 MH6 B 15 B .   . .  . MH6 B 15 ? 1_555 .   . .  . .     .   .   SER 1  MH6 Dehydrogenation     'Named protein modification' 
15 DHA B 17 A .   . .  . DHA B 17 ? 1_555 .   . .  . .     .   .   SER 1  DHA 'Dehydroamino acid' 'Named protein modification' 
16 DHA B 17 B .   . .  . DHA B 17 ? 1_555 .   . .  . .     .   .   SER 1  DHA 'Dehydroamino acid' 'Named protein modification' 
17 DHA B 18 A .   . .  . DHA B 18 ? 1_555 .   . .  . .     .   .   SER 1  DHA 'Dehydroamino acid' 'Named protein modification' 
18 DHA B 18 B .   . .  . DHA B 18 ? 1_555 .   . .  . .     .   .   SER 1  DHA 'Dehydroamino acid' 'Named protein modification' 
19 QUA A 1  ? .   . .  . QUA A 1  ? 1_555 .   . .  . .     .   .   ?   1  QUA None                'Non-standard residue'       
20 BB9 A 7  ? .   . .  . BB9 A 7  ? 1_555 .   . .  . .     .   .   CYS 1  BB9 None                'Non-standard residue'       
21 BB9 A 12 ? .   . .  . BB9 A 12 ? 1_555 .   . .  . .     .   .   CYS 1  BB9 None                'Non-standard residue'       
22 BB9 A 14 C .   . .  . BB9 A 14 ? 1_555 .   . .  . .     .   .   CYS 1  BB9 None                'Non-standard residue'       
23 BB9 A 14 D .   . .  . BB9 A 14 ? 1_555 .   . .  . .     .   .   CYS 1  BB9 None                'Non-standard residue'       
24 BB9 A 16 C .   . .  . BB9 A 16 ? 1_555 .   . .  . .     .   .   CYS 1  BB9 None                'Non-standard residue'       
25 BB9 A 16 D .   . .  . BB9 A 16 ? 1_555 .   . .  . .     .   .   CYS 1  BB9 None                'Non-standard residue'       
26 QUA B 1  ? .   . .  . QUA B 1  ? 1_555 .   . .  . .     .   .   ?   1  QUA None                'Non-standard residue'       
27 BB9 B 7  A .   . .  . BB9 B 7  ? 1_555 .   . .  . .     .   .   CYS 1  BB9 None                'Non-standard residue'       
28 BB9 B 7  B .   . .  . BB9 B 7  ? 1_555 .   . .  . .     .   .   CYS 1  BB9 None                'Non-standard residue'       
29 BB9 B 12 ? .   . .  . BB9 B 12 ? 1_555 .   . .  . .     .   .   CYS 1  BB9 None                'Non-standard residue'       
30 BB9 B 14 A .   . .  . BB9 B 14 ? 1_555 .   . .  . .     .   .   CYS 1  BB9 None                'Non-standard residue'       
31 BB9 B 14 B .   . .  . BB9 B 14 ? 1_555 .   . .  . .     .   .   CYS 1  BB9 None                'Non-standard residue'       
32 BB9 B 16 A .   . .  . BB9 B 16 ? 1_555 .   . .  . .     .   .   CYS 1  BB9 None                'Non-standard residue'       
33 BB9 B 16 B .   . .  . BB9 B 16 ? 1_555 .   . .  . .     .   .   CYS 1  BB9 None                'Non-standard residue'       
34 NH2 A 19 C DHA A 18 C NH2 A 19 ? 1_555 DHA A 18 ? 1_555 .   .   DHA 42 NH2 None                'Terminal amidation'         
35 NH2 A 19 D DHA A 18 D NH2 A 19 ? 1_555 DHA A 18 ? 1_555 .   .   DHA 42 NH2 None                'Terminal amidation'         
36 NH2 B 19 A DHA B 18 A NH2 B 19 ? 1_555 DHA B 18 ? 1_555 .   .   DHA 42 NH2 None                'Terminal amidation'         
37 NH2 B 19 B DHA B 18 B NH2 B 19 ? 1_555 DHA B 18 ? 1_555 .   .   DHA 42 NH2 None                'Terminal amidation'         
38 QUA A 1  ? THR A 13 C QUA A 1  ? 1_555 THR A 13 ? 1_555 C11 OG1 .   .  .   None                'Non-standard linkage'       
39 QUA A 1  ? THR A 13 D QUA A 1  ? 1_555 THR A 13 ? 1_555 C11 OG1 .   .  .   None                'Non-standard linkage'       
40 QUA B 1  ? THR B 13 ? QUA B 1  ? 1_555 THR B 13 ? 1_555 C11 OG1 .   .  .   None                'Non-standard linkage'       
# 
loop_
_struct_site.id 
_struct_site.pdbx_evidence_code 
_struct_site.pdbx_auth_asym_id 
_struct_site.pdbx_auth_comp_id 
_struct_site.pdbx_auth_seq_id 
_struct_site.pdbx_auth_ins_code 
_struct_site.pdbx_num_residues 
_struct_site.details 
AC1 Software A QUA 1   ? 13 'BINDING SITE FOR RESIDUE QUA A 1'         
AC2 Software A NH2 19  ? 5  'BINDING SITE FOR RESIDUE NH2 A 19'        
AC3 Software B QUA 1   ? 13 'BINDING SITE FOR RESIDUE QUA B 1'         
AC4 Software B NH2 19  ? 7  'BINDING SITE FOR RESIDUE NH2 B 19'        
AC5 Software A DMF 101 ? 4  'BINDING SITE FOR RESIDUE DMF A 101'       
AC6 Software A DMF 102 ? 13 'BINDING SITE FOR RESIDUE DMF A 102'       
AC7 Software A ETZ 103 ? 8  'BINDING SITE FOR RESIDUE ETZ A 103'       
AC8 Software A ETZ 104 ? 7  'BINDING SITE FOR RESIDUE ETZ A 104'       
AC9 Software A ETZ 105 ? 2  'BINDING SITE FOR RESIDUE ETZ A 105'       
BC1 Software A ETZ 106 ? 4  'BINDING SITE FOR RESIDUE ETZ A 106'       
BC2 Software A ETZ 107 ? 8  'BINDING SITE FOR RESIDUE ETZ A 107'       
BC3 Software A DMF 108 ? 4  'BINDING SITE FOR RESIDUE DMF A 108'       
BC4 Software B DMF 101 ? 5  'BINDING SITE FOR RESIDUE DMF B 101'       
BC5 Software B DMF 102 ? 6  'BINDING SITE FOR RESIDUE DMF B 102'       
BC6 Software B DMF 103 ? 5  'BINDING SITE FOR RESIDUE DMF B 103'       
BC7 Software B DMF 104 ? 6  'BINDING SITE FOR RESIDUE DMF B 104'       
BC8 Software B DMF 105 ? 7  'BINDING SITE FOR RESIDUE DMF B 105'       
BC9 Software B ETZ 106 ? 9  'BINDING SITE FOR RESIDUE ETZ B 106'       
CC1 Software ? ?   ?   ? 28 'BINDING SITE FOR CHAIN A OF THIOSTREPTON' 
CC2 Software ? ?   ?   ? 29 'BINDING SITE FOR CHAIN B OF THIOSTREPTON' 
# 
loop_
_struct_site_gen.id 
_struct_site_gen.site_id 
_struct_site_gen.pdbx_num_res 
_struct_site_gen.label_comp_id 
_struct_site_gen.label_asym_id 
_struct_site_gen.label_seq_id 
_struct_site_gen.pdbx_auth_ins_code 
_struct_site_gen.auth_comp_id 
_struct_site_gen.auth_asym_id 
_struct_site_gen.auth_seq_id 
_struct_site_gen.label_atom_id 
_struct_site_gen.label_alt_id 
_struct_site_gen.symmetry 
_struct_site_gen.details 
1   AC1 13 ILE A 2  ? ILE A 2   . ? 1_555 ? 
2   AC1 13 ALA A 3  ? ALA A 3   . ? 1_555 ? 
3   AC1 13 DHA A 4  ? DHA A 4   . ? 1_555 ? 
4   AC1 13 ALA A 5  ? ALA A 5   . ? 1_555 ? 
5   AC1 13 SER A 6  ? SER A 6   . ? 1_555 ? 
6   AC1 13 BB9 A 7  ? BB9 A 7   . ? 1_555 ? 
7   AC1 13 THR A 8  ? THR A 8   . ? 1_555 ? 
8   AC1 13 TS9 A 11 ? TS9 A 11  . ? 1_555 ? 
9   AC1 13 THR A 13 ? THR A 13  . ? 1_555 ? 
10  AC1 13 BB9 A 14 ? BB9 A 14  . ? 1_555 ? 
11  AC1 13 HOH Q .  ? HOH A 201 . ? 1_555 ? 
12  AC1 13 QUA B 1  ? QUA B 1   . ? 1_554 ? 
13  AC1 13 BB9 B 7  ? BB9 B 7   . ? 1_554 ? 
14  AC2 5  DHA A 18 ? DHA A 18  . ? 1_555 ? 
15  AC2 5  ETZ E .  ? ETZ A 103 . ? 1_555 ? 
16  AC2 5  ETZ F .  ? ETZ A 104 . ? 1_555 ? 
17  AC2 5  ETZ I .  ? ETZ A 107 . ? 1_555 ? 
18  AC2 5  ETZ P .  ? ETZ B 106 . ? 1_555 ? 
19  AC3 13 QUA A 1  ? QUA A 1   . ? 1_556 ? 
20  AC3 13 BB9 A 7  ? BB9 A 7   . ? 1_556 ? 
21  AC3 13 HOH Q .  ? HOH A 202 . ? 1_656 ? 
22  AC3 13 ILE B 2  ? ILE B 2   . ? 1_555 ? 
23  AC3 13 ALA B 3  ? ALA B 3   . ? 1_555 ? 
24  AC3 13 DHA B 4  ? DHA B 4   . ? 1_555 ? 
25  AC3 13 ALA B 5  ? ALA B 5   . ? 1_555 ? 
26  AC3 13 SER B 6  ? SER B 6   . ? 1_555 ? 
27  AC3 13 BB9 B 7  ? BB9 B 7   . ? 1_555 ? 
28  AC3 13 THR B 8  ? THR B 8   . ? 1_555 ? 
29  AC3 13 TS9 B 11 ? TS9 B 11  . ? 1_555 ? 
30  AC3 13 THR B 13 ? THR B 13  . ? 1_555 ? 
31  AC3 13 BB9 B 14 ? BB9 B 14  . ? 1_555 ? 
32  AC4 7  DMF D .  ? DMF A 102 . ? 1_545 ? 
33  AC4 7  ETZ E .  ? ETZ A 103 . ? 1_555 ? 
34  AC4 7  DCY B 10 ? DCY B 10  . ? 1_545 ? 
35  AC4 7  BB9 B 12 ? BB9 B 12  . ? 1_545 ? 
36  AC4 7  DHA B 18 ? DHA B 18  . ? 1_555 ? 
37  AC4 7  DMF N .  ? DMF B 104 . ? 1_555 ? 
38  AC4 7  ETZ P .  ? ETZ B 106 . ? 1_555 ? 
39  AC5 4  ALA A 3  ? ALA A 3   . ? 1_555 ? 
40  AC5 4  DHA A 4  ? DHA A 4   . ? 1_555 ? 
41  AC5 4  ALA B 3  ? ALA B 3   . ? 1_454 ? 
42  AC5 4  DHA B 4  ? DHA B 4   . ? 1_454 ? 
43  AC6 13 ALA A 5  ? ALA A 5   . ? 1_555 ? 
44  AC6 13 SER A 6  ? SER A 6   . ? 1_555 ? 
45  AC6 13 BB9 A 12 ? BB9 A 12  . ? 1_555 ? 
46  AC6 13 THR A 13 ? THR A 13  . ? 1_555 ? 
47  AC6 13 BB9 A 14 ? BB9 A 14  . ? 1_555 ? 
48  AC6 13 BB9 A 16 ? BB9 A 16  . ? 1_555 ? 
49  AC6 13 DHA A 18 ? DHA A 18  . ? 1_565 ? 
50  AC6 13 ETZ H .  ? ETZ A 106 . ? 1_555 ? 
51  AC6 13 DCY B 10 ? DCY B 10  . ? 1_555 ? 
52  AC6 13 DHA B 18 ? DHA B 18  . ? 1_565 ? 
53  AC6 13 NH2 B 19 ? NH2 B 19  . ? 1_565 ? 
54  AC6 13 DMF O .  ? DMF B 105 . ? 1_555 ? 
55  AC6 13 ETZ P .  ? ETZ B 106 . ? 1_565 ? 
56  AC7 8  NH2 A 19 ? NH2 A 19  . ? 1_555 ? 
57  AC7 8  ETZ I .  ? ETZ A 107 . ? 1_555 ? 
58  AC7 8  DCY B 10 ? DCY B 10  . ? 1_545 ? 
59  AC7 8  BB9 B 12 ? BB9 B 12  . ? 1_545 ? 
60  AC7 8  BB9 B 14 ? BB9 B 14  . ? 1_545 ? 
61  AC7 8  DHA B 18 ? DHA B 18  . ? 1_555 ? 
62  AC7 8  NH2 B 19 ? NH2 B 19  . ? 1_555 ? 
63  AC7 8  ETZ P .  ? ETZ B 106 . ? 1_555 ? 
64  AC8 7  THR A 8  ? THR A 8   . ? 1_545 ? 
65  AC8 7  BB9 A 12 ? BB9 A 12  . ? 1_545 ? 
66  AC8 7  BB9 A 14 ? BB9 A 14  . ? 1_545 ? 
67  AC8 7  DHA A 18 ? DHA A 18  . ? 1_555 ? 
68  AC8 7  NH2 A 19 ? NH2 A 19  . ? 1_555 ? 
69  AC8 7  ETZ I .  ? ETZ A 107 . ? 1_555 ? 
70  AC8 7  ETZ P .  ? ETZ B 106 . ? 1_555 ? 
71  AC9 2  ALA A 5  ? ALA A 5   . ? 1_555 ? 
72  AC9 2  BB9 A 16 ? BB9 A 16  . ? 1_555 ? 
73  BC1 4  BB9 A 12 ? BB9 A 12  . ? 1_555 ? 
74  BC1 4  DMF D .  ? DMF A 102 . ? 1_555 ? 
75  BC1 4  DMF M .  ? DMF B 103 . ? 1_555 ? 
76  BC1 4  DMF O .  ? DMF B 105 . ? 1_555 ? 
77  BC2 8  DBU A 9  ? DBU A 9   . ? 1_545 ? 
78  BC2 8  DCY A 10 ? DCY A 10  . ? 1_545 ? 
79  BC2 8  DHA A 18 ? DHA A 18  . ? 1_555 ? 
80  BC2 8  NH2 A 19 ? NH2 A 19  . ? 1_555 ? 
81  BC2 8  ETZ E .  ? ETZ A 103 . ? 1_555 ? 
82  BC2 8  ETZ F .  ? ETZ A 104 . ? 1_555 ? 
83  BC2 8  DMF J .  ? DMF A 108 . ? 1_555 ? 
84  BC2 8  DHA B 18 ? DHA B 18  . ? 1_555 ? 
85  BC3 4  DHA A 18 ? DHA A 18  . ? 1_555 ? 
86  BC3 4  ETZ I .  ? ETZ A 107 . ? 1_555 ? 
87  BC3 4  DHA B 18 ? DHA B 18  . ? 1_555 ? 
88  BC3 4  DMF K .  ? DMF B 101 . ? 1_555 ? 
89  BC4 5  DMF J .  ? DMF A 108 . ? 1_555 ? 
90  BC4 5  DHA B 17 ? DHA B 17  . ? 1_555 ? 
91  BC4 5  DHA B 18 ? DHA B 18  . ? 1_555 ? 
92  BC4 5  DMF L .  ? DMF B 102 . ? 1_555 ? 
93  BC4 5  DMF N .  ? DMF B 104 . ? 1_555 ? 
94  BC5 6  DHA A 17 ? DHA A 17  . ? 1_555 ? 
95  BC5 6  ALA B 5  ? ALA B 5   . ? 1_555 ? 
96  BC5 6  DHA B 17 ? DHA B 17  . ? 1_555 ? 
97  BC5 6  DHA B 18 ? DHA B 18  . ? 1_555 ? 
98  BC5 6  DMF K .  ? DMF B 101 . ? 1_555 ? 
99  BC5 6  DMF N .  ? DMF B 104 . ? 1_555 ? 
100 BC6 5  BB9 A 16 ? BB9 A 16  . ? 1_555 ? 
101 BC6 5  ETZ H .  ? ETZ A 106 . ? 1_555 ? 
102 BC6 5  SER B 6  ? SER B 6   . ? 1_555 ? 
103 BC6 5  BB9 B 14 ? BB9 B 14  . ? 1_555 ? 
104 BC6 5  DMF O .  ? DMF B 105 . ? 1_555 ? 
105 BC7 6  DCY B 10 ? DCY B 10  . ? 1_545 ? 
106 BC7 6  DHA B 17 ? DHA B 17  . ? 1_555 ? 
107 BC7 6  DHA B 18 ? DHA B 18  . ? 1_555 ? 
108 BC7 6  NH2 B 19 ? NH2 B 19  . ? 1_555 ? 
109 BC7 6  DMF K .  ? DMF B 101 . ? 1_555 ? 
110 BC7 6  DMF L .  ? DMF B 102 . ? 1_555 ? 
111 BC8 7  BB9 A 12 ? BB9 A 12  . ? 1_555 ? 
112 BC8 7  BB9 A 16 ? BB9 A 16  . ? 1_555 ? 
113 BC8 7  DMF D .  ? DMF A 102 . ? 1_555 ? 
114 BC8 7  ETZ H .  ? ETZ A 106 . ? 1_555 ? 
115 BC8 7  BB9 B 14 ? BB9 B 14  . ? 1_555 ? 
116 BC8 7  MH6 B 15 ? MH6 B 15  . ? 1_555 ? 
117 BC8 7  DMF M .  ? DMF B 103 . ? 1_555 ? 
118 BC9 9  NH2 A 19 ? NH2 A 19  . ? 1_555 ? 
119 BC9 9  DMF D .  ? DMF A 102 . ? 1_545 ? 
120 BC9 9  ETZ E .  ? ETZ A 103 . ? 1_555 ? 
121 BC9 9  ETZ F .  ? ETZ A 104 . ? 1_555 ? 
122 BC9 9  THR B 8  ? THR B 8   . ? 1_545 ? 
123 BC9 9  DBU B 9  ? DBU B 9   . ? 1_545 ? 
124 BC9 9  DCY B 10 ? DCY B 10  . ? 1_545 ? 
125 BC9 9  BB9 B 12 ? BB9 B 12  . ? 1_545 ? 
126 BC9 9  NH2 B 19 ? NH2 B 19  . ? 1_555 ? 
127 CC1 28 QUA A 1  ? QUA A 1   . ? 1_555 ? 
128 CC1 28 NH2 A 19 ? NH2 A 19  . ? 1_555 ? 
129 CC1 28 DMF C .  ? DMF A 101 . ? 1_555 ? 
130 CC1 28 DMF D .  ? DMF A 102 . ? 1_555 ? 
131 CC1 28 DMF D .  ? DMF A 102 . ? 1_545 ? 
132 CC1 28 ETZ F .  ? ETZ A 104 . ? 1_565 ? 
133 CC1 28 ETZ F .  ? ETZ A 104 . ? 1_555 ? 
134 CC1 28 ETZ G .  ? ETZ A 105 . ? 1_555 ? 
135 CC1 28 ETZ H .  ? ETZ A 106 . ? 1_555 ? 
136 CC1 28 ETZ I .  ? ETZ A 107 . ? 1_565 ? 
137 CC1 28 ETZ I .  ? ETZ A 107 . ? 1_555 ? 
138 CC1 28 DMF J .  ? DMF A 108 . ? 1_555 ? 
139 CC1 28 HOH Q .  ? HOH A 201 . ? 1_555 ? 
140 CC1 28 HOH Q .  ? HOH A 202 . ? 1_555 ? 
141 CC1 28 QUA B 1  ? QUA B 1   . ? 1_554 ? 
142 CC1 28 ILE B 2  ? ILE B 2   . ? 1_454 ? 
143 CC1 28 ALA B 3  ? ALA B 3   . ? 1_454 ? 
144 CC1 28 TS9 B 11 ? TS9 B 11  . ? 1_454 ? 
145 CC1 28 BB9 B 12 ? BB9 B 12  . ? 1_454 ? 
146 CC1 28 THR B 13 ? THR B 13  . ? 1_454 ? 
147 CC1 28 MH6 B 15 ? MH6 B 15  . ? 1_555 ? 
148 CC1 28 BB9 B 16 ? BB9 B 16  . ? 1_555 ? 
149 CC1 28 DHA B 17 ? DHA B 17  . ? 1_555 ? 
150 CC1 28 DHA B 18 ? DHA B 18  . ? 1_555 ? 
151 CC1 28 NH2 B 19 ? NH2 B 19  . ? 1_555 ? 
152 CC1 28 DMF L .  ? DMF B 102 . ? 1_555 ? 
153 CC1 28 DMF M .  ? DMF B 103 . ? 1_555 ? 
154 CC1 28 DMF O .  ? DMF B 105 . ? 1_555 ? 
155 CC2 29 QUA A 1  ? QUA A 1   . ? 1_556 ? 
156 CC2 29 ILE A 2  ? ILE A 2   . ? 1_656 ? 
157 CC2 29 TS9 A 11 ? TS9 A 11  . ? 1_656 ? 
158 CC2 29 BB9 A 12 ? BB9 A 12  . ? 1_656 ? 
159 CC2 29 THR A 13 ? THR A 13  . ? 1_656 ? 
160 CC2 29 MH6 A 15 ? MH6 A 15  . ? 1_555 ? 
161 CC2 29 BB9 A 16 ? BB9 A 16  . ? 1_555 ? 
162 CC2 29 DHA A 17 ? DHA A 17  . ? 1_555 ? 
163 CC2 29 DHA A 18 ? DHA A 18  . ? 1_555 ? 
164 CC2 29 NH2 A 19 ? NH2 A 19  . ? 1_555 ? 
165 CC2 29 DMF C .  ? DMF A 101 . ? 1_656 ? 
166 CC2 29 DMF D .  ? DMF A 102 . ? 1_545 ? 
167 CC2 29 DMF D .  ? DMF A 102 . ? 1_555 ? 
168 CC2 29 ETZ E .  ? ETZ A 103 . ? 1_555 ? 
169 CC2 29 ETZ E .  ? ETZ A 103 . ? 1_565 ? 
170 CC2 29 ETZ I .  ? ETZ A 107 . ? 1_555 ? 
171 CC2 29 DMF J .  ? DMF A 108 . ? 1_555 ? 
172 CC2 29 HOH Q .  ? HOH A 201 . ? 1_656 ? 
173 CC2 29 HOH Q .  ? HOH A 202 . ? 1_656 ? 
174 CC2 29 QUA B 1  ? QUA B 1   . ? 1_555 ? 
175 CC2 29 NH2 B 19 ? NH2 B 19  . ? 1_555 ? 
176 CC2 29 NH2 B 19 ? NH2 B 19  . ? 1_565 ? 
177 CC2 29 DMF K .  ? DMF B 101 . ? 1_555 ? 
178 CC2 29 DMF L .  ? DMF B 102 . ? 1_555 ? 
179 CC2 29 DMF M .  ? DMF B 103 . ? 1_555 ? 
180 CC2 29 DMF N .  ? DMF B 104 . ? 1_555 ? 
181 CC2 29 DMF N .  ? DMF B 104 . ? 1_565 ? 
182 CC2 29 DMF O .  ? DMF B 105 . ? 1_555 ? 
183 CC2 29 ETZ P .  ? ETZ B 106 . ? 1_565 ? 
# 
_pdbx_entry_details.entry_id                   4HP2 
_pdbx_entry_details.compound_details           
;THIOSTREPTON IS A MEMBER OF A SULPHUR-RICH HETEROCYCLIC PEPTIDES     
 CLASS. ALL SHARE A MACROCYLIC CORE, CONSISTING OF A                  
 NITROGEN CONTAINING, SIX-MEMBERED RING CENTRAL TO DEHYDROAMINO       
 ACIDS AND A SUBSET OF FIVE MEMBER RING STRUCTURES INCLUDING          
 THIAZOLES, THIAZOLINES AND OXAZOLES.                                 
 HERE, THIOSTREPTON IS REPRESENTED BY THE SEQUENCE (SEQRES)
;
_pdbx_entry_details.source_details             ? 
_pdbx_entry_details.nonpolymer_details         ? 
_pdbx_entry_details.sequence_details           
;A MODIFIED QUINOLINE QUA LINKED TO THE MAIN-CHAIN OF ILE 2 AND THE SIDE-CHAIN OF THR 13.
BB9 14 INCLUDES HYDROGEN ATOM H6, THE DEHYDROPIPERIDINE CORE HYDROGEN POSITION AT THE SIX MEMBER RING SYSTEM AMONG SER 6, BB9 14 AND MH6 15.
;
_pdbx_entry_details.has_ligand_of_interest     ? 
_pdbx_entry_details.has_protein_modification   Y 
# 
loop_
_pdbx_validate_close_contact.id 
_pdbx_validate_close_contact.PDB_model_num 
_pdbx_validate_close_contact.auth_atom_id_1 
_pdbx_validate_close_contact.auth_asym_id_1 
_pdbx_validate_close_contact.auth_comp_id_1 
_pdbx_validate_close_contact.auth_seq_id_1 
_pdbx_validate_close_contact.PDB_ins_code_1 
_pdbx_validate_close_contact.label_alt_id_1 
_pdbx_validate_close_contact.auth_atom_id_2 
_pdbx_validate_close_contact.auth_asym_id_2 
_pdbx_validate_close_contact.auth_comp_id_2 
_pdbx_validate_close_contact.auth_seq_id_2 
_pdbx_validate_close_contact.PDB_ins_code_2 
_pdbx_validate_close_contact.label_alt_id_2 
_pdbx_validate_close_contact.dist 
1 1 C B TS9 11 ? ? SG B BB9 12 ? ? 1.72 
2 1 C A TS9 11 ? ? SG A BB9 12 ? ? 1.72 
3 1 C A SER 6  ? ? SG A BB9 7  ? ? 1.74 
4 1 C A DBU 9  ? ? SG A DCY 10 ? ? 1.77 
5 1 C B DBU 9  ? ? SG B DCY 10 ? ? 1.78 
# 
loop_
_pdbx_validate_rmsd_bond.id 
_pdbx_validate_rmsd_bond.PDB_model_num 
_pdbx_validate_rmsd_bond.auth_atom_id_1 
_pdbx_validate_rmsd_bond.auth_asym_id_1 
_pdbx_validate_rmsd_bond.auth_comp_id_1 
_pdbx_validate_rmsd_bond.auth_seq_id_1 
_pdbx_validate_rmsd_bond.PDB_ins_code_1 
_pdbx_validate_rmsd_bond.label_alt_id_1 
_pdbx_validate_rmsd_bond.auth_atom_id_2 
_pdbx_validate_rmsd_bond.auth_asym_id_2 
_pdbx_validate_rmsd_bond.auth_comp_id_2 
_pdbx_validate_rmsd_bond.auth_seq_id_2 
_pdbx_validate_rmsd_bond.PDB_ins_code_2 
_pdbx_validate_rmsd_bond.label_alt_id_2 
_pdbx_validate_rmsd_bond.bond_value 
_pdbx_validate_rmsd_bond.bond_target_value 
_pdbx_validate_rmsd_bond.bond_deviation 
_pdbx_validate_rmsd_bond.bond_standard_deviation 
_pdbx_validate_rmsd_bond.linker_flag 
1 1 C A ALA 5  ? ? N  A SER 6  ? D 1.482 1.336 0.146  0.023 Y 
2 1 N A THR 13 ? D CA A THR 13 ? D 1.140 1.459 -0.319 0.020 N 
3 1 C A BB9 14 ? C N  A MH6 15 ? C 1.483 1.336 0.147  0.023 Y 
4 1 C A BB9 16 ? D N  A DHA 17 ? D 1.515 1.336 0.179  0.023 Y 
5 1 C B BB9 14 ? A N  B MH6 15 ? A 1.475 1.336 0.139  0.023 Y 
6 1 C B BB9 14 ? B N  B MH6 15 ? B 1.503 1.336 0.167  0.023 Y 
# 
loop_
_pdbx_validate_rmsd_angle.id 
_pdbx_validate_rmsd_angle.PDB_model_num 
_pdbx_validate_rmsd_angle.auth_atom_id_1 
_pdbx_validate_rmsd_angle.auth_asym_id_1 
_pdbx_validate_rmsd_angle.auth_comp_id_1 
_pdbx_validate_rmsd_angle.auth_seq_id_1 
_pdbx_validate_rmsd_angle.PDB_ins_code_1 
_pdbx_validate_rmsd_angle.label_alt_id_1 
_pdbx_validate_rmsd_angle.auth_atom_id_2 
_pdbx_validate_rmsd_angle.auth_asym_id_2 
_pdbx_validate_rmsd_angle.auth_comp_id_2 
_pdbx_validate_rmsd_angle.auth_seq_id_2 
_pdbx_validate_rmsd_angle.PDB_ins_code_2 
_pdbx_validate_rmsd_angle.label_alt_id_2 
_pdbx_validate_rmsd_angle.auth_atom_id_3 
_pdbx_validate_rmsd_angle.auth_asym_id_3 
_pdbx_validate_rmsd_angle.auth_comp_id_3 
_pdbx_validate_rmsd_angle.auth_seq_id_3 
_pdbx_validate_rmsd_angle.PDB_ins_code_3 
_pdbx_validate_rmsd_angle.label_alt_id_3 
_pdbx_validate_rmsd_angle.angle_value 
_pdbx_validate_rmsd_angle.angle_target_value 
_pdbx_validate_rmsd_angle.angle_deviation 
_pdbx_validate_rmsd_angle.angle_standard_deviation 
_pdbx_validate_rmsd_angle.linker_flag 
1 1 CA A THR 13 ? D CB A THR 13 ? D CG2 A THR 13 ? D 130.16 112.40 17.76  1.40 N 
2 1 O  A BB9 16 ? D C  A BB9 16 ? D N   A DHA 17 ? D 109.63 122.70 -13.07 1.60 Y 
3 1 O  A DHA 18 ? D C  A DHA 18 ? D N   A NH2 19 ? D 134.44 122.70 11.74  1.60 Y 
4 1 C  B THR 13 ? B N  B BB9 14 ? B CA  B BB9 14 ? B 104.78 121.70 -16.92 2.50 Y 
5 1 C  B MH6 15 ? B N  B BB9 16 ? B CA  B BB9 16 ? B 103.15 121.70 -18.55 2.50 Y 
6 1 CA B BB9 16 ? B C  B BB9 16 ? B N   B DHA 17 ? B 98.34  117.20 -18.86 2.20 Y 
7 1 O  B BB9 16 ? B C  B BB9 16 ? B N   B DHA 17 ? B 133.37 122.70 10.67  1.60 Y 
# 
loop_
_pdbx_validate_torsion.id 
_pdbx_validate_torsion.PDB_model_num 
_pdbx_validate_torsion.auth_comp_id 
_pdbx_validate_torsion.auth_asym_id 
_pdbx_validate_torsion.auth_seq_id 
_pdbx_validate_torsion.PDB_ins_code 
_pdbx_validate_torsion.label_alt_id 
_pdbx_validate_torsion.phi 
_pdbx_validate_torsion.psi 
1 1 SER A 6  ? C 70.39   76.83  
2 1 SER A 6  ? D 63.26   90.67  
3 1 DCY A 10 ? ? -147.18 -30.85 
4 1 TS9 A 11 ? ? -90.27  -69.90 
5 1 SER B 6  ? A 66.33   77.88  
6 1 SER B 6  ? B 56.52   77.17  
7 1 DCY B 10 ? ? -146.89 -34.36 
8 1 TS9 B 11 ? ? -82.61  -72.69 
# 
loop_
_pdbx_validate_peptide_omega.id 
_pdbx_validate_peptide_omega.PDB_model_num 
_pdbx_validate_peptide_omega.auth_comp_id_1 
_pdbx_validate_peptide_omega.auth_asym_id_1 
_pdbx_validate_peptide_omega.auth_seq_id_1 
_pdbx_validate_peptide_omega.PDB_ins_code_1 
_pdbx_validate_peptide_omega.label_alt_id_1 
_pdbx_validate_peptide_omega.auth_comp_id_2 
_pdbx_validate_peptide_omega.auth_asym_id_2 
_pdbx_validate_peptide_omega.auth_seq_id_2 
_pdbx_validate_peptide_omega.PDB_ins_code_2 
_pdbx_validate_peptide_omega.label_alt_id_2 
_pdbx_validate_peptide_omega.omega 
1 1 BB9 B 14 ? A MH6 B 15 ? A 146.21 
2 1 BB9 B 14 ? B MH6 B 15 ? B 148.97 
# 
_pdbx_molecule_features.prd_id    PRD_000223 
_pdbx_molecule_features.name      THIOSTREPTON 
_pdbx_molecule_features.type      Thiopeptide 
_pdbx_molecule_features.class     Antibiotic 
_pdbx_molecule_features.details   
;Thiostrepton is a hetrocyclic thiopeptide belonging to the
 thiocillin family, consisting of four thiazole, one thiozoline and one
 piperideine rings. A modified quinoline linked to main-chain residue 1
 and side-chain of residue 12. Post translational maturation of
 thiazole and oxazole containing antibiotics involves the enzymic
 condensation of a Cys or Ser with the alpha-carbonyl of the preceding
 amino acid to form a thioether or ether bond, then dehydration to form
 a double bond with the alpha-amino nitrogen. Thiazoline or oxazoline
 ring are dehydrogenated to form thiazole or oxazole rings. the
 pyridinyl involves the cross-linking of a Ser and a Cys-Ser pair
 usually separated by 7 or 8 residues along the peptide chain. The Ser
 residues are dehydrated to didehydroalanines, then bonded between
 their beta carbons. The alpha carbonyl of the Cys condenses with alpha
 carbon of the first Ser to form a pyridinyl ring. The ring may be
 mutiply dehydrogenated to form a pyridine ring with loss of the amino
 nitrogen of the first Ser. The amidation of Ser-17 probably does not
 occur by the same mechanism, oxidative cleavage of glycine, as in
 eukaryotes.
;
# 
loop_
_pdbx_molecule.instance_id 
_pdbx_molecule.prd_id 
_pdbx_molecule.asym_id 
1 PRD_000223 B 
2 PRD_000223 A 
# 
loop_
_pdbx_struct_mod_residue.id 
_pdbx_struct_mod_residue.label_asym_id 
_pdbx_struct_mod_residue.label_comp_id 
_pdbx_struct_mod_residue.label_seq_id 
_pdbx_struct_mod_residue.auth_asym_id 
_pdbx_struct_mod_residue.auth_comp_id 
_pdbx_struct_mod_residue.auth_seq_id 
_pdbx_struct_mod_residue.PDB_ins_code 
_pdbx_struct_mod_residue.parent_comp_id 
_pdbx_struct_mod_residue.details 
1  A DHA 4  A DHA 4  ? SER '2-AMINO-ACRYLIC ACID'            
2  A BB9 7  A BB9 7  ? CYS ?                                 
3  A DBU 9  A DBU 9  ? THR '(2Z)-2-AMINOBUT-2-ENOIC ACID'    
4  A TS9 11 A TS9 11 ? ILE ?                                 
5  A BB9 12 A BB9 12 ? CYS ?                                 
6  A BB9 14 A BB9 14 ? CYS ?                                 
7  A MH6 15 A MH6 15 ? SER '3-HYDROXY-2-IMINOPROPANOIC ACID' 
8  A BB9 16 A BB9 16 ? CYS ?                                 
9  A DHA 17 A DHA 17 ? SER '2-AMINO-ACRYLIC ACID'            
10 A DHA 18 A DHA 18 ? SER '2-AMINO-ACRYLIC ACID'            
11 B DHA 4  B DHA 4  ? SER '2-AMINO-ACRYLIC ACID'            
12 B BB9 7  B BB9 7  ? CYS ?                                 
13 B DBU 9  B DBU 9  ? THR '(2Z)-2-AMINOBUT-2-ENOIC ACID'    
14 B TS9 11 B TS9 11 ? ILE ?                                 
15 B BB9 12 B BB9 12 ? CYS ?                                 
16 B BB9 14 B BB9 14 ? CYS ?                                 
17 B MH6 15 B MH6 15 ? SER '3-HYDROXY-2-IMINOPROPANOIC ACID' 
18 B BB9 16 B BB9 16 ? CYS ?                                 
19 B DHA 17 B DHA 17 ? SER '2-AMINO-ACRYLIC ACID'            
20 B DHA 18 B DHA 18 ? SER '2-AMINO-ACRYLIC ACID'            
# 
loop_
_chem_comp_atom.comp_id 
_chem_comp_atom.atom_id 
_chem_comp_atom.type_symbol 
_chem_comp_atom.pdbx_aromatic_flag 
_chem_comp_atom.pdbx_stereo_config 
_chem_comp_atom.pdbx_ordinal 
ALA N     N N N 1   
ALA CA    C N S 2   
ALA C     C N N 3   
ALA O     O N N 4   
ALA CB    C N N 5   
ALA OXT   O N N 6   
ALA H     H N N 7   
ALA H2    H N N 8   
ALA HA    H N N 9   
ALA HB1   H N N 10  
ALA HB2   H N N 11  
ALA HB3   H N N 12  
ALA HXT   H N N 13  
BB9 N     N N N 14  
BB9 CA    C N N 15  
BB9 C     C N N 16  
BB9 O     O N N 17  
BB9 CB    C N N 18  
BB9 SG    S N N 19  
BB9 OXT   O N N 20  
BB9 H     H N N 21  
BB9 H2    H N N 22  
BB9 HB    H N N 23  
BB9 HXT   H N N 24  
BB9 HG    H N N 25  
DBU N     N N N 26  
DBU CA    C N N 27  
DBU CB    C N N 28  
DBU CG    C N N 29  
DBU C     C N N 30  
DBU O     O N N 31  
DBU OXT   O N N 32  
DBU H     H N N 33  
DBU H2    H N N 34  
DBU HB    H N N 35  
DBU HG1   H N N 36  
DBU HG2   H N N 37  
DBU HG3   H N N 38  
DBU HXT   H N N 39  
DCY N     N N N 40  
DCY CA    C N S 41  
DCY C     C N N 42  
DCY O     O N N 43  
DCY CB    C N N 44  
DCY SG    S N N 45  
DCY OXT   O N N 46  
DCY H     H N N 47  
DCY H2    H N N 48  
DCY HA    H N N 49  
DCY HB2   H N N 50  
DCY HB3   H N N 51  
DCY HG    H N N 52  
DCY HXT   H N N 53  
DHA N     N N N 54  
DHA CA    C N N 55  
DHA CB    C N N 56  
DHA C     C N N 57  
DHA O     O N N 58  
DHA OXT   O N N 59  
DHA H     H N N 60  
DHA H2    H N N 61  
DHA HB1   H N N 62  
DHA HB2   H N N 63  
DHA HXT   H N N 64  
DMF C1    C N N 65  
DMF C2    C N N 66  
DMF C     C N N 67  
DMF O     O N N 68  
DMF N     N N N 69  
DMF H11   H N N 70  
DMF H12   H N N 71  
DMF H13   H N N 72  
DMF H21   H N N 73  
DMF H22   H N N 74  
DMF H23   H N N 75  
DMF HC    H N N 76  
ETZ O1    O N N 77  
ETZ C1    C N N 78  
ETZ C2    C N N 79  
ETZ C3    C N N 80  
ETZ C4    C N N 81  
ETZ H1    H N N 82  
ETZ H2    H N N 83  
ETZ H3    H N N 84  
ETZ H4    H N N 85  
ETZ H5    H N N 86  
ETZ H6    H N N 87  
ETZ H7    H N N 88  
ETZ H8    H N N 89  
ETZ H9    H N N 90  
ETZ H10   H N N 91  
HOH O     O N N 92  
HOH H1    H N N 93  
HOH H2    H N N 94  
ILE N     N N N 95  
ILE CA    C N S 96  
ILE C     C N N 97  
ILE O     O N N 98  
ILE CB    C N S 99  
ILE CG1   C N N 100 
ILE CG2   C N N 101 
ILE CD1   C N N 102 
ILE OXT   O N N 103 
ILE H     H N N 104 
ILE H2    H N N 105 
ILE HA    H N N 106 
ILE HB    H N N 107 
ILE HG12  H N N 108 
ILE HG13  H N N 109 
ILE HG21  H N N 110 
ILE HG22  H N N 111 
ILE HG23  H N N 112 
ILE HD11  H N N 113 
ILE HD12  H N N 114 
ILE HD13  H N N 115 
ILE HXT   H N N 116 
MH6 N     N N N 117 
MH6 CA    C N N 118 
MH6 C     C N N 119 
MH6 CB    C N N 120 
MH6 OG    O N N 121 
MH6 O     O N N 122 
MH6 OXT   O N N 123 
MH6 H     H N N 124 
MH6 HB2   H N N 125 
MH6 HB3   H N N 126 
MH6 HXT   H N N 127 
MH6 HG    H N N 128 
NH2 N     N N N 129 
NH2 HN1   H N N 130 
NH2 HN2   H N N 131 
QUA O12   O N N 132 
QUA C11   C N N 133 
QUA C2    C Y N 134 
QUA N1    N Y N 135 
QUA C3    C Y N 136 
QUA C9    C Y N 137 
QUA C4    C Y N 138 
QUA C8    C N S 139 
QUA C10   C Y N 140 
QUA O16   O N N 141 
QUA C7    C N N 142 
QUA C13   C N S 143 
QUA O15   O N N 144 
QUA C5    C N N 145 
QUA C14   C N N 146 
QUA C6    C N N 147 
QUA "O1'" O N N 148 
QUA HC3   H N N 149 
QUA HC8   H N N 150 
QUA H16   H N N 151 
QUA HC71  H N N 152 
QUA HC72  H N N 153 
QUA H13   H N N 154 
QUA H15   H N N 155 
QUA HC5   H N N 156 
QUA H141  H N N 157 
QUA H142  H N N 158 
QUA H143  H N N 159 
QUA HC6   H N N 160 
QUA "H1'" H N N 161 
SER N     N N N 162 
SER CA    C N S 163 
SER C     C N N 164 
SER O     O N N 165 
SER CB    C N N 166 
SER OG    O N N 167 
SER OXT   O N N 168 
SER H     H N N 169 
SER H2    H N N 170 
SER HA    H N N 171 
SER HB2   H N N 172 
SER HB3   H N N 173 
SER HG    H N N 174 
SER HXT   H N N 175 
THR N     N N N 176 
THR CA    C N S 177 
THR C     C N N 178 
THR O     O N N 179 
THR CB    C N R 180 
THR OG1   O N N 181 
THR CG2   C N N 182 
THR OXT   O N N 183 
THR H     H N N 184 
THR H2    H N N 185 
THR HA    H N N 186 
THR HB    H N N 187 
THR HG1   H N N 188 
THR HG21  H N N 189 
THR HG22  H N N 190 
THR HG23  H N N 191 
THR HXT   H N N 192 
TS9 N     N N N 193 
TS9 CA    C N S 194 
TS9 C     C N N 195 
TS9 CB    C N S 196 
TS9 OG3   O N N 197 
TS9 CG2   C N N 198 
TS9 CG1   C N R 199 
TS9 OD2   O N N 200 
TS9 CD1   C N N 201 
TS9 OXT   O N N 202 
TS9 O     O N N 203 
TS9 H     H N N 204 
TS9 H2    H N N 205 
TS9 HA    H N N 206 
TS9 HXT   H N N 207 
TS9 HG3   H N N 208 
TS9 HG21  H N N 209 
TS9 HG22  H N N 210 
TS9 HG23  H N N 211 
TS9 HG1   H N N 212 
TS9 HD2   H N N 213 
TS9 HD11  H N N 214 
TS9 HD12  H N N 215 
TS9 HD13  H N N 216 
# 
loop_
_chem_comp_bond.comp_id 
_chem_comp_bond.atom_id_1 
_chem_comp_bond.atom_id_2 
_chem_comp_bond.value_order 
_chem_comp_bond.pdbx_aromatic_flag 
_chem_comp_bond.pdbx_stereo_config 
_chem_comp_bond.pdbx_ordinal 
ALA N     CA    sing N N 1   
ALA N     H     sing N N 2   
ALA N     H2    sing N N 3   
ALA CA    C     sing N N 4   
ALA CA    CB    sing N N 5   
ALA CA    HA    sing N N 6   
ALA C     O     doub N N 7   
ALA C     OXT   sing N N 8   
ALA CB    HB1   sing N N 9   
ALA CB    HB2   sing N N 10  
ALA CB    HB3   sing N N 11  
ALA OXT   HXT   sing N N 12  
BB9 N     CA    sing N N 13  
BB9 CA    C     sing N N 14  
BB9 CA    CB    doub N N 15  
BB9 C     O     doub N N 16  
BB9 C     OXT   sing N Z 17  
BB9 CB    SG    sing N N 18  
BB9 N     H     sing N N 19  
BB9 N     H2    sing N N 20  
BB9 CB    HB    sing N N 21  
BB9 OXT   HXT   sing N N 22  
BB9 SG    HG    sing N N 23  
DBU N     CA    sing N N 24  
DBU N     H     sing N N 25  
DBU N     H2    sing N N 26  
DBU CA    CB    doub N Z 27  
DBU CA    C     sing N N 28  
DBU CB    CG    sing N N 29  
DBU CB    HB    sing N N 30  
DBU CG    HG1   sing N N 31  
DBU CG    HG2   sing N N 32  
DBU CG    HG3   sing N N 33  
DBU C     O     doub N N 34  
DBU C     OXT   sing N N 35  
DBU OXT   HXT   sing N N 36  
DCY N     CA    sing N N 37  
DCY N     H     sing N N 38  
DCY N     H2    sing N N 39  
DCY CA    C     sing N N 40  
DCY CA    CB    sing N N 41  
DCY CA    HA    sing N N 42  
DCY C     O     doub N N 43  
DCY C     OXT   sing N N 44  
DCY CB    SG    sing N N 45  
DCY CB    HB2   sing N N 46  
DCY CB    HB3   sing N N 47  
DCY SG    HG    sing N N 48  
DCY OXT   HXT   sing N N 49  
DHA N     CA    sing N N 50  
DHA N     H     sing N N 51  
DHA N     H2    sing N N 52  
DHA CA    CB    doub N N 53  
DHA CA    C     sing N N 54  
DHA CB    HB1   sing N N 55  
DHA CB    HB2   sing N N 56  
DHA C     O     doub N N 57  
DHA C     OXT   sing N N 58  
DHA OXT   HXT   sing N N 59  
DMF C1    N     sing N N 60  
DMF C1    H11   sing N N 61  
DMF C1    H12   sing N N 62  
DMF C1    H13   sing N N 63  
DMF C2    N     sing N N 64  
DMF C2    H21   sing N N 65  
DMF C2    H22   sing N N 66  
DMF C2    H23   sing N N 67  
DMF C     O     doub N N 68  
DMF C     N     sing N N 69  
DMF C     HC    sing N N 70  
ETZ C4    C3    sing N N 71  
ETZ C3    O1    sing N N 72  
ETZ O1    C2    sing N N 73  
ETZ C2    C1    sing N N 74  
ETZ C1    H1    sing N N 75  
ETZ C1    H2    sing N N 76  
ETZ C1    H3    sing N N 77  
ETZ C2    H4    sing N N 78  
ETZ C2    H5    sing N N 79  
ETZ C3    H6    sing N N 80  
ETZ C3    H7    sing N N 81  
ETZ C4    H8    sing N N 82  
ETZ C4    H9    sing N N 83  
ETZ C4    H10   sing N N 84  
HOH O     H1    sing N N 85  
HOH O     H2    sing N N 86  
ILE N     CA    sing N N 87  
ILE N     H     sing N N 88  
ILE N     H2    sing N N 89  
ILE CA    C     sing N N 90  
ILE CA    CB    sing N N 91  
ILE CA    HA    sing N N 92  
ILE C     O     doub N N 93  
ILE C     OXT   sing N N 94  
ILE CB    CG1   sing N N 95  
ILE CB    CG2   sing N N 96  
ILE CB    HB    sing N N 97  
ILE CG1   CD1   sing N N 98  
ILE CG1   HG12  sing N N 99  
ILE CG1   HG13  sing N N 100 
ILE CG2   HG21  sing N N 101 
ILE CG2   HG22  sing N N 102 
ILE CG2   HG23  sing N N 103 
ILE CD1   HD11  sing N N 104 
ILE CD1   HD12  sing N N 105 
ILE CD1   HD13  sing N N 106 
ILE OXT   HXT   sing N N 107 
MH6 N     CA    doub N N 108 
MH6 CA    C     sing N N 109 
MH6 CA    CB    sing N N 110 
MH6 C     O     doub N N 111 
MH6 C     OXT   sing N N 112 
MH6 CB    OG    sing N N 113 
MH6 N     H     sing N N 114 
MH6 CB    HB2   sing N N 115 
MH6 CB    HB3   sing N N 116 
MH6 OXT   HXT   sing N N 117 
MH6 OG    HG    sing N N 118 
NH2 N     HN1   sing N N 119 
NH2 N     HN2   sing N N 120 
QUA O12   C11   doub N N 121 
QUA C11   C2    sing N N 122 
QUA C11   "O1'" sing N N 123 
QUA C2    N1    doub Y N 124 
QUA C2    C3    sing Y N 125 
QUA N1    C9    sing Y N 126 
QUA C3    C4    doub Y N 127 
QUA C3    HC3   sing N N 128 
QUA C9    C8    sing N N 129 
QUA C9    C10   doub Y N 130 
QUA C4    C10   sing Y N 131 
QUA C4    C13   sing N N 132 
QUA C8    O16   sing N N 133 
QUA C8    C7    sing N N 134 
QUA C8    HC8   sing N N 135 
QUA C10   C5    sing N N 136 
QUA O16   H16   sing N N 137 
QUA C7    C6    sing N N 138 
QUA C7    HC71  sing N N 139 
QUA C7    HC72  sing N N 140 
QUA C13   O15   sing N N 141 
QUA C13   C14   sing N N 142 
QUA C13   H13   sing N N 143 
QUA O15   H15   sing N N 144 
QUA C5    C6    doub N N 145 
QUA C5    HC5   sing N N 146 
QUA C14   H141  sing N N 147 
QUA C14   H142  sing N N 148 
QUA C14   H143  sing N N 149 
QUA C6    HC6   sing N N 150 
QUA "O1'" "H1'" sing N N 151 
SER N     CA    sing N N 152 
SER N     H     sing N N 153 
SER N     H2    sing N N 154 
SER CA    C     sing N N 155 
SER CA    CB    sing N N 156 
SER CA    HA    sing N N 157 
SER C     O     doub N N 158 
SER C     OXT   sing N N 159 
SER CB    OG    sing N N 160 
SER CB    HB2   sing N N 161 
SER CB    HB3   sing N N 162 
SER OG    HG    sing N N 163 
SER OXT   HXT   sing N N 164 
THR N     CA    sing N N 165 
THR N     H     sing N N 166 
THR N     H2    sing N N 167 
THR CA    C     sing N N 168 
THR CA    CB    sing N N 169 
THR CA    HA    sing N N 170 
THR C     O     doub N N 171 
THR C     OXT   sing N N 172 
THR CB    OG1   sing N N 173 
THR CB    CG2   sing N N 174 
THR CB    HB    sing N N 175 
THR OG1   HG1   sing N N 176 
THR CG2   HG21  sing N N 177 
THR CG2   HG22  sing N N 178 
THR CG2   HG23  sing N N 179 
THR OXT   HXT   sing N N 180 
TS9 N     CA    sing N N 181 
TS9 CA    C     sing N N 182 
TS9 CA    CB    sing N N 183 
TS9 C     OXT   sing N N 184 
TS9 C     O     doub N N 185 
TS9 CB    OG3   sing N N 186 
TS9 CB    CG2   sing N N 187 
TS9 CB    CG1   sing N N 188 
TS9 CG1   OD2   sing N N 189 
TS9 CG1   CD1   sing N N 190 
TS9 N     H     sing N N 191 
TS9 N     H2    sing N N 192 
TS9 CA    HA    sing N N 193 
TS9 OXT   HXT   sing N N 194 
TS9 OG3   HG3   sing N N 195 
TS9 CG2   HG21  sing N N 196 
TS9 CG2   HG22  sing N N 197 
TS9 CG2   HG23  sing N N 198 
TS9 CG1   HG1   sing N N 199 
TS9 OD2   HD2   sing N N 200 
TS9 CD1   HD11  sing N N 201 
TS9 CD1   HD12  sing N N 202 
TS9 CD1   HD13  sing N N 203 
# 
_atom_sites.entry_id                    4HP2 
_atom_sites.fract_transf_matrix[1][1]   -0.03585910 
_atom_sites.fract_transf_matrix[1][2]   0.01719017 
_atom_sites.fract_transf_matrix[1][3]   -0.02817632 
_atom_sites.fract_transf_matrix[2][1]   -0.02798798 
_atom_sites.fract_transf_matrix[2][2]   -0.02802800 
_atom_sites.fract_transf_matrix[2][3]   0.01851973 
_atom_sites.fract_transf_matrix[3][1]   -0.01924670 
_atom_sites.fract_transf_matrix[3][2]   0.03449692 
_atom_sites.fract_transf_matrix[3][3]   0.02312148 
_atom_sites.fract_transf_vector[1]      0.751527 
_atom_sites.fract_transf_vector[2]      0.548925 
_atom_sites.fract_transf_vector[3]      0.505824 
# 
loop_
_atom_type.symbol 
C 
H 
N 
O 
S 
# 
loop_
_atom_site.group_PDB 
_atom_site.id 
_atom_site.type_symbol 
_atom_site.label_atom_id 
_atom_site.label_alt_id 
_atom_site.label_comp_id 
_atom_site.label_asym_id 
_atom_site.label_entity_id 
_atom_site.label_seq_id 
_atom_site.pdbx_PDB_ins_code 
_atom_site.Cartn_x 
_atom_site.Cartn_y 
_atom_site.Cartn_z 
_atom_site.occupancy 
_atom_site.B_iso_or_equiv 
_atom_site.pdbx_formal_charge 
_atom_site.auth_seq_id 
_atom_site.auth_comp_id 
_atom_site.auth_asym_id 
_atom_site.auth_atom_id 
_atom_site.pdbx_PDB_model_num 
HETATM 1   O O12  . QUA A 1 1  ? 4.687   -6.564  -2.238  1.00 4.90  ? 1   QUA A O12  1 
HETATM 2   C C11  . QUA A 1 1  ? 4.452   -7.560  -1.608  1.00 3.26  ? 1   QUA A C11  1 
HETATM 3   C C2   . QUA A 1 1  ? 4.254   -8.905  -2.248  1.00 3.04  ? 1   QUA A C2   1 
HETATM 4   N N1   . QUA A 1 1  ? 4.240   -9.994  -1.455  1.00 3.10  ? 1   QUA A N1   1 
HETATM 5   C C3   . QUA A 1 1  ? 4.066   -8.966  -3.625  1.00 3.28  ? 1   QUA A C3   1 
HETATM 6   C C9   . QUA A 1 1  ? 4.016   -11.177 -2.035  1.00 2.68  ? 1   QUA A C9   1 
HETATM 7   C C4   . QUA A 1 1  ? 3.818   -10.193 -4.231  1.00 3.11  ? 1   QUA A C4   1 
HETATM 8   C C8   . QUA A 1 1  ? 3.931   -12.400 -1.139  1.00 2.91  ? 1   QUA A C8   1 
HETATM 9   C C10  . QUA A 1 1  ? 3.778   -11.339 -3.407  1.00 2.92  ? 1   QUA A C10  1 
HETATM 10  O O16  . QUA A 1 1  ? 2.551   -12.598 -0.791  1.00 3.02  ? 1   QUA A O16  1 
HETATM 11  C C7   . QUA A 1 1  ? 4.406   -13.664 -1.850  1.00 3.23  ? 1   QUA A C7   1 
HETATM 12  C C13  . QUA A 1 1  ? 3.681   -10.321 -5.736  1.00 3.67  ? 1   QUA A C13  1 
HETATM 13  O O15  . QUA A 1 1  ? 3.388   -9.075  -6.352  1.00 3.99  ? 1   QUA A O15  1 
HETATM 14  C C5   . QUA A 1 1  ? 3.488   -12.670 -3.919  1.00 3.79  ? 1   QUA A C5   1 
HETATM 15  C C14  . QUA A 1 1  ? 5.003   -10.845 -6.305  1.00 3.72  ? 1   QUA A C14  1 
HETATM 16  C C6   . QUA A 1 1  ? 3.749   -13.774 -3.191  1.00 4.15  ? 1   QUA A C6   1 
HETATM 17  H HC3  . QUA A 1 1  ? 4.119   -8.066  -4.224  1.00 3.35  ? 1   QUA A HC3  1 
HETATM 18  H HC8  . QUA A 1 1  ? 4.521   -12.240 -0.228  1.00 3.42  ? 1   QUA A HC8  1 
HETATM 19  H H16  . QUA A 1 1  ? 2.366   -12.175 0.051   1.00 4.57  ? 1   QUA A H16  1 
HETATM 20  H HC72 . QUA A 1 1  ? 4.139   -14.543 -1.243  1.00 3.79  ? 1   QUA A HC72 1 
HETATM 21  H H13  . QUA A 1 1  ? 2.878   -11.032 -5.967  1.00 3.57  ? 1   QUA A H13  1 
HETATM 22  H H15  . QUA A 1 1  ? 2.461   -8.863  -6.215  1.00 4.80  ? 1   QUA A H15  1 
HETATM 23  H HC5  . QUA A 1 1  ? 3.043   -12.776 -4.903  1.00 4.06  ? 1   QUA A HC5  1 
HETATM 24  H H141 . QUA A 1 1  ? 5.201   -11.837 -5.894  1.00 5.46  ? 1   QUA A H141 1 
HETATM 25  H H142 . QUA A 1 1  ? 5.816   -10.170 -6.029  1.00 5.46  ? 1   QUA A H142 1 
HETATM 26  H H143 . QUA A 1 1  ? 4.930   -10.903 -7.391  1.00 5.46  ? 1   QUA A H143 1 
HETATM 27  H HC6  . QUA A 1 1  ? 3.484   -14.750 -3.590  1.00 4.23  ? 1   QUA A HC6  1 
ATOM   28  N N    . ILE A 1 2  ? 5.856   -13.636 -2.054  1.00 3.24  ? 2   ILE A N    1 
ATOM   29  C CA   . ILE A 1 2  ? 6.695   -13.905 -0.897  1.00 3.22  ? 2   ILE A CA   1 
ATOM   30  C C    . ILE A 1 2  ? 7.562   -12.694 -0.539  1.00 4.28  ? 2   ILE A C    1 
ATOM   31  O O    . ILE A 1 2  ? 8.232   -12.658 0.498   1.00 5.58  ? 2   ILE A O    1 
ATOM   32  C CB   . ILE A 1 2  ? 7.604   -15.139 -1.048  1.00 3.10  ? 2   ILE A CB   1 
ATOM   33  C CG1  . ILE A 1 2  ? 8.589   -14.971 -2.225  1.00 3.21  ? 2   ILE A CG1  1 
ATOM   34  C CG2  . ILE A 1 2  ? 6.746   -16.401 -1.198  1.00 3.81  ? 2   ILE A CG2  1 
ATOM   35  C CD1  . ILE A 1 2  ? 9.557   -16.126 -2.405  1.00 3.53  ? 2   ILE A CD1  1 
ATOM   36  H H    . ILE A 1 2  ? 6.255   -13.436 -2.962  1.00 3.95  ? 2   ILE A H    1 
ATOM   37  H HA   . ILE A 1 2  ? 6.026   -14.098 -0.044  1.00 3.88  ? 2   ILE A HA   1 
ATOM   38  H HB   . ILE A 1 2  ? 8.194   -15.243 -0.131  1.00 3.94  ? 2   ILE A HB   1 
ATOM   39  H HG12 . ILE A 1 2  ? 8.016   -14.854 -3.150  1.00 4.40  ? 2   ILE A HG12 1 
ATOM   40  H HG13 . ILE A 1 2  ? 9.164   -14.052 -2.072  1.00 4.40  ? 2   ILE A HG13 1 
ATOM   41  H HG21 . ILE A 1 2  ? 7.397   -17.275 -1.248  1.00 6.42  ? 2   ILE A HG21 1 
ATOM   42  H HG22 . ILE A 1 2  ? 6.154   -16.334 -2.112  1.00 6.42  ? 2   ILE A HG22 1 
ATOM   43  H HG23 . ILE A 1 2  ? 6.081   -16.497 -0.338  1.00 6.42  ? 2   ILE A HG23 1 
ATOM   44  H HD11 . ILE A 1 2  ? 10.320  -15.849 -3.134  1.00 7.47  ? 2   ILE A HD11 1 
ATOM   45  H HD12 . ILE A 1 2  ? 10.031  -16.349 -1.447  1.00 7.47  ? 2   ILE A HD12 1 
ATOM   46  H HD13 . ILE A 1 2  ? 9.015   -17.005 -2.758  1.00 7.47  ? 2   ILE A HD13 1 
ATOM   47  N N    . ALA A 1 3  ? 7.550   -11.713 -1.446  1.00 4.57  ? 3   ALA A N    1 
ATOM   48  C CA   . ALA A 1 3  ? 8.310   -10.496 -1.320  1.00 5.53  ? 3   ALA A CA   1 
ATOM   49  C C    . ALA A 1 3  ? 7.901   -9.574  -2.483  1.00 5.16  ? 3   ALA A C    1 
ATOM   50  O O    . ALA A 1 3  ? 7.380   -10.029 -3.493  1.00 5.37  ? 3   ALA A O    1 
ATOM   51  C CB   . ALA A 1 3  ? 9.824   -10.737 -1.406  1.00 5.19  ? 3   ALA A CB   1 
ATOM   52  H H    . ALA A 1 3  ? 6.984   -11.835 -2.268  1.00 4.15  ? 3   ALA A H    1 
ATOM   53  H HA   . ALA A 1 3  ? 8.070   -10.012 -0.360  1.00 4.50  ? 3   ALA A HA   1 
ATOM   54  H HB1  . ALA A 1 3  ? 10.360  -9.825  -1.140  1.00 6.92  ? 3   ALA A HB1  1 
ATOM   55  H HB2  . ALA A 1 3  ? 10.088  -11.030 -2.423  1.00 6.92  ? 3   ALA A HB2  1 
ATOM   56  H HB3  . ALA A 1 3  ? 10.096  -11.531 -0.708  1.00 6.92  ? 3   ALA A HB3  1 
HETATM 57  N N    . DHA A 1 4  ? 8.207   -8.280  -2.295  1.00 7.51  ? 4   DHA A N    1 
HETATM 58  C CA   . DHA A 1 4  ? 7.929   -7.223  -3.183  1.00 3.89  ? 4   DHA A CA   1 
HETATM 59  C CB   . DHA A 1 4  ? 7.937   -7.328  -4.500  1.00 4.90  ? 4   DHA A CB   1 
HETATM 60  C C    . DHA A 1 4  ? 7.590   -5.974  -2.408  1.00 4.27  ? 4   DHA A C    1 
HETATM 61  O O    . DHA A 1 4  ? 7.652   -5.995  -1.188  1.00 6.12  ? 4   DHA A O    1 
HETATM 62  H H    . DHA A 1 4  ? 8.671   -8.045  -1.433  1.00 5.35  ? 4   DHA A H    1 
HETATM 63  H HB1  . DHA A 1 4  ? 8.154   -8.285  -4.957  1.00 4.29  ? 4   DHA A HB1  1 
HETATM 64  H HB2  . DHA A 1 4  ? 7.722   -6.470  -5.125  1.00 4.29  ? 4   DHA A HB2  1 
ATOM   65  N N    . ALA A 1 5  ? 7.187   -4.888  -3.104  1.00 4.64  ? 5   ALA A N    1 
ATOM   66  C CA   . ALA A 1 5  ? 6.370   -3.890  -2.425  1.00 5.09  ? 5   ALA A CA   1 
ATOM   67  C C    . ALA A 1 5  ? 5.164   -3.615  -3.316  1.00 5.28  ? 5   ALA A C    1 
ATOM   68  O O    . ALA A 1 5  ? 5.309   -3.484  -4.529  1.00 5.83  ? 5   ALA A O    1 
ATOM   69  C CB   . ALA A 1 5  ? 7.087   -2.566  -2.157  1.00 7.49  ? 5   ALA A CB   1 
ATOM   70  H H    . ALA A 1 5  ? 7.442   -4.770  -4.069  1.00 4.02  ? 5   ALA A H    1 
ATOM   71  H HA   . ALA A 1 5  ? 6.021   -4.302  -1.465  1.00 4.30  ? 5   ALA A HA   1 
ATOM   72  H HB1  . ALA A 1 5  ? 8.051   -2.759  -1.681  1.00 7.22  ? 5   ALA A HB1  1 
ATOM   73  H HB2  . ALA A 1 5  ? 6.477   -1.949  -1.496  1.00 7.22  ? 5   ALA A HB2  1 
ATOM   74  H HB3  . ALA A 1 5  ? 7.246   -2.045  -3.102  1.00 7.22  ? 5   ALA A HB3  1 
ATOM   75  N N    C SER A 1 6  ? 4.055   -3.473  -2.638  0.75 4.35  ? 6   SER A N    1 
ATOM   76  N N    D SER A 1 6  ? 3.817   -3.534  -2.704  0.25 5.42  ? 6   SER A N    1 
ATOM   77  C CA   C SER A 1 6  ? 2.771   -3.170  -3.290  0.75 4.21  ? 6   SER A CA   1 
ATOM   78  C CA   D SER A 1 6  ? 2.505   -3.285  -3.203  0.25 4.58  ? 6   SER A CA   1 
ATOM   79  C C    . SER A 1 6  ? 2.250   -4.392  -4.101  1.00 5.33  ? 6   SER A C    1 
ATOM   80  C CB   C SER A 1 6  ? 2.843   -1.897  -4.139  0.75 4.01  ? 6   SER A CB   1 
ATOM   81  C CB   D SER A 1 6  ? 2.488   -1.978  -4.052  0.25 5.54  ? 6   SER A CB   1 
ATOM   82  H H    C SER A 1 6  ? 4.083   -3.573  -1.637  0.75 3.98  ? 6   SER A H    1 
ATOM   83  H H    D SER A 1 6  ? 3.835   -3.689  -1.710  0.25 3.98  ? 6   SER A H    1 
ATOM   84  H HB2  C SER A 1 6  ? 3.464   -2.072  -5.022  0.75 3.71  ? 6   SER A HB2  1 
ATOM   85  H HB2  D SER A 1 6  ? 3.094   -2.104  -4.954  0.25 4.56  ? 6   SER A HB2  1 
ATOM   86  H HB3  C SER A 1 6  ? 1.840   -1.629  -4.482  0.75 3.71  ? 6   SER A HB3  1 
ATOM   87  H HB3  D SER A 1 6  ? 1.464   -1.749  -4.361  0.25 4.56  ? 6   SER A HB3  1 
HETATM 88  N N    . BB9 A 1 7  ? 1.685   -5.465  -3.622  1.00 5.13  ? 7   BB9 A N    1 
HETATM 89  C CA   . BB9 A 1 7  ? 1.501   -6.401  -4.605  1.00 4.81  ? 7   BB9 A CA   1 
HETATM 90  C C    . BB9 A 1 7  ? 0.901   -7.732  -4.323  1.00 4.32  ? 7   BB9 A C    1 
HETATM 91  O O    . BB9 A 1 7  ? 0.963   -8.648  -5.157  1.00 4.78  ? 7   BB9 A O    1 
HETATM 92  C CB   . BB9 A 1 7  ? 1.906   -6.040  -5.860  1.00 6.28  ? 7   BB9 A CB   1 
HETATM 93  S SG   . BB9 A 1 7  ? 2.564   -4.473  -5.809  1.00 7.21  ? 7   BB9 A SG   1 
HETATM 94  H HB   . BB9 A 1 7  ? 1.822   -6.654  -6.748  1.00 4.75  ? 7   BB9 A HB   1 
ATOM   95  N N    . THR A 1 8  ? 0.308   -7.870  -3.125  1.00 4.59  ? 8   THR A N    1 
ATOM   96  C CA   . THR A 1 8  ? -0.254  -9.144  -2.718  1.00 3.88  ? 8   THR A CA   1 
ATOM   97  C C    . THR A 1 8  ? -1.616  -8.941  -2.032  1.00 3.31  ? 8   THR A C    1 
ATOM   98  O O    . THR A 1 8  ? -2.116  -7.834  -1.937  1.00 4.67  ? 8   THR A O    1 
ATOM   99  C CB   . THR A 1 8  ? 0.753   -9.937  -1.875  1.00 3.15  ? 8   THR A CB   1 
ATOM   100 O OG1  . THR A 1 8  ? 0.270   -11.281 -1.842  1.00 3.59  ? 8   THR A OG1  1 
ATOM   101 C CG2  . THR A 1 8  ? 0.946   -9.371  -0.492  1.00 3.72  ? 8   THR A CG2  1 
ATOM   102 H H    . THR A 1 8  ? 0.252   -7.081  -2.503  1.00 4.49  ? 8   THR A H    1 
ATOM   103 H HA   . THR A 1 8  ? -0.442  -9.720  -3.637  1.00 4.24  ? 8   THR A HA   1 
ATOM   104 H HB   . THR A 1 8  ? 1.722   -9.919  -2.392  1.00 3.93  ? 8   THR A HB   1 
ATOM   105 H HG1  . THR A 1 8  ? 1.012   -11.876 -1.702  1.00 5.59  ? 8   THR A HG1  1 
ATOM   106 H HG21 . THR A 1 8  ? 1.788   -9.865  -0.004  1.00 5.45  ? 8   THR A HG21 1 
ATOM   107 H HG22 . THR A 1 8  ? 1.151   -8.302  -0.566  1.00 5.45  ? 8   THR A HG22 1 
ATOM   108 H HG23 . THR A 1 8  ? 0.042   -9.533  0.097   1.00 5.45  ? 8   THR A HG23 1 
HETATM 109 N N    . DBU A 1 9  ? -2.207  -10.082 -1.599  1.00 3.39  ? 9   DBU A N    1 
HETATM 110 C CA   . DBU A 1 9  ? -3.446  -10.155 -0.941  1.00 3.09  ? 9   DBU A CA   1 
HETATM 111 C CB   . DBU A 1 9  ? -4.594  -9.695  -1.508  1.00 3.74  ? 9   DBU A CB   1 
HETATM 112 C CG   . DBU A 1 9  ? -4.757  -9.193  -2.875  1.00 6.48  ? 9   DBU A CG   1 
HETATM 113 C C    . DBU A 1 9  ? -3.451  -10.782 0.366   1.00 2.60  ? 9   DBU A C    1 
HETATM 114 H H    . DBU A 1 9  ? -1.715  -10.944 -1.759  1.00 5.02  ? 9   DBU A H    1 
HETATM 115 H HB   . DBU A 1 9  ? -5.474  -9.695  -0.870  1.00 8.68  ? 9   DBU A HB   1 
HETATM 116 H HG1  . DBU A 1 9  ? -3.920  -9.511  -3.498  1.00 14.41 ? 9   DBU A HG1  1 
HETATM 117 H HG2  . DBU A 1 9  ? -4.795  -8.102  -2.857  1.00 14.41 ? 9   DBU A HG2  1 
HETATM 118 H HG3  . DBU A 1 9  ? -5.688  -9.585  -3.288  1.00 14.41 ? 9   DBU A HG3  1 
HETATM 119 N N    . DCY A 1 10 ? -2.389  -11.235 0.914   1.00 2.42  ? 10  DCY A N    1 
HETATM 120 C CA   . DCY A 1 10 ? -2.698  -11.960 2.140   1.00 2.50  ? 10  DCY A CA   1 
HETATM 121 C C    . DCY A 1 10 ? -1.596  -11.825 3.195   1.00 2.81  ? 10  DCY A C    1 
HETATM 122 O O    . DCY A 1 10 ? -1.862  -11.922 4.385   1.00 3.22  ? 10  DCY A O    1 
HETATM 123 C CB   . DCY A 1 10 ? -4.063  -11.496 2.699   1.00 2.56  ? 10  DCY A CB   1 
HETATM 124 S SG   . DCY A 1 10 ? -4.984  -11.019 1.226   1.00 2.56  ? 10  DCY A SG   1 
HETATM 125 H HA   . DCY A 1 10 ? -2.787  -13.027 1.885   1.00 4.77  ? 10  DCY A HA   1 
HETATM 126 H HB2  . DCY A 1 10 ? -3.941  -10.656 3.382   1.00 6.71  ? 10  DCY A HB2  1 
HETATM 127 H HB3  . DCY A 1 10 ? -4.565  -12.308 3.224   1.00 6.71  ? 10  DCY A HB3  1 
HETATM 128 N N    . TS9 A 1 11 ? -0.347  -11.681 2.716   1.00 2.71  ? 11  TS9 A N    1 
HETATM 129 C CA   . TS9 A 1 11 ? 0.790   -11.627 3.630   1.00 2.89  ? 11  TS9 A CA   1 
HETATM 130 C C    . TS9 A 1 11 ? 1.076   -10.207 4.037   1.00 3.81  ? 11  TS9 A C    1 
HETATM 131 C CB   . TS9 A 1 11 ? 2.026   -12.320 2.978   1.00 2.72  ? 11  TS9 A CB   1 
HETATM 132 O OG3  . TS9 A 1 11 ? 2.230   -11.754 1.686   1.00 2.87  ? 11  TS9 A OG3  1 
HETATM 133 C CG2  . TS9 A 1 11 ? 3.264   -12.136 3.840   1.00 3.34  ? 11  TS9 A CG2  1 
HETATM 134 C CG1  . TS9 A 1 11 ? 1.683   -13.810 2.760   1.00 2.85  ? 11  TS9 A CG1  1 
HETATM 135 O OD2  . TS9 A 1 11 ? 1.432   -14.345 4.055   1.00 5.52  ? 11  TS9 A OD2  1 
HETATM 136 C CD1  . TS9 A 1 11 ? 2.754   -14.623 2.061   1.00 3.00  ? 11  TS9 A CD1  1 
HETATM 137 H H    . TS9 A 1 11 ? -0.197  -11.609 1.724   1.00 4.01  ? 11  TS9 A H    1 
HETATM 138 H HA   . TS9 A 1 11 ? 0.522   -12.189 4.537   1.00 3.56  ? 11  TS9 A HA   1 
HETATM 139 H HG3  . TS9 A 1 11 ? 2.966   -11.141 1.600   1.00 4.49  ? 11  TS9 A HG3  1 
HETATM 140 H HG21 . TS9 A 1 11 ? 4.124   -12.596 3.349   1.00 4.53  ? 11  TS9 A HG21 1 
HETATM 141 H HG22 . TS9 A 1 11 ? 3.107   -12.604 4.813   1.00 4.53  ? 11  TS9 A HG22 1 
HETATM 142 H HG23 . TS9 A 1 11 ? 3.459   -11.070 3.976   1.00 4.53  ? 11  TS9 A HG23 1 
HETATM 143 H HG1  . TS9 A 1 11 ? 0.760   -13.875 2.169   1.00 3.45  ? 11  TS9 A HG1  1 
HETATM 144 H HD2  . TS9 A 1 11 ? 1.089   -15.238 3.974   1.00 5.48  ? 11  TS9 A HD2  1 
HETATM 145 H HD11 . TS9 A 1 11 ? 3.620   -14.720 2.718   1.00 5.16  ? 11  TS9 A HD11 1 
HETATM 146 H HD12 . TS9 A 1 11 ? 3.050   -14.118 1.139   1.00 5.16  ? 11  TS9 A HD12 1 
HETATM 147 H HD13 . TS9 A 1 11 ? 2.361   -15.613 1.823   1.00 5.16  ? 11  TS9 A HD13 1 
HETATM 148 N N    . BB9 A 1 12 ? 1.561   -9.284  3.256   1.00 3.64  ? 12  BB9 A N    1 
HETATM 149 C CA   . BB9 A 1 12 ? 1.692   -8.100  3.935   1.00 4.89  ? 12  BB9 A CA   1 
HETATM 150 C C    . BB9 A 1 12 ? 2.228   -6.889  3.247   1.00 5.39  ? 12  BB9 A C    1 
HETATM 151 O O    . BB9 A 1 12 ? 2.118   -5.763  3.732   1.00 7.77  ? 12  BB9 A O    1 
HETATM 152 C CB   . BB9 A 1 12 ? 1.324   -8.113  5.240   1.00 9.29  ? 12  BB9 A CB   1 
HETATM 153 S SG   . BB9 A 1 12 ? 0.776   -9.678  5.648   1.00 8.53  ? 12  BB9 A SG   1 
HETATM 154 H HB   . BB9 A 1 12 ? 1.366   -7.267  5.916   1.00 6.37  ? 12  BB9 A HB   1 
ATOM   155 N N    C THR A 1 13 ? 2.799   -7.174  2.073   0.75 4.39  ? 13  THR A N    1 
ATOM   156 N N    D THR A 1 13 ? 2.922   -7.006  2.009   0.25 5.73  ? 13  THR A N    1 
ATOM   157 C CA   C THR A 1 13 ? 3.420   -5.992  1.278   0.75 4.00  ? 13  THR A CA   1 
ATOM   158 C CA   D THR A 1 13 ? 3.246   -6.137  1.345   0.25 4.26  ? 13  THR A CA   1 
ATOM   159 C C    C THR A 1 13 ? 2.394   -5.345  0.397   0.75 3.48  ? 13  THR A C    1 
ATOM   160 C C    D THR A 1 13 ? 2.166   -5.572  0.401   0.25 3.75  ? 13  THR A C    1 
ATOM   161 C CB   C THR A 1 13 ? 4.651   -6.408  0.480   0.75 4.03  ? 13  THR A CB   1 
ATOM   162 C CB   D THR A 1 13 ? 4.534   -6.531  0.644   0.25 3.93  ? 13  THR A CB   1 
ATOM   163 O OG1  C THR A 1 13 ? 4.360   -7.620  -0.254  0.75 4.02  ? 13  THR A OG1  1 
ATOM   164 O OG1  D THR A 1 13 ? 4.152   -7.596  -0.339  0.25 4.09  ? 13  THR A OG1  1 
ATOM   165 C CG2  C THR A 1 13 ? 5.791   -6.771  1.463   0.75 4.54  ? 13  THR A CG2  1 
ATOM   166 C CG2  D THR A 1 13 ? 5.857   -6.799  1.192   0.25 3.90  ? 13  THR A CG2  1 
ATOM   167 H H    C THR A 1 13 ? 2.826   -8.116  1.720   0.75 3.78  ? 13  THR A H    1 
ATOM   168 H H    D THR A 1 13 ? 3.148   -7.935  1.694   0.25 3.78  ? 13  THR A H    1 
ATOM   169 H HA   C THR A 1 13 ? 3.506   -5.273  2.107   0.25 3.47  ? 13  THR A HA   1 
ATOM   170 H HA   D THR A 1 13 ? 3.708   -5.329  1.932   0.75 3.47  ? 13  THR A HA   1 
ATOM   171 H HB   C THR A 1 13 ? 4.727   -5.490  -0.118  0.25 3.35  ? 13  THR A HB   1 
ATOM   172 H HB   D THR A 1 13 ? 4.895   -5.768  -0.059  0.75 3.35  ? 13  THR A HB   1 
ATOM   173 H HG21 C THR A 1 13 ? 5.936   -5.960  2.178   0.75 4.84  ? 13  THR A HG21 1 
ATOM   174 H HG21 D THR A 1 13 ? 6.391   -7.478  0.525   0.25 5.07  ? 13  THR A HG21 1 
ATOM   175 H HG22 C THR A 1 13 ? 6.714   -6.926  0.903   0.75 4.84  ? 13  THR A HG22 1 
ATOM   176 H HG22 D THR A 1 13 ? 5.759   -7.257  2.177   0.25 5.07  ? 13  THR A HG22 1 
ATOM   177 H HG23 C THR A 1 13 ? 5.528   -7.684  2.001   0.75 4.84  ? 13  THR A HG23 1 
ATOM   178 H HG23 D THR A 1 13 ? 6.416   -5.865  1.280   0.25 5.07  ? 13  THR A HG23 1 
HETATM 179 N N    C BB9 A 1 14 ? 2.712   -4.392  -0.425  0.75 3.63  ? 14  BB9 A N    1 
HETATM 180 N N    D BB9 A 1 14 ? 2.385   -4.596  -0.456  0.25 3.50  ? 14  BB9 A N    1 
HETATM 181 C CA   C BB9 A 1 14 ? 1.592   -3.949  -1.111  0.75 3.07  ? 14  BB9 A CA   1 
HETATM 182 C CA   D BB9 A 1 14 ? 1.239   -4.175  -1.110  0.25 3.81  ? 14  BB9 A CA   1 
HETATM 183 C C    C BB9 A 1 14 ? 1.766   -2.837  -2.139  0.75 3.79  ? 14  BB9 A C    1 
HETATM 184 C C    D BB9 A 1 14 ? 1.438   -3.073  -2.081  0.25 5.11  ? 14  BB9 A C    1 
HETATM 185 C CB   C BB9 A 1 14 ? 0.432   -4.524  -0.758  0.75 3.72  ? 14  BB9 A CB   1 
HETATM 186 C CB   D BB9 A 1 14 ? 0.162   -4.810  -0.738  0.25 3.22  ? 14  BB9 A CB   1 
HETATM 187 S SG   C BB9 A 1 14 ? 0.724   -5.739  0.435   0.75 3.71  ? 14  BB9 A SG   1 
HETATM 188 S SG   D BB9 A 1 14 ? 0.492   -5.997  0.451   0.25 3.68  ? 14  BB9 A SG   1 
HETATM 189 H HB   C BB9 A 1 14 ? -0.540  -4.265  -1.160  0.75 4.15  ? 14  BB9 A HB   1 
HETATM 190 H HB   D BB9 A 1 14 ? -0.827  -4.610  -1.134  0.25 4.15  ? 14  BB9 A HB   1 
HETATM 191 H H6   C BB9 A 1 14 ? 0.786   -2.645  -2.599  0.75 3.51  ? 14  BB9 A H6   1 
HETATM 192 H H6   D BB9 A 1 14 ? 0.473   -2.902  -2.583  0.25 4.54  ? 14  BB9 A H6   1 
HETATM 193 N N    C MH6 A 1 15 ? 2.161   -1.634  -1.367  0.75 3.81  ? 15  MH6 A N    1 
HETATM 194 N N    D MH6 A 1 15 ? 1.769   -1.861  -1.333  0.25 5.61  ? 15  MH6 A N    1 
HETATM 195 C CA   C MH6 A 1 15 ? 2.887   -0.756  -1.912  0.75 3.64  ? 15  MH6 A CA   1 
HETATM 196 C CA   D MH6 A 1 15 ? 2.500   -0.957  -1.814  0.25 6.52  ? 15  MH6 A CA   1 
HETATM 197 C C    C MH6 A 1 15 ? 3.248   0.376   -1.015  0.75 3.51  ? 15  MH6 A C    1 
HETATM 198 C C    D MH6 A 1 15 ? 2.848   0.096   -0.924  0.25 9.10  ? 15  MH6 A C    1 
HETATM 199 C CB   C MH6 A 1 15 ? 3.442   -0.744  -3.306  0.75 4.11  ? 15  MH6 A CB   1 
HETATM 200 C CB   D MH6 A 1 15 ? 3.030   -0.890  -3.237  0.25 6.64  ? 15  MH6 A CB   1 
HETATM 201 H HB2  C MH6 A 1 15 ? 4.531   -0.843  -3.263  0.75 3.90  ? 15  MH6 A HB2  1 
HETATM 202 H HB2  D MH6 A 1 15 ? 4.122   -0.950  -3.218  0.25 5.20  ? 15  MH6 A HB2  1 
HETATM 203 H HB3  C MH6 A 1 15 ? 3.210   0.210   -3.791  0.75 3.90  ? 15  MH6 A HB3  1 
HETATM 204 H HB3  D MH6 A 1 15 ? 2.755   0.067   -3.688  0.25 5.20  ? 15  MH6 A HB3  1 
HETATM 205 N N    C BB9 A 1 16 ? 4.001   1.388   -1.377  0.75 6.15  ? 16  BB9 A N    1 
HETATM 206 N N    D BB9 A 1 16 ? 3.654   1.114   -1.151  0.25 9.96  ? 16  BB9 A N    1 
HETATM 207 C CA   C BB9 A 1 16 ? 4.182   2.182   -0.255  0.75 5.60  ? 16  BB9 A CA   1 
HETATM 208 C CA   D BB9 A 1 16 ? 3.639   2.198   -0.246  0.25 6.19  ? 16  BB9 A CA   1 
HETATM 209 C C    C BB9 A 1 16 ? 5.081   3.368   -0.306  0.75 7.66  ? 16  BB9 A C    1 
HETATM 210 C C    D BB9 A 1 16 ? 4.033   3.641   -0.545  0.25 8.10  ? 16  BB9 A C    1 
HETATM 211 O O    C BB9 A 1 16 ? 5.263   4.043   0.701   0.75 18.45 ? 16  BB9 A O    1 
HETATM 212 O O    D BB9 A 1 16 ? 3.909   4.624   0.186   0.25 9.05  ? 16  BB9 A O    1 
HETATM 213 C CB   C BB9 A 1 16 ? 3.531   1.851   0.877   0.75 4.91  ? 16  BB9 A CB   1 
HETATM 214 C CB   D BB9 A 1 16 ? 3.055   1.640   0.877   0.25 12.22 ? 16  BB9 A CB   1 
HETATM 215 S SG   C BB9 A 1 16 ? 2.709   0.394   0.626   0.75 4.60  ? 16  BB9 A SG   1 
HETATM 216 S SG   D BB9 A 1 16 ? 2.171   0.175   0.675   0.25 13.72 ? 16  BB9 A SG   1 
HETATM 217 H HB   C BB9 A 1 16 ? 3.534   2.422   1.796   0.75 5.22  ? 16  BB9 A HB   1 
HETATM 218 H HB   D BB9 A 1 16 ? 3.150   2.108   1.850   0.25 11.27 ? 16  BB9 A HB   1 
HETATM 219 N N    C DHA A 1 17 ? 5.573   3.624   -1.518  0.75 6.34  ? 17  DHA A N    1 
HETATM 220 N N    D DHA A 1 17 ? 4.397   4.091   -1.945  0.25 9.92  ? 17  DHA A N    1 
HETATM 221 C CA   C DHA A 1 17 ? 6.388   4.713   -1.854  0.75 6.20  ? 17  DHA A CA   1 
HETATM 222 C CA   D DHA A 1 17 ? 4.620   5.455   -2.598  0.25 7.82  ? 17  DHA A CA   1 
HETATM 223 C CB   C DHA A 1 17 ? 6.858   5.632   -0.992  0.75 7.58  ? 17  DHA A CB   1 
HETATM 224 C CB   D DHA A 1 17 ? 3.940   6.500   -2.196  0.25 7.68  ? 17  DHA A CB   1 
HETATM 225 C C    C DHA A 1 17 ? 6.617   4.723   -3.351  0.75 5.30  ? 17  DHA A C    1 
HETATM 226 C C    D DHA A 1 17 ? 5.461   5.319   -3.778  0.25 8.45  ? 17  DHA A C    1 
HETATM 227 O O    C DHA A 1 17 ? 6.037   3.745   -3.975  0.75 15.46 ? 17  DHA A O    1 
HETATM 228 O O    D DHA A 1 17 ? 6.034   4.083   -4.086  0.25 6.19  ? 17  DHA A O    1 
HETATM 229 H H    C DHA A 1 17 ? 5.339   2.980   -2.255  0.75 6.45  ? 17  DHA A H    1 
HETATM 230 H H    D DHA A 1 17 ? 4.522   3.326   -2.587  0.25 9.03  ? 17  DHA A H    1 
HETATM 231 H HB1  C DHA A 1 17 ? 6.610   5.564   0.060   0.75 7.70  ? 17  DHA A HB1  1 
HETATM 232 H HB1  D DHA A 1 17 ? 3.969   7.417   -2.773  0.25 7.33  ? 17  DHA A HB1  1 
HETATM 233 H HB2  C DHA A 1 17 ? 7.484   6.439   -1.351  0.75 7.70  ? 17  DHA A HB2  1 
HETATM 234 H HB2  D DHA A 1 17 ? 3.355   6.445   -1.287  0.25 7.33  ? 17  DHA A HB2  1 
HETATM 235 N N    C DHA A 1 18 ? 7.473   5.613   -3.839  0.75 5.90  ? 18  DHA A N    1 
HETATM 236 N N    D DHA A 1 18 ? 5.899   6.472   -4.310  0.25 8.25  ? 18  DHA A N    1 
HETATM 237 C CA   C DHA A 1 18 ? 7.849   5.831   -5.180  0.75 4.66  ? 18  DHA A CA   1 
HETATM 238 C CA   D DHA A 1 18 ? 6.744   6.669   -5.463  0.25 6.74  ? 18  DHA A CA   1 
HETATM 239 C CB   C DHA A 1 18 ? 7.313   5.019   -6.138  0.75 8.26  ? 18  DHA A CB   1 
HETATM 240 C CB   D DHA A 1 18 ? 7.231   5.616   -6.214  0.25 4.54  ? 18  DHA A CB   1 
HETATM 241 C C    C DHA A 1 18 ? 8.979   6.689   -5.263  0.75 5.36  ? 18  DHA A C    1 
HETATM 242 C C    D DHA A 1 18 ? 6.741   8.218   -5.541  0.25 4.81  ? 18  DHA A C    1 
HETATM 243 O O    C DHA A 1 18 ? 9.551   7.020   -4.206  0.75 9.23  ? 18  DHA A O    1 
HETATM 244 O O    D DHA A 1 18 ? 5.974   8.707   -4.607  0.25 8.41  ? 18  DHA A O    1 
HETATM 245 H H    C DHA A 1 18 ? 7.912   6.212   -3.160  0.75 8.65  ? 18  DHA A H    1 
HETATM 246 H H    D DHA A 1 18 ? 5.598   7.311   -3.841  0.25 8.31  ? 18  DHA A H    1 
HETATM 247 H HB1  C DHA A 1 18 ? 7.580   5.159   -7.178  0.75 16.71 ? 18  DHA A HB1  1 
HETATM 248 H HB1  D DHA A 1 18 ? 6.979   4.599   -5.944  0.25 4.89  ? 18  DHA A HB1  1 
HETATM 249 H HB2  C DHA A 1 18 ? 6.621   4.235   -5.858  0.75 16.71 ? 18  DHA A HB2  1 
HETATM 250 H HB2  D DHA A 1 18 ? 7.862   5.813   -7.072  0.25 4.89  ? 18  DHA A HB2  1 
HETATM 251 N N    C NH2 A 1 19 ? 9.379   7.091   -6.403  0.75 7.83  ? 19  NH2 A N    1 
HETATM 252 N N    D NH2 A 1 19 ? 7.363   8.744   -6.654  0.25 7.11  ? 19  NH2 A N    1 
HETATM 253 H HN1  C NH2 A 1 19 ? 10.180  7.695   -6.470  0.75 15.44 ? 19  NH2 A HN1  1 
HETATM 254 H HN1  D NH2 A 1 19 ? 7.260   9.720   -6.879  0.25 9.51  ? 19  NH2 A HN1  1 
HETATM 255 H HN2  C NH2 A 1 19 ? 8.893   6.803   -7.237  0.75 15.44 ? 19  NH2 A HN2  1 
HETATM 256 H HN2  D NH2 A 1 19 ? 7.923   8.151   -7.245  0.25 9.51  ? 19  NH2 A HN2  1 
HETATM 257 O O12  . QUA B 1 1  ? -4.903  5.818   2.625   1.00 2.41  ? 1   QUA B O12  1 
HETATM 258 C C11  . QUA B 1 1  ? -6.013  5.475   2.917   1.00 2.20  ? 1   QUA B C11  1 
HETATM 259 C C2   . QUA B 1 1  ? -6.700  5.935   4.176   1.00 2.10  ? 1   QUA B C2   1 
HETATM 260 N N1   . QUA B 1 1  ? -8.026  5.770   4.286   1.00 2.10  ? 1   QUA B N1   1 
HETATM 261 C C3   . QUA B 1 1  ? -5.908  6.514   5.172   1.00 2.30  ? 1   QUA B C3   1 
HETATM 262 C C9   . QUA B 1 1  ? -8.606  6.163   5.425   1.00 2.07  ? 1   QUA B C9   1 
HETATM 263 C C4   . QUA B 1 1  ? -6.509  6.905   6.369   1.00 2.47  ? 1   QUA B C4   1 
HETATM 264 C C8   . QUA B 1 1  ? -10.087 5.875   5.592   1.00 2.08  ? 1   QUA B C8   1 
HETATM 265 C C10  . QUA B 1 1  ? -7.888  6.711   6.516   1.00 2.40  ? 1   QUA B C10  1 
HETATM 266 O O16  . QUA B 1 1  ? -10.235 4.577   6.191   1.00 2.57  ? 1   QUA B O16  1 
HETATM 267 C C7   . QUA B 1 1  ? -10.788 6.891   6.519   1.00 2.29  ? 1   QUA B C7   1 
HETATM 268 C C13  . QUA B 1 1  ? -5.698  7.582   7.458   1.00 2.77  ? 1   QUA B C13  1 
HETATM 269 O O15  . QUA B 1 1  ? -4.303  7.379   7.292   1.00 2.83  ? 1   QUA B O15  1 
HETATM 270 C C5   . QUA B 1 1  ? -8.618  7.057   7.731   1.00 2.54  ? 1   QUA B C5   1 
HETATM 271 C C14  . QUA B 1 1  ? -5.966  9.086   7.421   1.00 3.33  ? 1   QUA B C14  1 
HETATM 272 C C6   . QUA B 1 1  ? -9.961  7.116   7.761   1.00 2.47  ? 1   QUA B C6   1 
HETATM 273 H HC3  . QUA B 1 1  ? -4.845  6.654   5.024   1.00 2.98  ? 1   QUA B HC3  1 
HETATM 274 H HC8  . QUA B 1 1  ? -10.572 5.879   4.607   1.00 3.15  ? 1   QUA B HC8  1 
HETATM 275 H H16  . QUA B 1 1  ? -10.464 3.937   5.513   1.00 4.19  ? 1   QUA B H16  1 
HETATM 276 H HC72 . QUA B 1 1  ? -11.773 6.493   6.809   1.00 3.47  ? 1   QUA B HC72 1 
HETATM 277 H H13  . QUA B 1 1  ? -6.000  7.184   8.434   1.00 3.23  ? 1   QUA B H13  1 
HETATM 278 H H15  . QUA B 1 1  ? -4.091  6.462   7.483   1.00 4.19  ? 1   QUA B H15  1 
HETATM 279 H HC5  . QUA B 1 1  ? -8.061  7.269   8.639   1.00 3.56  ? 1   QUA B HC5  1 
HETATM 280 H H141 . QUA B 1 1  ? -5.415  9.574   8.226   1.00 4.92  ? 1   QUA B H141 1 
HETATM 281 H H142 . QUA B 1 1  ? -7.036  9.262   7.548   1.00 4.92  ? 1   QUA B H142 1 
HETATM 282 H H143 . QUA B 1 1  ? -5.645  9.492   6.460   1.00 4.92  ? 1   QUA B H143 1 
HETATM 283 H HC6  . QUA B 1 1  ? -10.462 7.335   8.700   1.00 3.79  ? 1   QUA B HC6  1 
ATOM   284 N N    . ILE B 1 2  ? -10.969 8.172   5.835   1.00 2.78  ? 2   ILE B N    1 
ATOM   285 C CA   . ILE B 1 2  ? -12.010 8.217   4.801   1.00 2.13  ? 2   ILE B CA   1 
ATOM   286 C C    . ILE B 1 2  ? -11.402 8.383   3.407   1.00 2.40  ? 2   ILE B C    1 
ATOM   287 O O    . ILE B 1 2  ? -12.100 8.321   2.379   1.00 2.54  ? 2   ILE B O    1 
ATOM   288 C CB   . ILE B 1 2  ? -13.075 9.311   5.031   1.00 2.32  ? 2   ILE B CB   1 
ATOM   289 C CG1  . ILE B 1 2  ? -12.452 10.710  5.035   1.00 3.18  ? 2   ILE B CG1  1 
ATOM   290 C CG2  . ILE B 1 2  ? -13.867 9.022   6.318   1.00 3.09  ? 2   ILE B CG2  1 
ATOM   291 C CD1  . ILE B 1 2  ? -13.461 11.837  5.037   1.00 4.54  ? 2   ILE B CD1  1 
ATOM   292 H H    . ILE B 1 2  ? -10.411 8.985   6.065   1.00 3.61  ? 2   ILE B H    1 
ATOM   293 H HA   . ILE B 1 2  ? -12.531 7.246   4.823   1.00 3.66  ? 2   ILE B HA   1 
ATOM   294 H HB   . ILE B 1 2  ? -13.777 9.266   4.191   1.00 3.77  ? 2   ILE B HB   1 
ATOM   295 H HG12 . ILE B 1 2  ? -11.814 10.814  5.918   1.00 4.28  ? 2   ILE B HG12 1 
ATOM   296 H HG13 . ILE B 1 2  ? -11.815 10.812  4.152   1.00 4.28  ? 2   ILE B HG13 1 
ATOM   297 H HG21 . ILE B 1 2  ? -13.239 9.202   7.193   1.00 6.03  ? 2   ILE B HG21 1 
ATOM   298 H HG22 . ILE B 1 2  ? -14.193 7.980   6.312   1.00 6.03  ? 2   ILE B HG22 1 
ATOM   299 H HG23 . ILE B 1 2  ? -14.743 9.672   6.357   1.00 6.03  ? 2   ILE B HG23 1 
ATOM   300 H HD11 . ILE B 1 2  ? -12.940 12.792  4.941   1.00 7.05  ? 2   ILE B HD11 1 
ATOM   301 H HD12 . ILE B 1 2  ? -14.145 11.711  4.195   1.00 7.05  ? 2   ILE B HD12 1 
ATOM   302 H HD13 . ILE B 1 2  ? -14.025 11.819  5.971   1.00 7.05  ? 2   ILE B HD13 1 
ATOM   303 N N    . ALA B 1 3  ? -10.090 8.618   3.392   1.00 2.30  ? 3   ALA B N    1 
ATOM   304 C CA   . ALA B 1 3  ? -9.310  8.865   2.196   1.00 2.20  ? 3   ALA B CA   1 
ATOM   305 C C    . ALA B 1 3  ? -7.852  8.982   2.639   1.00 2.27  ? 3   ALA B C    1 
ATOM   306 O O    . ALA B 1 3  ? -7.552  9.280   3.782   1.00 2.86  ? 3   ALA B O    1 
ATOM   307 C CB   . ALA B 1 3  ? -9.722  10.194  1.527   1.00 3.03  ? 3   ALA B CB   1 
ATOM   308 H H    . ALA B 1 3  ? -9.607  8.627   4.274   1.00 3.68  ? 3   ALA B H    1 
ATOM   309 H HA   . ALA B 1 3  ? -9.430  8.032   1.486   1.00 3.60  ? 3   ALA B HA   1 
ATOM   310 H HB1  . ALA B 1 3  ? -9.143  10.341  0.613   1.00 5.56  ? 3   ALA B HB1  1 
ATOM   311 H HB2  . ALA B 1 3  ? -9.527  11.019  2.215   1.00 5.56  ? 3   ALA B HB2  1 
ATOM   312 H HB3  . ALA B 1 3  ? -10.784 10.161  1.280   1.00 5.56  ? 3   ALA B HB3  1 
HETATM 313 N N    . DHA B 1 4  ? -6.956  8.808   1.630   1.00 2.36  ? 4   DHA B N    1 
HETATM 314 C CA   . DHA B 1 4  ? -5.562  8.999   1.726   1.00 2.30  ? 4   DHA B CA   1 
HETATM 315 C CB   . DHA B 1 4  ? -4.963  9.880   2.546   1.00 2.69  ? 4   DHA B CB   1 
HETATM 316 C C    . DHA B 1 4  ? -4.846  8.095   0.771   1.00 2.39  ? 4   DHA B C    1 
HETATM 317 O O    . DHA B 1 4  ? -5.482  7.538   -0.117  1.00 2.65  ? 4   DHA B O    1 
HETATM 318 H H    . DHA B 1 4  ? -7.323  8.514   0.741   1.00 3.79  ? 4   DHA B H    1 
HETATM 319 H HB1  . DHA B 1 4  ? -3.884  9.970   2.559   1.00 3.82  ? 4   DHA B HB1  1 
HETATM 320 H HB2  . DHA B 1 4  ? -5.563  10.505  3.197   1.00 3.82  ? 4   DHA B HB2  1 
ATOM   321 N N    . ALA B 1 5  ? -3.523  7.897   0.960   1.00 2.39  ? 5   ALA B N    1 
ATOM   322 C CA   . ALA B 1 5  ? -2.886  6.697   0.424   1.00 2.52  ? 5   ALA B CA   1 
ATOM   323 C C    . ALA B 1 5  ? -2.047  6.097   1.554   1.00 2.58  ? 5   ALA B C    1 
ATOM   324 O O    . ALA B 1 5  ? -1.344  6.823   2.256   1.00 3.84  ? 5   ALA B O    1 
ATOM   325 C CB   . ALA B 1 5  ? -1.963  6.979   -0.769  1.00 3.18  ? 5   ALA B CB   1 
ATOM   326 H H    . ALA B 1 5  ? -2.977  8.572   1.469   1.00 3.71  ? 5   ALA B H    1 
ATOM   327 H HA   . ALA B 1 5  ? -3.662  5.977   0.124   1.00 3.35  ? 5   ALA B HA   1 
ATOM   328 H HB1  . ALA B 1 5  ? -1.598  6.034   -1.175  1.00 5.38  ? 5   ALA B HB1  1 
ATOM   329 H HB2  . ALA B 1 5  ? -1.117  7.587   -0.443  1.00 5.38  ? 5   ALA B HB2  1 
ATOM   330 H HB3  . ALA B 1 5  ? -2.521  7.511   -1.541  1.00 5.38  ? 5   ALA B HB3  1 
ATOM   331 N N    A SER B 1 6  ? -2.108  4.721   1.681   0.75 2.25  ? 6   SER B N    1 
ATOM   332 N N    B SER B 1 6  ? -2.030  4.870   1.460   0.25 2.24  ? 6   SER B N    1 
ATOM   333 C CA   A SER B 1 6  ? -1.316  3.922   2.634   0.75 2.23  ? 6   SER B CA   1 
ATOM   334 C CA   B SER B 1 6  ? -1.246  4.092   2.411   0.25 2.20  ? 6   SER B CA   1 
ATOM   335 C C    A SER B 1 6  ? -1.732  4.239   4.059   0.75 2.42  ? 6   SER B C    1 
ATOM   336 C C    B SER B 1 6  ? -1.664  4.392   3.811   0.25 1.54  ? 6   SER B C    1 
ATOM   337 C CB   A SER B 1 6  ? 0.184   4.172   2.410   0.75 2.19  ? 6   SER B CB   1 
ATOM   338 C CB   B SER B 1 6  ? 0.260   4.331   2.182   0.25 2.19  ? 6   SER B CB   1 
ATOM   339 H H    A SER B 1 6  ? -2.741  4.229   1.073   0.75 2.75  ? 6   SER B H    1 
ATOM   340 H H    B SER B 1 6  ? -2.552  4.412   0.733   0.25 2.92  ? 6   SER B H    1 
ATOM   341 H HB2  A SER B 1 6  ? 0.767   3.502   3.048   0.75 3.33  ? 6   SER B HB2  1 
ATOM   342 H HB2  B SER B 1 6  ? 0.839   3.616   2.774   0.25 3.33  ? 6   SER B HB2  1 
ATOM   343 H HB3  A SER B 1 6  ? 0.438   5.201   2.678   0.75 3.33  ? 6   SER B HB3  1 
ATOM   344 H HB3  B SER B 1 6  ? 0.534   5.338   2.509   0.25 3.33  ? 6   SER B HB3  1 
HETATM 345 N N    A BB9 B 1 7  ? -2.812  3.768   4.618   0.75 2.61  ? 7   BB9 B N    1 
HETATM 346 N N    B BB9 B 1 7  ? -2.741  3.936   4.404   0.25 1.89  ? 7   BB9 B N    1 
HETATM 347 C CA   A BB9 B 1 7  ? -2.947  4.273   5.888   0.75 2.59  ? 7   BB9 B CA   1 
HETATM 348 C CA   B BB9 B 1 7  ? -2.938  4.461   5.673   0.25 1.90  ? 7   BB9 B CA   1 
HETATM 349 C C    A BB9 B 1 7  ? -4.123  3.935   6.740   0.75 2.56  ? 7   BB9 B C    1 
HETATM 350 C C    B BB9 B 1 7  ? -4.041  4.037   6.486   0.25 2.49  ? 7   BB9 B C    1 
HETATM 351 O O    A BB9 B 1 7  ? -4.412  4.613   7.744   0.75 3.22  ? 7   BB9 B O    1 
HETATM 352 O O    B BB9 B 1 7  ? -4.320  4.683   7.513   0.25 3.25  ? 7   BB9 B O    1 
HETATM 353 C CB   A BB9 B 1 7  ? -1.975  5.130   6.304   0.75 2.54  ? 7   BB9 B CB   1 
HETATM 354 C CB   B BB9 B 1 7  ? -1.948  5.360   6.065   0.25 4.14  ? 7   BB9 B CB   1 
HETATM 355 S SG   A BB9 B 1 7  ? -0.814  5.321   5.059   0.75 2.66  ? 7   BB9 B SG   1 
HETATM 356 S SG   B BB9 B 1 7  ? -0.815  5.534   4.835   0.25 3.43  ? 7   BB9 B SG   1 
HETATM 357 H HB   A BB9 B 1 7  ? -1.940  5.619   7.269   0.75 3.02  ? 7   BB9 B HB   1 
HETATM 358 H HB   B BB9 B 1 7  ? -1.905  5.941   7.018   0.25 3.02  ? 7   BB9 B HB   1 
ATOM   359 N N    . THR B 1 8  ? -4.813  2.890   6.299   1.00 2.74  ? 8   THR B N    1 
ATOM   360 C CA   . THR B 1 8  ? -5.987  2.443   7.015   1.00 2.80  ? 8   THR B CA   1 
ATOM   361 C C    . THR B 1 8  ? -6.042  0.921   7.060   1.00 3.20  ? 8   THR B C    1 
ATOM   362 O O    . THR B 1 8  ? -5.165  0.237   6.564   1.00 3.43  ? 8   THR B O    1 
ATOM   363 C CB   . THR B 1 8  ? -7.254  3.083   6.412   1.00 2.71  ? 8   THR B CB   1 
ATOM   364 O OG1  . THR B 1 8  ? -8.300  2.940   7.375   1.00 2.91  ? 8   THR B OG1  1 
ATOM   365 C CG2  . THR B 1 8  ? -7.632  2.481   5.071   1.00 3.06  ? 8   THR B CG2  1 
ATOM   366 H H    . THR B 1 8  ? -4.523  2.403   5.466   1.00 3.42  ? 8   THR B H    1 
ATOM   367 H HA   . THR B 1 8  ? -5.890  2.797   8.052   1.00 3.19  ? 8   THR B HA   1 
ATOM   368 H HB   . THR B 1 8  ? -7.060  4.154   6.265   1.00 3.25  ? 8   THR B HB   1 
ATOM   369 H HG1  . THR B 1 8  ? -9.026  3.526   7.149   1.00 4.60  ? 8   THR B HG1  1 
ATOM   370 H HG21 . THR B 1 8  ? -8.516  2.981   4.671   1.00 4.54  ? 8   THR B HG21 1 
ATOM   371 H HG22 . THR B 1 8  ? -6.802  2.604   4.374   1.00 4.54  ? 8   THR B HG22 1 
ATOM   372 H HG23 . THR B 1 8  ? -7.849  1.420   5.203   1.00 4.54  ? 8   THR B HG23 1 
HETATM 373 N N    . DBU B 1 9  ? -7.120  0.441   7.726   1.00 3.56  ? 9   DBU B N    1 
HETATM 374 C CA   . DBU B 1 9  ? -7.377  -0.940  7.927   1.00 4.29  ? 9   DBU B CA   1 
HETATM 375 C CB   . DBU B 1 9  ? -6.504  -1.743  8.577   1.00 5.51  ? 9   DBU B CB   1 
HETATM 376 C CG   . DBU B 1 9  ? -5.236  -1.331  9.233   1.00 6.37  ? 9   DBU B CG   1 
HETATM 377 C C    . DBU B 1 9  ? -8.650  -1.440  7.430   1.00 4.47  ? 9   DBU B C    1 
HETATM 378 H H    . DBU B 1 9  ? -7.776  1.104   8.101   1.00 3.64  ? 9   DBU B H    1 
HETATM 379 H HB   . DBU B 1 9  ? -6.759  -2.798  8.625   1.00 5.36  ? 9   DBU B HB   1 
HETATM 380 H HG1  . DBU B 1 9  ? -4.395  -1.616  8.598   1.00 8.38  ? 9   DBU B HG1  1 
HETATM 381 H HG2  . DBU B 1 9  ? -5.148  -1.825  10.202  1.00 8.38  ? 9   DBU B HG2  1 
HETATM 382 H HG3  . DBU B 1 9  ? -5.226  -0.249  9.374   1.00 8.38  ? 9   DBU B HG3  1 
HETATM 383 N N    . DCY B 1 10 ? -9.491  -0.722  6.793   1.00 3.85  ? 10  DCY B N    1 
HETATM 384 C CA   . DCY B 1 10 ? -10.729 -1.454  6.531   1.00 4.19  ? 10  DCY B CA   1 
HETATM 385 C C    . DCY B 1 10 ? -11.371 -1.055  5.220   1.00 3.50  ? 10  DCY B C    1 
HETATM 386 O O    . DCY B 1 10 ? -12.047 -1.853  4.571   1.00 4.28  ? 10  DCY B O    1 
HETATM 387 C CB   . DCY B 1 10 ? -10.484 -2.967  6.601   1.00 5.75  ? 10  DCY B CB   1 
HETATM 388 S SG   . DCY B 1 10 ? -9.122  -3.117  7.784   1.00 6.43  ? 10  DCY B SG   1 
HETATM 389 H HA   . DCY B 1 10 ? -11.436 -1.203  7.337   1.00 3.77  ? 10  DCY B HA   1 
HETATM 390 H HB2  . DCY B 1 10 ? -10.206 -3.359  5.624   1.00 4.77  ? 10  DCY B HB2  1 
HETATM 391 H HB3  . DCY B 1 10 ? -11.368 -3.495  6.956   1.00 4.77  ? 10  DCY B HB3  1 
HETATM 392 N N    . TS9 B 1 11 ? -11.234 0.238   4.870   1.00 3.22  ? 11  TS9 B N    1 
HETATM 393 C CA   . TS9 B 1 11 ? -11.849 0.747   3.645   1.00 2.88  ? 11  TS9 B CA   1 
HETATM 394 C C    . TS9 B 1 11 ? -10.948 0.432   2.459   1.00 3.18  ? 11  TS9 B C    1 
HETATM 395 C CB   . TS9 B 1 11 ? -12.174 2.259   3.791   1.00 2.78  ? 11  TS9 B CB   1 
HETATM 396 O OG3  . TS9 B 1 11 ? -11.003 2.927   4.259   1.00 2.67  ? 11  TS9 B OG3  1 
HETATM 397 C CG2  . TS9 B 1 11 ? -12.620 2.845   2.453   1.00 2.81  ? 11  TS9 B CG2  1 
HETATM 398 C CG1  . TS9 B 1 11 ? -13.266 2.405   4.883   1.00 2.89  ? 11  TS9 B CG1  1 
HETATM 399 O OD2  . TS9 B 1 11 ? -14.430 1.774   4.358   1.00 3.13  ? 11  TS9 B OD2  1 
HETATM 400 C CD1  . TS9 B 1 11 ? -13.564 3.829   5.283   1.00 2.76  ? 11  TS9 B CD1  1 
HETATM 401 H H    . TS9 B 1 11 ? -10.701 0.858   5.455   1.00 3.26  ? 11  TS9 B H    1 
HETATM 402 H HA   . TS9 B 1 11 ? -12.798 0.209   3.496   1.00 3.09  ? 11  TS9 B HA   1 
HETATM 403 H HG3  . TS9 B 1 11 ? -10.484 3.231   3.509   1.00 3.90  ? 11  TS9 B HG3  1 
HETATM 404 H HG21 . TS9 B 1 11 ? -13.499 2.308   2.091   1.00 4.28  ? 11  TS9 B HG21 1 
HETATM 405 H HG22 . TS9 B 1 11 ? -11.814 2.758   1.723   1.00 4.28  ? 11  TS9 B HG22 1 
HETATM 406 H HG23 . TS9 B 1 11 ? -12.868 3.900   2.588   1.00 4.28  ? 11  TS9 B HG23 1 
HETATM 407 H HG1  . TS9 B 1 11 ? -12.947 1.855   5.778   1.00 3.04  ? 11  TS9 B HG1  1 
HETATM 408 H HD2  . TS9 B 1 11 ? -15.019 1.531   5.076   1.00 4.78  ? 11  TS9 B HD2  1 
HETATM 409 H HD11 . TS9 B 1 11 ? -12.701 4.259   5.794   1.00 4.69  ? 11  TS9 B HD11 1 
HETATM 410 H HD12 . TS9 B 1 11 ? -14.426 3.839   5.952   1.00 4.69  ? 11  TS9 B HD12 1 
HETATM 411 H HD13 . TS9 B 1 11 ? -13.787 4.414   4.388   1.00 4.69  ? 11  TS9 B HD13 1 
HETATM 412 N N    . BB9 B 1 12 ? -9.822  1.027   2.204   1.00 3.01  ? 12  BB9 B N    1 
HETATM 413 C CA   . BB9 B 1 12 ? -9.236  0.470   1.092   1.00 2.67  ? 12  BB9 B CA   1 
HETATM 414 C C    . BB9 B 1 12 ? -7.931  0.980   0.607   1.00 2.96  ? 12  BB9 B C    1 
HETATM 415 O O    . BB9 B 1 12 ? -7.281  0.419   -0.269  1.00 3.53  ? 12  BB9 B O    1 
HETATM 416 C CB   . BB9 B 1 12 ? -9.913  -0.559  0.509   1.00 4.03  ? 12  BB9 B CB   1 
HETATM 417 S SG   . BB9 B 1 12 ? -11.345 -0.853  1.384   1.00 3.73  ? 12  BB9 B SG   1 
HETATM 418 H HB   . BB9 B 1 12 ? -9.595  -1.100  -0.375  1.00 4.14  ? 12  BB9 B HB   1 
ATOM   419 N N    . THR B 1 13 ? -7.504  2.112   1.227   1.00 2.98  ? 13  THR B N    1 
ATOM   420 C CA   . THR B 1 13 ? -6.257  2.730   0.833   1.00 2.61  ? 13  THR B CA   1 
ATOM   421 C C    A THR B 1 13 ? -5.116  2.171   1.684   0.75 2.27  ? 13  THR B C    1 
ATOM   422 C C    B THR B 1 13 ? -4.976  2.264   1.493   0.25 2.27  ? 13  THR B C    1 
ATOM   423 C CB   . THR B 1 13 ? -6.317  4.252   0.876   1.00 2.42  ? 13  THR B CB   1 
ATOM   424 O OG1  . THR B 1 13 ? -6.777  4.649   2.196   1.00 2.27  ? 13  THR B OG1  1 
ATOM   425 C CG2  . THR B 1 13 ? -7.281  4.821   -0.170  1.00 2.69  ? 13  THR B CG2  1 
ATOM   426 H H    . THR B 1 13 ? -8.059  2.524   1.959   1.00 3.67  ? 13  THR B H    1 
ATOM   427 H HA   . THR B 1 13 ? -6.065  2.443   -0.213  1.00 3.45  ? 13  THR B HA   1 
ATOM   428 H HB   A THR B 1 13 ? -5.314  4.666   0.709   0.75 3.36  ? 13  THR B HB   1 
ATOM   429 H HG21 . THR B 1 13 ? -7.182  5.908   -0.195  1.00 5.26  ? 13  THR B HG21 1 
ATOM   430 H HG22 . THR B 1 13 ? -8.304  4.549   0.095   1.00 5.26  ? 13  THR B HG22 1 
ATOM   431 H HG23 . THR B 1 13 ? -7.044  4.416   -1.155  1.00 5.26  ? 13  THR B HG23 1 
HETATM 432 N N    A BB9 B 1 14 ? -3.924  2.610   1.523   0.75 2.06  ? 14  BB9 B N    1 
HETATM 433 N N    B BB9 B 1 14 ? -3.707  2.852   1.342   0.25 1.92  ? 14  BB9 B N    1 
HETATM 434 C CA   A BB9 B 1 14 ? -3.023  1.999   2.360   0.75 2.52  ? 14  BB9 B CA   1 
HETATM 435 C CA   B BB9 B 1 14 ? -2.861  2.074   2.124   0.25 2.47  ? 14  BB9 B CA   1 
HETATM 436 C C    A BB9 B 1 14 ? -1.569  2.414   2.331   0.75 2.45  ? 14  BB9 B C    1 
HETATM 437 C C    B BB9 B 1 14 ? -1.440  2.571   2.116   0.25 2.28  ? 14  BB9 B C    1 
HETATM 438 C CB   A BB9 B 1 14 ? -3.563  0.989   3.105   0.75 3.25  ? 14  BB9 B CB   1 
HETATM 439 C CB   B BB9 B 1 14 ? -3.385  1.091   2.947   0.25 2.25  ? 14  BB9 B CB   1 
HETATM 440 S SG   A BB9 B 1 14 ? -5.228  0.891   2.819   0.75 3.31  ? 14  BB9 B SG   1 
HETATM 441 S SG   B BB9 B 1 14 ? -5.091  0.959   2.572   0.25 3.52  ? 14  BB9 B SG   1 
HETATM 442 H HB   A BB9 B 1 14 ? -3.007  0.361   3.792   0.75 3.97  ? 14  BB9 B HB   1 
HETATM 443 H HB   B BB9 B 1 14 ? -2.729  0.452   3.686   0.25 3.84  ? 14  BB9 B HB   1 
HETATM 444 N N    A MH6 B 1 15 ? -1.066  2.008   1.005   0.75 2.56  ? 15  MH6 B N    1 
HETATM 445 N N    B MH6 B 1 15 ? -0.928  2.220   0.748   0.25 1.70  ? 15  MH6 B N    1 
HETATM 446 C CA   A MH6 B 1 15 ? -0.180  2.698   0.399   0.75 2.41  ? 15  MH6 B CA   1 
HETATM 447 C CA   B MH6 B 1 15 ? -0.047  2.966   0.201   0.25 2.43  ? 15  MH6 B CA   1 
HETATM 448 C C    A MH6 B 1 15 ? 0.164   2.265   -0.964  0.75 2.24  ? 15  MH6 B C    1 
HETATM 449 C C    B MH6 B 1 15 ? 0.355   2.561   -1.276  0.25 4.20  ? 15  MH6 B C    1 
HETATM 450 C CB   A MH6 B 1 15 ? 0.523   3.924   0.930   0.75 2.75  ? 15  MH6 B CB   1 
HETATM 451 C CB   B MH6 B 1 15 ? 0.579   4.171   0.723   0.25 2.75  ? 15  MH6 B CB   1 
HETATM 452 H HB2  A MH6 B 1 15 ? 1.605   3.800   0.826   0.75 3.65  ? 15  MH6 B HB2  1 
HETATM 453 H HB2  B MH6 B 1 15 ? 1.664   4.114   0.593   0.25 3.65  ? 15  MH6 B HB2  1 
HETATM 454 H HB3  A MH6 B 1 15 ? 0.228   4.792   0.334   0.75 3.65  ? 15  MH6 B HB3  1 
HETATM 455 H HB3  B MH6 B 1 15 ? 0.218   5.039   0.165   0.25 3.65  ? 15  MH6 B HB3  1 
HETATM 456 N N    A BB9 B 1 16 ? 0.908   2.894   -1.812  0.75 2.81  ? 16  BB9 B N    1 
HETATM 457 N N    B BB9 B 1 16 ? 1.147   3.243   -2.021  0.25 4.83  ? 16  BB9 B N    1 
HETATM 458 C CA   A BB9 B 1 16 ? 0.997   2.185   -2.990  0.75 3.60  ? 16  BB9 B CA   1 
HETATM 459 C CA   B BB9 B 1 16 ? 1.104   2.562   -3.240  0.25 7.44  ? 16  BB9 B CA   1 
HETATM 460 C C    A BB9 B 1 16 ? 1.749   2.722   -4.114  0.75 6.00  ? 16  BB9 B C    1 
HETATM 461 C C    B BB9 B 1 16 ? 1.814   2.872   -4.362  0.25 6.00  ? 16  BB9 B C    1 
HETATM 462 O O    A BB9 B 1 16 ? 1.794   2.086   -5.192  0.75 9.64  ? 16  BB9 B O    1 
HETATM 463 O O    B BB9 B 1 16 ? 2.398   2.099   -5.115  0.25 9.78  ? 16  BB9 B O    1 
HETATM 464 C CB   A BB9 B 1 16 ? 0.304   1.014   -3.032  0.75 4.19  ? 16  BB9 B CB   1 
HETATM 465 C CB   B BB9 B 1 16 ? 0.441   1.434   -3.307  0.25 7.29  ? 16  BB9 B CB   1 
HETATM 466 S SG   A BB9 B 1 16 ? -0.468  0.758   -1.554  0.75 3.40  ? 16  BB9 B SG   1 
HETATM 467 S SG   B BB9 B 1 16 ? -0.453  1.158   -1.947  0.25 5.75  ? 16  BB9 B SG   1 
HETATM 468 H HB   A BB9 B 1 16 ? 0.257   0.350   -3.886  0.75 4.69  ? 16  BB9 B HB   1 
HETATM 469 H HB   B BB9 B 1 16 ? 0.475   0.763   -4.156  0.25 8.57  ? 16  BB9 B HB   1 
HETATM 470 N N    A DHA B 1 17 ? 2.365   3.916   -3.924  0.75 6.38  ? 17  DHA B N    1 
HETATM 471 N N    B DHA B 1 17 ? 1.823   4.181   -4.227  0.25 6.38  ? 17  DHA B N    1 
HETATM 472 C CA   A DHA B 1 17 ? 3.067   4.701   -4.813  0.75 8.61  ? 17  DHA B CA   1 
HETATM 473 C CA   B DHA B 1 17 ? 2.358   5.009   -5.202  0.25 8.61  ? 17  DHA B CA   1 
HETATM 474 C CB   A DHA B 1 17 ? 3.154   4.435   -6.209  0.75 8.95  ? 17  DHA B CB   1 
HETATM 475 C CB   B DHA B 1 17 ? 3.426   4.414   -5.933  0.25 8.95  ? 17  DHA B CB   1 
HETATM 476 C C    A DHA B 1 17 ? 3.629   5.845   -4.078  0.75 11.14 ? 17  DHA B C    1 
HETATM 477 C C    B DHA B 1 17 ? 2.109   6.420   -4.846  0.25 11.14 ? 17  DHA B C    1 
HETATM 478 O O    A DHA B 1 17 ? 3.475   5.931   -2.875  0.75 12.92 ? 17  DHA B O    1 
HETATM 479 O O    B DHA B 1 17 ? 1.465   6.710   -3.854  0.25 12.92 ? 17  DHA B O    1 
HETATM 480 H H    A DHA B 1 17 ? 2.300   4.283   -2.990  0.75 6.23  ? 17  DHA B H    1 
HETATM 481 H H    B DHA B 1 17 ? 1.431   4.587   -3.395  0.25 6.23  ? 17  DHA B H    1 
HETATM 482 H HB1  A DHA B 1 17 ? 2.652   3.573   -6.628  0.75 8.57  ? 17  DHA B HB1  1 
HETATM 483 H HB1  B DHA B 1 17 ? 3.739   3.404   -5.698  0.25 8.57  ? 17  DHA B HB1  1 
HETATM 484 H HB2  A DHA B 1 17 ? 3.724   5.095   -6.852  0.75 8.57  ? 17  DHA B HB2  1 
HETATM 485 H HB2  B DHA B 1 17 ? 3.919   4.969   -6.720  0.25 8.57  ? 17  DHA B HB2  1 
HETATM 486 N N    A DHA B 1 18 ? 4.315   6.743   -4.820  0.75 8.65  ? 18  DHA B N    1 
HETATM 487 N N    B DHA B 1 18 ? 2.843   7.284   -5.596  0.25 8.65  ? 18  DHA B N    1 
HETATM 488 C CA   A DHA B 1 18 ? 5.075   7.833   -4.221  0.75 9.49  ? 18  DHA B CA   1 
HETATM 489 C CA   B DHA B 1 18 ? 2.692   8.725   -5.619  0.25 9.49  ? 18  DHA B CA   1 
HETATM 490 C CB   A DHA B 1 18 ? 5.183   8.154   -2.880  0.75 10.76 ? 18  DHA B CB   1 
HETATM 491 C CB   B DHA B 1 18 ? 2.019   9.388   -4.615  0.25 10.76 ? 18  DHA B CB   1 
HETATM 492 C C    A DHA B 1 18 ? 5.849   8.583   -5.183  0.75 12.50 ? 18  DHA B C    1 
HETATM 493 C C    B DHA B 1 18 ? 3.447   9.232   -6.713  0.25 12.50 ? 18  DHA B C    1 
HETATM 494 O O    A DHA B 1 18 ? 5.437   8.479   -6.355  0.75 9.84  ? 18  DHA B O    1 
HETATM 495 O O    B DHA B 1 18 ? 4.127   8.372   -7.534  0.25 9.16  ? 18  DHA B O    1 
HETATM 496 H H    A DHA B 1 18 ? 4.300   6.658   -5.822  0.75 10.02 ? 18  DHA B H    1 
HETATM 497 H H    B DHA B 1 18 ? 3.555   6.891   -6.188  0.25 10.02 ? 18  DHA B H    1 
HETATM 498 H HB1  A DHA B 1 18 ? 5.839   8.956   -2.566  0.75 11.24 ? 18  DHA B HB1  1 
HETATM 499 H HB1  B DHA B 1 18 ? 2.020   10.470  -4.591  0.25 11.24 ? 18  DHA B HB1  1 
HETATM 500 H HB2  A DHA B 1 18 ? 4.611   7.603   -2.143  0.75 11.24 ? 18  DHA B HB2  1 
HETATM 501 H HB2  B DHA B 1 18 ? 1.491   8.827   -3.854  0.25 11.24 ? 18  DHA B HB2  1 
HETATM 502 N N    A NH2 B 1 19 ? 6.869   9.289   -4.755  0.75 12.50 ? 19  NH2 B N    1 
HETATM 503 N N    B NH2 B 1 19 ? 3.537   10.495  -6.917  0.25 12.50 ? 19  NH2 B N    1 
HETATM 504 H HN1  A NH2 B 1 19 ? 7.105   9.292   -3.775  0.75 15.14 ? 19  NH2 B HN1  1 
HETATM 505 H HN1  B NH2 B 1 19 ? 4.103   10.848  -7.671  0.25 15.14 ? 19  NH2 B HN1  1 
HETATM 506 H HN2  A NH2 B 1 19 ? 7.416   9.829   -5.406  0.75 15.14 ? 19  NH2 B HN2  1 
HETATM 507 H HN2  B NH2 B 1 19 ? 3.041   11.135  -6.318  0.25 15.14 ? 19  NH2 B HN2  1 
HETATM 508 C C1   G DMF C 2 .  ? 11.824  -5.433  -2.545  0.60 6.84  ? 101 DMF A C1   1 
HETATM 509 C C1   H DMF C 2 .  ? 11.956  -4.796  -2.662  0.40 14.86 ? 101 DMF A C1   1 
HETATM 510 C C2   G DMF C 2 .  ? 14.053  -6.449  -2.063  0.60 4.28  ? 101 DMF A C2   1 
HETATM 511 C C2   H DMF C 2 .  ? 13.625  -6.530  -2.209  0.40 8.16  ? 101 DMF A C2   1 
HETATM 512 C C    G DMF C 2 .  ? 12.040  -7.339  -1.059  0.60 5.82  ? 101 DMF A C    1 
HETATM 513 C C    H DMF C 2 .  ? 11.340  -6.797  -1.412  0.40 8.89  ? 101 DMF A C    1 
HETATM 514 O O    G DMF C 2 .  ? 10.829  -7.401  -0.852  0.60 5.95  ? 101 DMF A O    1 
HETATM 515 O O    H DMF C 2 .  ? 11.487  -7.936  -0.988  0.40 16.01 ? 101 DMF A O    1 
HETATM 516 N N    G DMF C 2 .  ? 12.636  -6.447  -1.882  0.60 4.09  ? 101 DMF A N    1 
HETATM 517 N N    H DMF C 2 .  ? 12.302  -6.062  -2.038  0.40 8.10  ? 101 DMF A N    1 
HETATM 518 H H11  G DMF C 2 .  ? 11.433  -4.737  -1.792  0.60 6.45  ? 101 DMF A H11  1 
HETATM 519 H H11  H DMF C 2 .  ? 10.997  -4.447  -2.259  0.40 10.84 ? 101 DMF A H11  1 
HETATM 520 H H12  G DMF C 2 .  ? 12.440  -4.883  -3.268  0.60 6.45  ? 101 DMF A H12  1 
HETATM 521 H H12  H DMF C 2 .  ? 11.867  -4.930  -3.748  0.40 10.84 ? 101 DMF A H12  1 
HETATM 522 H H13  G DMF C 2 .  ? 10.989  -5.914  -3.069  0.60 6.45  ? 101 DMF A H13  1 
HETATM 523 H H13  H DMF C 2 .  ? 12.740  -4.059  -2.447  0.40 10.84 ? 101 DMF A H13  1 
HETATM 524 H H21  G DMF C 2 .  ? 14.301  -7.018  -2.968  0.60 5.07  ? 101 DMF A H21  1 
HETATM 525 H H21  H DMF C 2 .  ? 14.233  -6.242  -1.343  0.40 11.41 ? 101 DMF A H21  1 
HETATM 526 H H22  G DMF C 2 .  ? 14.532  -6.914  -1.191  0.60 5.07  ? 101 DMF A H22  1 
HETATM 527 H H22  H DMF C 2 .  ? 14.053  -6.090  -3.120  0.40 11.41 ? 101 DMF A H22  1 
HETATM 528 H H23  G DMF C 2 .  ? 14.416  -5.419  -2.170  0.60 5.07  ? 101 DMF A H23  1 
HETATM 529 H H23  H DMF C 2 .  ? 13.612  -7.624  -2.300  0.40 11.41 ? 101 DMF A H23  1 
HETATM 530 H HC   G DMF C 2 .  ? 12.686  -8.064  -0.534  0.60 5.86  ? 101 DMF A HC   1 
HETATM 531 H HC   H DMF C 2 .  ? 10.349  -6.330  -1.276  0.40 12.73 ? 101 DMF A HC   1 
HETATM 532 C C1   O DMF D 2 .  ? -3.083  -4.792  8.395   0.35 8.74  ? 102 DMF A C1   1 
HETATM 533 C C1   P DMF D 2 .  ? 3.206   -2.489  3.003   0.65 22.73 ? 102 DMF A C1   1 
HETATM 534 C C2   O DMF D 2 .  ? -4.707  -5.209  10.058  0.35 13.12 ? 102 DMF A C2   1 
HETATM 535 C C2   P DMF D 2 .  ? 5.495   -3.100  3.648   0.65 27.02 ? 102 DMF A C2   1 
HETATM 536 C C    O DMF D 2 .  ? -5.338  -5.360  7.670   0.24 4.56  ? 102 DMF A C    1 
HETATM 537 C C    P DMF D 2 .  ? 4.965   -2.535  1.321   0.65 18.86 ? 102 DMF A C    1 
HETATM 538 O O    O DMF D 2 .  ? -6.502  -5.657  7.747   0.35 5.53  ? 102 DMF A O    1 
HETATM 539 O O    P DMF D 2 .  ? 5.527   -3.153  0.543   0.65 39.54 ? 102 DMF A O    1 
HETATM 540 N N    O DMF D 2 .  ? -4.447  -5.202  8.655   0.35 5.53  ? 102 DMF A N    1 
HETATM 541 N N    P DMF D 2 .  ? 4.617   -2.645  2.595   0.65 22.45 ? 102 DMF A N    1 
HETATM 542 H H11  O DMF D 2 .  ? -2.651  -4.349  9.300   0.35 13.67 ? 102 DMF A H11  1 
HETATM 543 H H11  P DMF D 2 .  ? 2.588   -2.293  2.117   0.65 28.76 ? 102 DMF A H11  1 
HETATM 544 H H12  O DMF D 2 .  ? -3.070  -4.054  7.582   0.35 13.67 ? 102 DMF A H12  1 
HETATM 545 H H12  P DMF D 2 .  ? 3.124   -1.649  3.705   0.65 28.76 ? 102 DMF A H12  1 
HETATM 546 H H13  O DMF D 2 .  ? -2.490  -5.668  8.100   0.35 13.67 ? 102 DMF A H13  1 
HETATM 547 H H13  P DMF D 2 .  ? 2.859   -3.407  3.494   0.65 28.76 ? 102 DMF A H13  1 
HETATM 548 H H21  O DMF D 2 .  ? -4.504  -6.207  10.469  0.35 12.70 ? 102 DMF A H21  1 
HETATM 549 H H21  P DMF D 2 .  ? 5.679   -4.175  3.527   0.65 24.41 ? 102 DMF A H21  1 
HETATM 550 H H22  O DMF D 2 .  ? -5.760  -4.954  10.234  0.35 12.70 ? 102 DMF A H22  1 
HETATM 551 H H22  P DMF D 2 .  ? 5.027   -2.922  4.625   0.65 24.41 ? 102 DMF A H22  1 
HETATM 552 H H23  O DMF D 2 .  ? -4.059  -4.475  10.555  0.35 12.70 ? 102 DMF A H23  1 
HETATM 553 H H23  P DMF D 2 .  ? 6.446   -2.554  3.594   0.65 24.41 ? 102 DMF A H23  1 
HETATM 554 H HC   O DMF D 2 .  ? -4.957  -5.195  6.647   0.35 6.48  ? 102 DMF A HC   1 
HETATM 555 H HC   P DMF D 2 .  ? 4.618   -1.580  0.888   0.65 14.89 ? 102 DMF A HC   1 
HETATM 556 O O1   . ETZ E 3 .  ? 6.718   11.438  -7.857  0.40 8.54  ? 103 ETZ A O1   1 
HETATM 557 C C1   . ETZ E 3 .  ? 6.828   12.781  -5.878  0.40 7.87  ? 103 ETZ A C1   1 
HETATM 558 C C2   . ETZ E 3 .  ? 7.535   12.397  -7.198  0.40 8.10  ? 103 ETZ A C2   1 
HETATM 559 C C3   . ETZ E 3 .  ? 7.184   11.160  -9.164  0.40 9.03  ? 103 ETZ A C3   1 
HETATM 560 C C4   . ETZ E 3 .  ? 6.213   10.139  -9.791  0.40 9.13  ? 103 ETZ A C4   1 
HETATM 561 H H1   . ETZ E 3 .  ? 7.544   13.257  -5.207  0.40 11.26 ? 103 ETZ A H1   1 
HETATM 562 H H2   . ETZ E 3 .  ? 6.425   11.884  -5.402  0.40 11.26 ? 103 ETZ A H2   1 
HETATM 563 H H3   . ETZ E 3 .  ? 6.013   13.472  -6.098  0.40 11.26 ? 103 ETZ A H3   1 
HETATM 564 H H4   . ETZ E 3 .  ? 7.666   13.280  -7.833  0.40 8.02  ? 103 ETZ A H4   1 
HETATM 565 H H5   . ETZ E 3 .  ? 8.523   11.976  -6.982  0.40 8.02  ? 103 ETZ A H5   1 
HETATM 566 H H6   . ETZ E 3 .  ? 8.199   10.749  -9.120  0.40 10.56 ? 103 ETZ A H6   1 
HETATM 567 H H7   . ETZ E 3 .  ? 7.208   12.075  -9.767  0.40 10.56 ? 103 ETZ A H7   1 
HETATM 568 H H8   . ETZ E 3 .  ? 6.711   9.623   -10.614 0.40 15.41 ? 103 ETZ A H8   1 
HETATM 569 H H9   . ETZ E 3 .  ? 5.331   10.654  -10.174 0.40 15.41 ? 103 ETZ A H9   1 
HETATM 570 H H10  . ETZ E 3 .  ? 5.911   9.414   -9.033  0.40 15.41 ? 103 ETZ A H10  1 
HETATM 571 O O1   S ETZ F 3 .  ? 12.290  8.059   -6.766  0.45 7.32  ? 104 ETZ A O1   1 
HETATM 572 C C1   S ETZ F 3 .  ? 11.755  8.633   -9.023  0.45 10.43 ? 104 ETZ A C1   1 
HETATM 573 C C2   . ETZ F 3 .  ? 12.191  7.493   -8.085  0.45 8.24  ? 104 ETZ A C2   1 
HETATM 574 C C3   . ETZ F 3 .  ? 12.813  7.044   -5.877  0.45 9.52  ? 104 ETZ A C3   1 
HETATM 575 C C4   . ETZ F 3 .  ? 12.899  7.662   -4.474  0.45 6.77  ? 104 ETZ A C4   1 
HETATM 576 H H1   . ETZ F 3 .  ? 11.937  8.349   -10.060 0.45 21.17 ? 104 ETZ A H1   1 
HETATM 577 H H2   . ETZ F 3 .  ? 12.329  9.532   -8.788  0.45 21.17 ? 104 ETZ A H2   1 
HETATM 578 H H3   . ETZ F 3 .  ? 10.691  8.828   -8.884  0.45 21.17 ? 104 ETZ A H3   1 
HETATM 579 H H5   R ETZ F 3 .  ? 11.452  6.683   -8.100  0.45 16.65 ? 104 ETZ A H5   1 
HETATM 580 H H5   S ETZ F 3 .  ? 13.162  7.093   -8.399  0.45 16.65 ? 104 ETZ A H5   1 
HETATM 581 H H6   . ETZ F 3 .  ? 13.810  6.729   -6.211  0.45 17.29 ? 104 ETZ A H6   1 
HETATM 582 H H7   . ETZ F 3 .  ? 12.150  6.170   -5.868  0.45 17.29 ? 104 ETZ A H7   1 
HETATM 583 H H8   . ETZ F 3 .  ? 13.934  7.653   -4.128  0.45 23.61 ? 104 ETZ A H8   1 
HETATM 584 H H9   . ETZ F 3 .  ? 12.280  7.086   -3.784  0.45 23.61 ? 104 ETZ A H9   1 
HETATM 585 H H10  . ETZ F 3 .  ? 12.541  8.693   -4.513  0.45 23.61 ? 104 ETZ A H10  1 
HETATM 586 O O1   A ETZ G 3 .  ? 9.255   0.122   -2.719  0.70 15.30 ? 105 ETZ A O1   1 
HETATM 587 O O1   B ETZ G 3 .  ? 7.269   1.127   -3.450  0.30 15.30 ? 105 ETZ A O1   1 
HETATM 588 C C1   A ETZ G 3 .  ? 11.190  -0.865  -1.751  0.70 13.82 ? 105 ETZ A C1   1 
HETATM 589 C C1   B ETZ G 3 .  ? 8.984   0.440   -4.993  0.30 13.82 ? 105 ETZ A C1   1 
HETATM 590 C C2   A ETZ G 3 .  ? 9.883   -0.082  -1.510  0.70 14.79 ? 105 ETZ A C2   1 
HETATM 591 C C2   B ETZ G 3 .  ? 8.493   1.524   -4.074  0.30 14.79 ? 105 ETZ A C2   1 
HETATM 592 C C3   A ETZ G 3 .  ? 8.085   0.893   -2.683  0.70 14.77 ? 105 ETZ A C3   1 
HETATM 593 C C3   B ETZ G 3 .  ? 7.147   1.831   -2.188  0.30 14.77 ? 105 ETZ A C3   1 
HETATM 594 C C4   A ETZ G 3 .  ? 7.570   0.884   -4.172  0.70 23.28 ? 105 ETZ A C4   1 
HETATM 595 C C4   B ETZ G 3 .  ? 7.797   0.988   -1.095  0.30 23.28 ? 105 ETZ A C4   1 
HETATM 596 H H1   A ETZ G 3 .  ? 11.029  -1.592  -2.549  0.70 17.72 ? 105 ETZ A H1   1 
HETATM 597 H H1   B ETZ G 3 .  ? 9.024   0.818   -6.016  0.30 17.72 ? 105 ETZ A H1   1 
HETATM 598 H H2   A ETZ G 3 .  ? 11.476  -1.382  -0.834  0.70 17.72 ? 105 ETZ A H2   1 
HETATM 599 H H2   B ETZ G 3 .  ? 8.302   -0.411  -4.947  0.30 17.72 ? 105 ETZ A H2   1 
HETATM 600 H H3   A ETZ G 3 .  ? 11.982  -0.173  -2.041  0.70 17.72 ? 105 ETZ A H3   1 
HETATM 601 H H3   B ETZ G 3 .  ? 9.981   0.128   -4.677  0.30 17.72 ? 105 ETZ A H3   1 
HETATM 602 H H4   A ETZ G 3 .  ? 9.226   -0.648  -0.840  0.70 15.79 ? 105 ETZ A H4   1 
HETATM 603 H H4   B ETZ G 3 .  ? 9.248   1.728   -3.305  0.30 15.79 ? 105 ETZ A H4   1 
HETATM 604 H H5   A ETZ G 3 .  ? 10.112  0.881   -1.039  0.70 15.79 ? 105 ETZ A H5   1 
HETATM 605 H H5   B ETZ G 3 .  ? 8.336   2.443   -4.650  0.30 15.79 ? 105 ETZ A H5   1 
HETATM 606 H H6   A ETZ G 3 .  ? 8.305   1.915   -2.351  0.70 13.85 ? 105 ETZ A H6   1 
HETATM 607 H H6   B ETZ G 3 .  ? 6.088   1.991   -1.955  0.30 13.85 ? 105 ETZ A H6   1 
HETATM 608 H H7   A ETZ G 3 .  ? 7.344   0.447   -2.011  0.70 13.85 ? 105 ETZ A H7   1 
HETATM 609 H H7   B ETZ G 3 .  ? 7.643   2.805   -2.254  0.30 13.85 ? 105 ETZ A H7   1 
HETATM 610 H H8   A ETZ G 3 .  ? 7.589   1.900   -4.572  0.70 22.56 ? 105 ETZ A H8   1 
HETATM 611 H H8   B ETZ G 3 .  ? 8.284   0.123   -1.549  0.30 22.56 ? 105 ETZ A H8   1 
HETATM 612 H H9   A ETZ G 3 .  ? 6.549   0.499   -4.203  0.70 22.56 ? 105 ETZ A H9   1 
HETATM 613 H H9   B ETZ G 3 .  ? 7.036   0.647   -0.392  0.30 22.56 ? 105 ETZ A H9   1 
HETATM 614 H H10  A ETZ G 3 .  ? 8.216   0.247   -4.778  0.70 22.56 ? 105 ETZ A H10  1 
HETATM 615 H H10  B ETZ G 3 .  ? 8.541   1.586   -0.564  0.30 22.56 ? 105 ETZ A H10  1 
HETATM 616 O O1   . ETZ H 3 .  ? 1.053   -3.265  5.590   0.25 35.75 ? 106 ETZ A O1   1 
HETATM 617 C C1   . ETZ H 3 .  ? 3.405   -3.077  5.041   0.25 35.81 ? 106 ETZ A C1   1 
HETATM 618 C C2   . ETZ H 3 .  ? 2.318   -3.959  5.653   0.25 35.68 ? 106 ETZ A C2   1 
HETATM 619 C C3   . ETZ H 3 .  ? 0.398   -3.444  6.864   0.25 35.02 ? 106 ETZ A C3   1 
HETATM 620 C C4   . ETZ H 3 .  ? 1.447   -3.921  7.884   0.25 34.40 ? 106 ETZ A C4   1 
HETATM 621 H H1   . ETZ H 3 .  ? 2.962   -2.422  4.289   0.25 45.23 ? 106 ETZ A H1   1 
HETATM 622 H H2   . ETZ H 3 .  ? 4.163   -3.705  4.570   0.25 45.23 ? 106 ETZ A H2   1 
HETATM 623 H H3   . ETZ H 3 .  ? 3.870   -2.476  5.825   0.25 45.23 ? 106 ETZ A H3   1 
HETATM 624 H H4   . ETZ H 3 .  ? 2.246   -4.903  5.099   0.25 39.16 ? 106 ETZ A H4   1 
HETATM 625 H H5   . ETZ H 3 .  ? 2.568   -4.190  6.696   0.25 39.16 ? 106 ETZ A H5   1 
HETATM 626 H H6   . ETZ H 3 .  ? -0.406  -4.185  6.773   0.25 37.65 ? 106 ETZ A H6   1 
HETATM 627 H H7   . ETZ H 3 .  ? -0.039  -2.495  7.195   0.25 37.65 ? 106 ETZ A H7   1 
HETATM 628 H H8   . ETZ H 3 .  ? 1.980   -3.061  8.292   0.25 41.00 ? 106 ETZ A H8   1 
HETATM 629 H H9   . ETZ H 3 .  ? 2.158   -4.583  7.387   0.25 41.00 ? 106 ETZ A H9   1 
HETATM 630 H H10  . ETZ H 3 .  ? 0.951   -4.460  8.693   0.25 41.00 ? 106 ETZ A H10  1 
HETATM 631 O O1   . ETZ I 3 .  ? 8.262   7.461   -9.011  0.15 4.26  ? 107 ETZ A O1   1 
HETATM 632 C C1   . ETZ I 3 .  ? 10.602  7.325   -8.304  0.15 5.79  ? 107 ETZ A C1   1 
HETATM 633 C C2   . ETZ I 3 .  ? 9.149   7.062   -7.963  0.15 6.34  ? 107 ETZ A C2   1 
HETATM 634 C C3   . ETZ I 3 .  ? 7.476   8.558   -8.588  0.15 6.34  ? 107 ETZ A C3   1 
HETATM 635 C C4   . ETZ I 3 .  ? 6.730   9.210   -9.719  0.15 4.15  ? 107 ETZ A C4   1 
HETATM 636 H H1   . ETZ I 3 .  ? 11.189  7.370   -7.385  0.15 10.91 ? 107 ETZ A H1   1 
HETATM 637 H H2   . ETZ I 3 .  ? 10.689  8.272   -8.839  0.15 10.91 ? 107 ETZ A H2   1 
HETATM 638 H H3   . ETZ I 3 .  ? 10.975  6.519   -8.938  0.15 10.91 ? 107 ETZ A H3   1 
HETATM 639 H H4   . ETZ I 3 .  ? 9.009   5.994   -7.766  0.15 8.34  ? 107 ETZ A H4   1 
HETATM 640 H H5   . ETZ I 3 .  ? 8.867   7.606   -7.225  0.15 8.34  ? 107 ETZ A H5   1 
HETATM 641 H H6   . ETZ I 3 .  ? 8.129   9.300   -8.113  0.15 8.34  ? 107 ETZ A H6   1 
HETATM 642 H H7   . ETZ I 3 .  ? 6.758   8.211   -7.836  0.15 8.34  ? 107 ETZ A H7   1 
HETATM 643 H H8   . ETZ I 3 .  ? 5.711   9.435   -9.398  0.15 8.35  ? 107 ETZ A H8   1 
HETATM 644 H H9   . ETZ I 3 .  ? 6.694   8.535   -10.576 0.15 8.35  ? 107 ETZ A H9   1 
HETATM 645 H H10  . ETZ I 3 .  ? 7.239   10.132  -10.006 0.15 8.35  ? 107 ETZ A H10  1 
HETATM 646 C C1   L DMF J 2 .  ? 5.248   5.440   -9.439  0.30 11.00 ? 108 DMF A C1   1 
HETATM 647 C C1   M DMF J 2 .  ? 5.905   5.945   -9.227  0.30 9.46  ? 108 DMF A C1   1 
HETATM 648 C C2   L DMF J 2 .  ? 3.053   6.177   -9.899  0.30 10.03 ? 108 DMF A C2   1 
HETATM 649 C C2   M DMF J 2 .  ? 3.701   6.138   -10.069 0.30 6.98  ? 108 DMF A C2   1 
HETATM 650 C C    L DMF J 2 .  ? 4.697   6.182   -11.701 0.30 9.88  ? 108 DMF A C    1 
HETATM 651 C C    M DMF J 2 .  ? 5.591   6.288   -11.606 0.30 12.46 ? 108 DMF A C    1 
HETATM 652 O O    L DMF J 2 .  ? 5.817   5.922   -12.174 0.30 10.42 ? 108 DMF A O    1 
HETATM 653 O O    M DMF J 2 .  ? 5.268   6.146   -12.715 0.30 15.00 ? 108 DMF A O    1 
HETATM 654 N N    L DMF J 2 .  ? 4.376   5.981   -10.418 0.30 9.57  ? 108 DMF A N    1 
HETATM 655 N N    M DMF J 2 .  ? 5.082   6.111   -10.409 0.30 6.68  ? 108 DMF A N    1 
HETATM 656 H H11  L DMF J 2 .  ? 6.249   5.318   -9.872  0.30 7.84  ? 108 DMF A H11  1 
HETATM 657 H H11  M DMF J 2 .  ? 6.963   6.045   -9.502  0.30 10.73 ? 108 DMF A H11  1 
HETATM 658 H H12  L DMF J 2 .  ? 5.307   6.117   -8.577  0.30 7.84  ? 108 DMF A H12  1 
HETATM 659 H H12  M DMF J 2 .  ? 5.650   6.714   -8.487  0.30 10.73 ? 108 DMF A H12  1 
HETATM 660 H H13  L DMF J 2 .  ? 4.865   4.465   -9.111  0.30 7.84  ? 108 DMF A H13  1 
HETATM 661 H H13  M DMF J 2 .  ? 5.726   4.953   -8.795  0.30 10.73 ? 108 DMF A H13  1 
HETATM 662 H H21  L DMF J 2 .  ? 2.343   6.256   -10.733 0.30 9.22  ? 108 DMF A H21  1 
HETATM 663 H H21  M DMF J 2 .  ? 3.172   5.993   -10.975 0.30 10.41 ? 108 DMF A H21  1 
HETATM 664 H H22  L DMF J 2 .  ? 3.032   7.100   -9.307  0.30 9.22  ? 108 DMF A H22  1 
HETATM 665 H H22  M DMF J 2 .  ? 3.549   7.119   -9.632  0.30 10.41 ? 108 DMF A H22  1 
HETATM 666 H H23  L DMF J 2 .  ? 2.776   5.328   -9.261  0.30 9.22  ? 108 DMF A H23  1 
HETATM 667 H H23  M DMF J 2 .  ? 3.482   5.336   -9.352  0.30 10.41 ? 108 DMF A H23  1 
HETATM 668 H HC   L DMF J 2 .  ? 3.929   6.597   -12.378 0.30 5.71  ? 108 DMF A HC   1 
HETATM 669 H HC   M DMF J 2 .  ? 6.620   6.683   -11.542 0.30 10.25 ? 108 DMF A HC   1 
HETATM 670 C C1   . DMF K 2 .  ? 0.429   5.551   -10.324 0.35 11.11 ? 101 DMF B C1   1 
HETATM 671 C C2   . DMF K 2 .  ? -0.307  7.711   -9.441  0.35 8.78  ? 101 DMF B C2   1 
HETATM 672 C C    . DMF K 2 .  ? 0.765   6.129   -7.967  0.35 21.08 ? 101 DMF B C    1 
HETATM 673 O O    . DMF K 2 .  ? 0.679   6.921   -7.029  0.35 32.87 ? 101 DMF B O    1 
HETATM 674 N N    . DMF K 2 .  ? 0.262   6.409   -9.210  0.35 13.64 ? 101 DMF B N    1 
HETATM 675 H H11  . DMF K 2 .  ? 0.201   4.520   -10.024 0.35 11.29 ? 101 DMF B H11  1 
HETATM 676 H H12  . DMF K 2 .  ? 1.466   5.614   -10.678 0.35 11.29 ? 101 DMF B H12  1 
HETATM 677 H H13  . DMF K 2 .  ? -0.250  5.853   -11.132 0.35 11.29 ? 101 DMF B H13  1 
HETATM 678 H H21  . DMF K 2 .  ? -1.191  7.615   -10.086 0.35 10.48 ? 101 DMF B H21  1 
HETATM 679 H H22  . DMF K 2 .  ? 0.433   8.356   -9.931  0.35 10.48 ? 101 DMF B H22  1 
HETATM 680 H H23  . DMF K 2 .  ? -0.598  8.153   -8.479  0.35 10.48 ? 101 DMF B H23  1 
HETATM 681 H HC   . DMF K 2 .  ? 1.266   5.161   -7.797  0.35 15.56 ? 101 DMF B HC   1 
HETATM 682 C C1   . DMF L 2 .  ? -0.717  8.892   -3.830  0.60 4.60  ? 102 DMF B C1   1 
HETATM 683 C C2   . DMF L 2 .  ? -0.070  6.502   -3.719  0.60 12.73 ? 102 DMF B C2   1 
HETATM 684 C C    . DMF L 2 .  ? 1.186   8.199   -2.484  0.60 6.47  ? 102 DMF B C    1 
HETATM 685 O O    . DMF L 2 .  ? 1.474   9.311   -2.140  0.60 6.18  ? 102 DMF B O    1 
HETATM 686 N N    . DMF L 2 .  ? 0.171   7.878   -3.328  0.60 7.56  ? 102 DMF B N    1 
HETATM 687 H H11  . DMF L 2 .  ? -1.352  9.253   -3.009  0.60 7.55  ? 102 DMF B H11  1 
HETATM 688 H H12  . DMF L 2 .  ? -1.350  8.473   -4.623  0.60 7.55  ? 102 DMF B H12  1 
HETATM 689 H H13  . DMF L 2 .  ? -0.130  9.726   -4.235  0.60 7.55  ? 102 DMF B H13  1 
HETATM 690 H H21  . DMF L 2 .  ? 0.354   6.328   -4.716  0.60 12.46 ? 102 DMF B H21  1 
HETATM 691 H H22  . DMF L 2 .  ? -1.150  6.308   -3.746  0.60 12.46 ? 102 DMF B H22  1 
HETATM 692 H H23  . DMF L 2 .  ? 0.403   5.830   -2.991  0.60 12.46 ? 102 DMF B H23  1 
HETATM 693 H HC   . DMF L 2 .  ? 1.798   7.372   -2.082  0.60 10.66 ? 102 DMF B HC   1 
HETATM 694 C C1   I DMF M 2 .  ? 2.986   -0.666  4.699   0.45 67.95 ? 103 DMF B C1   1 
HETATM 695 C C1   J DMF M 2 .  ? 2.471   0.586   6.956   0.55 15.50 ? 103 DMF B C1   1 
HETATM 696 C C2   I DMF M 2 .  ? 3.058   0.702   6.701   0.45 47.21 ? 103 DMF B C2   1 
HETATM 697 C C2   J DMF M 2 .  ? 0.628   1.887   5.888   0.55 13.72 ? 103 DMF B C2   1 
HETATM 698 C C    I DMF M 2 .  ? 1.900   1.493   4.685   0.45 10.90 ? 103 DMF B C    1 
HETATM 699 C C    J DMF M 2 .  ? 2.496   1.049   4.559   0.55 21.02 ? 103 DMF B C    1 
HETATM 700 O O    I DMF M 2 .  ? 1.647   1.406   3.488   0.45 9.34  ? 103 DMF B O    1 
HETATM 701 O O    J DMF M 2 .  ? 2.080   1.544   3.527   0.55 15.38 ? 103 DMF B O    1 
HETATM 702 N N    I DMF M 2 .  ? 2.596   0.550   5.369   0.45 9.19  ? 103 DMF B N    1 
HETATM 703 N N    J DMF M 2 .  ? 1.900   1.175   5.777   0.55 13.50 ? 103 DMF B N    1 
HETATM 704 H H11  I DMF M 2 .  ? 4.034   -0.887  4.936   0.45 22.40 ? 103 DMF B H11  1 
HETATM 705 H H11  J DMF M 2 .  ? 3.566   0.606   6.881   0.55 10.77 ? 103 DMF B H11  1 
HETATM 706 H H12  I DMF M 2 .  ? 2.870   -0.540  3.615   0.45 22.40 ? 103 DMF B H12  1 
HETATM 707 H H12  J DMF M 2 .  ? 2.125   -0.451  7.047   0.55 10.77 ? 103 DMF B H12  1 
HETATM 708 H H13  I DMF M 2 .  ? 2.349   -1.492  5.041   0.45 22.40 ? 103 DMF B H13  1 
HETATM 709 H H13  J DMF M 2 .  ? 2.160   1.151   7.843   0.55 10.77 ? 103 DMF B H13  1 
HETATM 710 H H21  I DMF M 2 .  ? 3.693   1.594   6.768   0.45 21.95 ? 103 DMF B H21  1 
HETATM 711 H H21  J DMF M 2 .  ? 0.005   1.667   5.012   0.55 11.76 ? 103 DMF B H21  1 
HETATM 712 H H22  I DMF M 2 .  ? 2.199   0.807   7.376   0.45 21.95 ? 103 DMF B H22  1 
HETATM 713 H H22  J DMF M 2 .  ? 0.823   2.966   5.938   0.55 11.76 ? 103 DMF B H22  1 
HETATM 714 H H23  I DMF M 2 .  ? 3.640   -0.182  6.993   0.45 21.95 ? 103 DMF B H23  1 
HETATM 715 H H23  J DMF M 2 .  ? 0.108   1.563   6.798   0.55 11.76 ? 103 DMF B H23  1 
HETATM 716 H HC   I DMF M 2 .  ? 1.547   2.383   5.236   0.45 10.24 ? 103 DMF B HC   1 
HETATM 717 H HC   J DMF M 2 .  ? 3.425   0.453   4.505   0.55 15.49 ? 103 DMF B HC   1 
HETATM 718 C C1   . DMF N 2 .  ? 0.193   10.967  -6.867  0.66 6.05  ? 104 DMF B C1   1 
HETATM 719 C C2   . DMF N 2 .  ? 2.075   9.630   -5.808  0.66 6.27  ? 104 DMF B C2   1 
HETATM 720 C C    . DMF N 2 .  ? 2.073   10.216  -8.161  0.66 6.26  ? 104 DMF B C    1 
HETATM 721 O O    . DMF N 2 .  ? 1.540   10.625  -9.186  0.66 7.02  ? 104 DMF B O    1 
HETATM 722 N N    . DMF N 2 .  ? 1.480   10.266  -6.975  0.66 5.56  ? 104 DMF B N    1 
HETATM 723 H H11  . DMF N 2 .  ? 0.130   11.735  -7.648  0.66 6.87  ? 104 DMF B H11  1 
HETATM 724 H H12  . DMF N 2 .  ? 0.122   11.437  -5.878  0.66 6.87  ? 104 DMF B H12  1 
HETATM 725 H H13  . DMF N 2 .  ? -0.629  10.251  -6.993  0.66 6.87  ? 104 DMF B H13  1 
HETATM 726 H H21  . DMF N 2 .  ? 3.076   9.262   -6.065  0.66 6.67  ? 104 DMF B H21  1 
HETATM 727 H H22  . DMF N 2 .  ? 1.444   8.790   -5.489  0.66 6.67  ? 104 DMF B H22  1 
HETATM 728 H H23  . DMF N 2 .  ? 2.157   10.357  -4.990  0.66 6.67  ? 104 DMF B H23  1 
HETATM 729 H HC   . DMF N 2 .  ? 3.088   9.787   -8.225  0.66 7.36  ? 104 DMF B HC   1 
HETATM 730 C C1   . DMF O 2 .  ? -1.120  -0.640  4.557   0.45 6.71  ? 105 DMF B C1   1 
HETATM 731 C C2   . DMF O 2 .  ? -0.284  -0.067  2.410   0.45 40.71 ? 105 DMF B C2   1 
HETATM 732 C C    . DMF O 2 .  ? 0.389   -2.155  3.472   0.45 13.71 ? 105 DMF B C    1 
HETATM 733 O O    . DMF O 2 .  ? 1.132   -2.672  2.643   0.45 23.56 ? 105 DMF B O    1 
HETATM 734 N N    . DMF O 2 .  ? -0.268  -1.032  3.494   0.45 16.28 ? 105 DMF B N    1 
HETATM 735 H H11  . DMF O 2 .  ? -0.807  -1.136  5.484   0.45 10.73 ? 105 DMF B H11  1 
HETATM 736 H H12  . DMF O 2 .  ? -2.153  -0.925  4.319   0.45 10.73 ? 105 DMF B H12  1 
HETATM 737 H H13  . DMF O 2 .  ? -1.056  0.448   4.687   0.45 10.73 ? 105 DMF B H13  1 
HETATM 738 H H21  . DMF O 2 .  ? 0.007   -0.558  1.472   0.45 37.17 ? 105 DMF B H21  1 
HETATM 739 H H22  . DMF O 2 .  ? 0.424   0.742   2.632   0.45 37.17 ? 105 DMF B H22  1 
HETATM 740 H H23  . DMF O 2 .  ? -1.295  0.345   2.302   0.45 37.17 ? 105 DMF B H23  1 
HETATM 741 H HC   . DMF O 2 .  ? 0.251   -2.764  4.383   0.45 13.94 ? 105 DMF B HC   1 
HETATM 742 O O1   . ETZ P 3 .  ? 8.478   11.591  -5.790  0.30 8.54  ? 106 ETZ B O1   1 
HETATM 743 C C1   . ETZ P 3 .  ? 6.443   12.799  -6.174  0.30 7.87  ? 106 ETZ B C1   1 
HETATM 744 C C2   . ETZ P 3 .  ? 7.602   12.568  -5.230  0.30 8.10  ? 106 ETZ B C2   1 
HETATM 745 C C3   . ETZ P 3 .  ? 9.625   11.531  -4.859  0.30 9.03  ? 106 ETZ B C3   1 
HETATM 746 C C4   . ETZ P 3 .  ? 10.725  10.761  -5.477  0.30 9.13  ? 106 ETZ B C4   1 
HETATM 747 H H1   . ETZ P 3 .  ? 6.815   12.895  -7.196  0.30 11.26 ? 106 ETZ B H1   1 
HETATM 748 H H2   . ETZ P 3 .  ? 5.924   13.717  -5.892  0.30 11.26 ? 106 ETZ B H2   1 
HETATM 749 H H3   . ETZ P 3 .  ? 5.750   11.958  -6.116  0.30 11.26 ? 106 ETZ B H3   1 
HETATM 750 H H4   . ETZ P 3 .  ? 8.148   13.506  -5.071  0.30 8.02  ? 106 ETZ B H4   1 
HETATM 751 H H5   . ETZ P 3 .  ? 7.229   12.219  -4.260  0.30 8.02  ? 106 ETZ B H5   1 
HETATM 752 H H6   . ETZ P 3 .  ? 9.316   11.052  -3.922  0.30 10.56 ? 106 ETZ B H6   1 
HETATM 753 H H7   . ETZ P 3 .  ? 9.972   12.545  -4.629  0.30 10.56 ? 106 ETZ B H7   1 
HETATM 754 H H8   . ETZ P 3 .  ? 10.333  10.177  -6.311  0.30 15.41 ? 106 ETZ B H8   1 
HETATM 755 H H9   . ETZ P 3 .  ? 11.159  10.092  -4.731  0.30 15.41 ? 106 ETZ B H9   1 
HETATM 756 H H10  . ETZ P 3 .  ? 11.492  11.447  -5.840  0.30 15.41 ? 106 ETZ B H10  1 
HETATM 757 O O    . HOH Q 4 .  ? 4.191   -9.954  1.483   1.00 2.90  ? 201 HOH A O    1 
HETATM 758 H H1   . HOH Q 4 .  ? 5.027   -9.984  1.959   1.00 4.66  ? 201 HOH A H1   1 
HETATM 759 H H2   . HOH Q 4 .  ? 4.303   -10.050 0.505   1.00 4.66  ? 201 HOH A H2   1 
HETATM 760 O O    . HOH Q 4 .  ? 9.094   -14.313 2.588   1.00 3.10  ? 202 HOH A O    1 
HETATM 761 H H1   . HOH Q 4 .  ? 9.746   -13.733 2.992   1.00 4.56  ? 202 HOH A H1   1 
HETATM 762 H H2   . HOH Q 4 .  ? 8.697   -13.686 1.971   1.00 4.56  ? 202 HOH A H2   1 
# 
loop_
_atom_site_anisotrop.id 
_atom_site_anisotrop.type_symbol 
_atom_site_anisotrop.pdbx_label_atom_id 
_atom_site_anisotrop.pdbx_label_alt_id 
_atom_site_anisotrop.pdbx_label_comp_id 
_atom_site_anisotrop.pdbx_label_asym_id 
_atom_site_anisotrop.pdbx_label_seq_id 
_atom_site_anisotrop.pdbx_PDB_ins_code 
_atom_site_anisotrop.U[1][1] 
_atom_site_anisotrop.U[2][2] 
_atom_site_anisotrop.U[3][3] 
_atom_site_anisotrop.U[1][2] 
_atom_site_anisotrop.U[1][3] 
_atom_site_anisotrop.U[2][3] 
_atom_site_anisotrop.pdbx_auth_seq_id 
_atom_site_anisotrop.pdbx_auth_comp_id 
_atom_site_anisotrop.pdbx_auth_asym_id 
_atom_site_anisotrop.pdbx_auth_atom_id 
1   O O12 . QUA A 1  ? 0.0585 0.0317 0.0236 -0.0025 -0.0014 0.0041  1   QUA A O12 
2   C C11 . QUA A 1  ? 0.0401 0.0336 0.0229 0.0030  -0.0009 0.0026  1   QUA A C11 
3   C C2  . QUA A 1  ? 0.0369 0.0295 0.0236 0.0007  0.0006  0.0032  1   QUA A C2  
4   N N1  . QUA A 1  ? 0.0373 0.0304 0.0237 0.0003  0.0001  0.0045  1   QUA A N1  
5   C C3  . QUA A 1  ? 0.0395 0.0321 0.0256 -0.0008 0.0025  0.0069  1   QUA A C3  
6   C C9  . QUA A 1  ? 0.0320 0.0305 0.0303 -0.0019 0.0037  0.0051  1   QUA A C9  
7   C C4  . QUA A 1  ? 0.0361 0.0367 0.0250 -0.0042 0.0018  0.0025  1   QUA A C4  
8   C C8  . QUA A 1  ? 0.0346 0.0317 0.0328 -0.0019 0.0028  0.0084  1   QUA A C8  
9   C C10 . QUA A 1  ? 0.0349 0.0313 0.0329 -0.0024 0.0036  0.0021  1   QUA A C10 
10  O O16 . QUA A 1  ? 0.0353 0.0388 0.0325 -0.0026 0.0014  0.0073  1   QUA A O16 
11  C C7  . QUA A 1  ? 0.0390 0.0307 0.0397 -0.0025 0.0061  0.0048  1   QUA A C7  
12  C C13 . QUA A 1  ? 0.0434 0.0376 0.0238 -0.0029 0.0011  0.0006  1   QUA A C13 
13  O O15 . QUA A 1  ? 0.0480 0.0405 0.0221 -0.0021 0.0035  0.0013  1   QUA A O15 
14  C C5  . QUA A 1  ? 0.0425 0.0381 0.0383 -0.0083 -0.0016 0.0025  1   QUA A C5  
15  C C14 . QUA A 1  ? 0.0467 0.0457 0.0340 0.0019  0.0074  0.0006  1   QUA A C14 
16  C C6  . QUA A 1  ? 0.0484 0.0295 0.0442 -0.0067 0.0021  0.0009  1   QUA A C6  
28  N N   . ILE A 2  ? 0.0405 0.0414 0.0340 0.0002  0.0097  0.0088  2   ILE A N   
29  C CA  . ILE A 2  ? 0.0419 0.0324 0.0379 0.0053  0.0093  0.0086  2   ILE A CA  
30  C C   . ILE A 2  ? 0.0547 0.0345 0.0300 0.0086  -0.0004 0.0038  2   ILE A C   
31  O O   . ILE A 2  ? 0.0692 0.0402 0.0328 0.0104  -0.0100 0.0055  2   ILE A O   
32  C CB  . ILE A 2  ? 0.0390 0.0308 0.0443 0.0023  0.0062  0.0055  2   ILE A CB  
33  C CG1 . ILE A 2  ? 0.0399 0.0411 0.0462 -0.0002 0.0084  -0.0007 2   ILE A CG1 
34  C CG2 . ILE A 2  ? 0.0445 0.0399 0.0682 -0.0047 0.0045  0.0108  2   ILE A CG2 
35  C CD1 . ILE A 2  ? 0.0470 0.0541 0.0791 0.0060  0.0162  -0.0094 2   ILE A CD1 
47  N N   . ALA A 3  ? 0.0555 0.0327 0.0333 0.0041  -0.0066 0.0055  3   ALA A N   
48  C CA  . ALA A 3  ? 0.0645 0.0320 0.0350 0.0008  -0.0163 0.0023  3   ALA A CA  
49  C C   . ALA A 3  ? 0.0593 0.0314 0.0332 -0.0016 -0.0151 0.0040  3   ALA A C   
50  O O   . ALA A 3  ? 0.0595 0.0372 0.0329 -0.0100 -0.0122 0.0077  3   ALA A O   
51  C CB  . ALA A 3  ? 0.0565 0.0375 0.0684 -0.0038 -0.0246 0.0099  3   ALA A CB  
57  N N   . DHA A 4  ? 0.0868 0.0312 0.0401 0.0011  -0.0284 0.0023  4   DHA A N   
58  C CA  . DHA A 4  ? 0.0448 0.0287 0.0349 -0.0018 -0.0090 0.0054  4   DHA A CA  
59  C CB  . DHA A 4  ? 0.0594 0.0335 0.0321 0.0005  -0.0013 0.0043  4   DHA A CB  
60  C C   . DHA A 4  ? 0.0508 0.0287 0.0270 -0.0018 -0.0021 0.0048  4   DHA A C   
61  O O   . DHA A 4  ? 0.0731 0.0383 0.0287 0.0011  -0.0088 0.0054  4   DHA A O   
65  N N   . ALA A 5  ? 0.0577 0.0295 0.0302 0.0022  0.0033  0.0039  5   ALA A N   
66  C CA  . ALA A 5  ? 0.0645 0.0332 0.0276 0.0055  0.0040  0.0047  5   ALA A CA  
67  C C   . ALA A 5  ? 0.0697 0.0388 0.0253 0.0145  0.0036  0.0059  5   ALA A C   
68  O O   . ALA A 5  ? 0.0821 0.0699 0.0265 0.0300  0.0113  0.0107  5   ALA A O   
69  C CB  . ALA A 5  ? 0.0917 0.0384 0.0407 -0.0064 0.0114  -0.0032 5   ALA A CB  
75  N N   C SER A 6  ? 0.0566 0.0294 0.0256 0.0110  0.0003  0.0037  6   SER A N   
76  N N   D SER A 6  ? 0.0707 0.0379 0.0191 0.0134  0.0015  0.0006  6   SER A N   
77  C CA  C SER A 6  ? 0.0557 0.0339 0.0230 0.0108  0.0058  0.0062  6   SER A CA  
78  C CA  D SER A 6  ? 0.0609 0.0389 0.0219 0.0145  0.0030  0.0038  6   SER A CA  
79  C C   . SER A 6  ? 0.0706 0.0375 0.0202 0.0182  -0.0014 0.0047  6   SER A C   
80  C CB  C SER A 6  ? 0.0528 0.0326 0.0258 0.0104  0.0042  0.0057  6   SER A CB  
81  C CB  D SER A 6  ? 0.0740 0.0393 0.0231 0.0159  0.0067  0.0035  6   SER A CB  
88  N N   . BB9 A 7  ? 0.0662 0.0392 0.0205 0.0126  -0.0016 0.0032  7   BB9 A N   
89  C CA  . BB9 A 7  ? 0.0622 0.0421 0.0202 0.0122  -0.0008 0.0036  7   BB9 A CA  
90  C C   . BB9 A 7  ? 0.0554 0.0437 0.0220 0.0110  -0.0021 0.0013  7   BB9 A C   
91  O O   . BB9 A 7  ? 0.0595 0.0448 0.0251 0.0031  0.0022  -0.0060 7   BB9 A O   
92  C CB  . BB9 A 7  ? 0.0807 0.0414 0.0195 0.0121  0.0008  0.0051  7   BB9 A CB  
93  S SG  . BB9 A 7  ? 0.0924 0.0390 0.0217 0.0091  0.0064  0.0052  7   BB9 A SG  
95  N N   . THR A 8  ? 0.0584 0.0483 0.0246 0.0082  0.0013  0.0031  8   THR A N   
96  C CA  . THR A 8  ? 0.0494 0.0471 0.0268 0.0098  -0.0026 0.0028  8   THR A CA  
97  C C   . THR A 8  ? 0.0437 0.0623 0.0372 0.0164  -0.0038 0.0070  8   THR A C   
98  O O   . THR A 8  ? 0.0665 0.0688 0.0785 0.0273  0.0135  0.0164  8   THR A O   
99  C CB  . THR A 8  ? 0.0405 0.0455 0.0281 0.0084  0.0011  0.0058  8   THR A CB  
100 O OG1 . THR A 8  ? 0.0446 0.0460 0.0388 0.0051  0.0009  0.0052  8   THR A OG1 
101 C CG2 . THR A 8  ? 0.0463 0.0492 0.0294 0.0086  -0.0055 0.0050  8   THR A CG2 
109 N N   . DBU A 9  ? 0.0408 0.0731 0.0321 0.0065  -0.0053 0.0073  9   DBU A N   
110 C CA  . DBU A 9  ? 0.0366 0.0918 0.0431 0.0090  -0.0073 0.0117  9   DBU A CA  
111 C CB  . DBU A 9  ? 0.0438 0.1441 0.0727 0.0154  -0.0094 0.0377  9   DBU A CB  
112 C CG  . DBU A 9  ? 0.0683 0.1972 0.0931 0.0063  -0.0279 0.0762  9   DBU A CG  
113 C C   . DBU A 9  ? 0.0324 0.0825 0.0357 0.0096  -0.0008 0.0099  9   DBU A C   
119 N N   . DCY A 10 ? 0.0292 0.0668 0.0340 0.0055  -0.0009 0.0071  10  DCY A N   
120 C CA  . DCY A 10 ? 0.0296 0.0766 0.0348 0.0038  -0.0006 0.0053  10  DCY A CA  
121 C C   . DCY A 10 ? 0.0341 0.0542 0.0289 0.0031  0.0006  0.0042  10  DCY A C   
122 O O   . DCY A 10 ? 0.0392 0.0646 0.0329 0.0001  0.0075  0.0042  10  DCY A O   
123 C CB  . DCY A 10 ? 0.0328 0.1242 0.0438 0.0138  0.0042  0.0151  10  DCY A CB  
124 S SG  . DCY A 10 ? 0.0313 0.1161 0.0504 0.0113  0.0001  0.0136  10  DCY A SG  
128 N N   . TS9 A 11 ? 0.0317 0.0595 0.0258 0.0019  -0.0025 0.0054  11  TS9 A N   
129 C CA  . TS9 A 11 ? 0.0327 0.0455 0.0239 -0.0024 -0.0027 0.0071  11  TS9 A CA  
130 C C   . TS9 A 11 ? 0.0472 0.0434 0.0215 0.0030  0.0027  0.0074  11  TS9 A C   
131 C CB  . TS9 A 11 ? 0.0309 0.0393 0.0264 -0.0028 -0.0020 0.0084  11  TS9 A CB  
132 O OG3 . TS9 A 11 ? 0.0341 0.0420 0.0270 0.0005  0.0000  0.0096  11  TS9 A OG3 
133 C CG2 . TS9 A 11 ? 0.0362 0.0382 0.0313 -0.0070 -0.0059 0.0102  11  TS9 A CG2 
134 C CG1 . TS9 A 11 ? 0.0308 0.0416 0.0267 -0.0062 -0.0044 0.0072  11  TS9 A CG1 
135 O OD2 . TS9 A 11 ? 0.0591 0.0453 0.0267 -0.0205 -0.0039 0.0066  11  TS9 A OD2 
136 C CD1 . TS9 A 11 ? 0.0359 0.0408 0.0426 0.0010  0.0000  0.0090  11  TS9 A CD1 
148 N N   . BB9 A 12 ? 0.0447 0.0419 0.0202 0.0035  -0.0003 0.0050  12  BB9 A N   
149 C CA  . BB9 A 12 ? 0.0620 0.0425 0.0209 0.0052  0.0052  0.0049  12  BB9 A CA  
150 C C   . BB9 A 12 ? 0.0699 0.0392 0.0184 0.0091  0.0063  0.0022  12  BB9 A C   
151 O O   . BB9 A 12 ? 0.1007 0.0390 0.0290 0.0084  0.0139  0.0010  12  BB9 A O   
152 C CB  . BB9 A 12 ? 0.1170 0.0486 0.0233 -0.0005 0.0183  0.0048  12  BB9 A CB  
153 S SG  . BB9 A 12 ? 0.1079 0.0521 0.0239 0.0014  0.0179  0.0073  12  BB9 A SG  
155 N N   C THR A 13 ? 0.0572 0.0349 0.0202 0.0071  0.0091  0.0073  13  THR A N   
156 N N   D THR A 13 ? 0.0696 0.0219 0.0236 0.0037  -0.0108 0.0009  13  THR A N   
157 C CA  C THR A 13 ? 0.0499 0.0273 0.0223 0.0036  0.0011  0.0041  13  THR A CA  
158 C CA  D THR A 13 ? 0.0506 0.0427 0.0133 -0.0033 0.0018  0.0080  13  THR A CA  
159 C C   C THR A 13 ? 0.0417 0.0294 0.0240 -0.0014 0.0011  0.0043  13  THR A C   
160 C C   D THR A 13 ? 0.0478 0.0283 0.0211 0.0042  0.0044  0.0034  13  THR A C   
161 C CB  C THR A 13 ? 0.0496 0.0280 0.0158 0.0025  -0.0005 0.0067  13  THR A CB  
162 C CB  D THR A 13 ? 0.0516 0.0318 0.0190 0.0063  0.0106  0.0086  13  THR A CB  
163 O OG1 C THR A 13 ? 0.0503 0.0273 0.0230 0.0033  0.0012  0.0009  13  THR A OG1 
164 O OG1 D THR A 13 ? 0.0537 0.0388 0.0220 0.0144  -0.0016 0.0139  13  THR A OG1 
165 C CG2 C THR A 13 ? 0.0572 0.0395 0.0176 0.0075  -0.0014 0.0039  13  THR A CG2 
166 C CG2 D THR A 13 ? 0.0493 0.0482 0.0182 0.0093  -0.0036 0.0033  13  THR A CG2 
179 N N   C BB9 A 14 ? 0.0431 0.0280 0.0224 -0.0018 -0.0012 0.0016  14  BB9 A N   
180 N N   D BB9 A 14 ? 0.0420 0.0292 0.0213 0.0023  -0.0045 0.0094  14  BB9 A N   
181 C CA  C BB9 A 14 ? 0.0387 0.0300 0.0232 0.0039  0.0024  0.0039  14  BB9 A CA  
182 C CA  D BB9 A 14 ? 0.0438 0.0457 0.0346 -0.0016 -0.0050 0.0112  14  BB9 A CA  
183 C C   C BB9 A 14 ? 0.0493 0.0324 0.0236 0.0082  0.0036  0.0055  14  BB9 A C   
184 C C   D BB9 A 14 ? 0.0689 0.0372 0.0297 0.0138  0.0118  0.0026  14  BB9 A C   
185 C CB  C BB9 A 14 ? 0.0442 0.0451 0.0342 -0.0005 0.0010  0.0099  14  BB9 A CB  
186 C CB  D BB9 A 14 ? 0.0414 0.0371 0.0316 0.0068  0.0029  0.0035  14  BB9 A CB  
187 S SG  C BB9 A 14 ? 0.0442 0.0443 0.0374 -0.0019 0.0045  0.0135  14  BB9 A SG  
188 S SG  D BB9 A 14 ? 0.0458 0.0495 0.0321 0.0024  0.0070  0.0091  14  BB9 A SG  
193 N N   C MH6 A 15 ? 0.0500 0.0308 0.0240 0.0077  0.0063  0.0036  15  MH6 A N   
194 N N   D MH6 A 15 ? 0.0751 0.0339 0.0335 0.0208  -0.0026 -0.0048 15  MH6 A N   
195 C CA  C MH6 A 15 ? 0.0482 0.0307 0.0303 0.0115  0.0022  0.0041  15  MH6 A CA  
196 C CA  D MH6 A 15 ? 0.0823 0.0447 0.0286 0.0114  -0.0059 0.0002  15  MH6 A CA  
197 C C   C MH6 A 15 ? 0.0458 0.0343 0.0299 0.0110  -0.0010 0.0016  15  MH6 A C   
198 C C   D MH6 A 15 ? 0.1121 0.0511 0.0359 0.0116  -0.0171 -0.0047 15  MH6 A C   
199 C CB  C MH6 A 15 ? 0.0536 0.0321 0.0311 0.0088  0.0049  0.0050  15  MH6 A CB  
200 C CB  D MH6 A 15 ? 0.0862 0.0386 0.0310 0.0180  -0.0045 0.0038  15  MH6 A CB  
205 N N   C BB9 A 16 ? 0.0750 0.0456 0.0348 -0.0060 0.0107  -0.0064 16  BB9 A N   
206 N N   D BB9 A 16 ? 0.1331 0.0607 0.0398 0.0343  -0.0050 -0.0217 16  BB9 A N   
207 C CA  C BB9 A 16 ? 0.0692 0.0587 0.0455 -0.0001 0.0060  -0.0167 16  BB9 A CA  
208 C CA  D BB9 A 16 ? 0.0772 0.0769 0.0723 0.0049  0.0015  -0.0406 16  BB9 A CA  
209 C C   C BB9 A 16 ? 0.0917 0.0688 0.0540 -0.0094 0.0078  -0.0224 16  BB9 A C   
210 C C   D BB9 A 16 ? 0.0969 0.0806 0.0823 -0.0051 -0.0010 -0.0368 16  BB9 A C   
211 O O   C BB9 A 16 ? 0.2073 0.1335 0.0642 -0.0859 0.0510  -0.0600 16  BB9 A O   
212 O O   D BB9 A 16 ? 0.1033 0.1788 0.1933 -0.0555 0.0614  -0.1526 16  BB9 A O   
213 C CB  C BB9 A 16 ? 0.0596 0.0582 0.0382 0.0014  -0.0011 -0.0141 16  BB9 A CB  
214 C CB  D BB9 A 16 ? 0.1599 0.0841 0.0934 0.0069  0.0420  -0.0356 16  BB9 A CB  
215 S SG  C BB9 A 16 ? 0.0584 0.0432 0.0306 0.0070  0.0024  -0.0015 16  BB9 A SG  
216 S SG  D BB9 A 16 ? 0.1780 0.0676 0.0343 0.0299  -0.0013 -0.0002 16  BB9 A SG  
219 N N   C DHA A 17 ? 0.0796 0.0606 0.0528 0.0058  0.0031  -0.0158 17  DHA A N   
220 N N   D DHA A 17 ? 0.1157 0.0717 0.0826 -0.0186 0.0012  -0.0378 17  DHA A N   
221 C CA  C DHA A 17 ? 0.0771 0.0672 0.0578 0.0038  0.0042  -0.0117 17  DHA A CA  
222 C CA  D DHA A 17 ? 0.0930 0.0735 0.0953 -0.0127 0.0113  -0.0308 17  DHA A CA  
223 C CB  C DHA A 17 ? 0.0921 0.0736 0.0649 0.0025  -0.0041 -0.0147 17  DHA A CB  
224 C CB  D DHA A 17 ? 0.0897 0.0665 0.0634 -0.0154 0.0068  -0.0193 17  DHA A CB  
225 C C   C DHA A 17 ? 0.0684 0.0928 0.0538 0.0136  0.0043  -0.0094 17  DHA A C   
226 C C   D DHA A 17 ? 0.1052 0.0555 0.1006 -0.0056 0.0211  -0.0221 17  DHA A C   
227 O O   C DHA A 17 ? 0.1740 0.1444 0.1037 -0.0353 -0.0110 -0.0364 17  DHA A O   
228 O O   D DHA A 17 ? 0.0714 0.0420 0.0232 -0.0203 0.0134  -0.0053 17  DHA A O   
235 N N   C DHA A 18 ? 0.0747 0.1070 0.0774 0.0078  0.0138  -0.0001 18  DHA A N   
236 N N   D DHA A 18 ? 0.0998 0.0588 0.0902 -0.0097 0.0129  -0.0210 18  DHA A N   
237 C CA  C DHA A 18 ? 0.0683 0.1409 0.0802 0.0356  0.0192  0.0158  18  DHA A CA  
238 C CA  D DHA A 18 ? 0.0810 0.0719 0.0816 -0.0023 0.0023  -0.0131 18  DHA A CA  
239 C CB  C DHA A 18 ? 0.0996 0.2675 0.1330 -0.0124 0.0426  -0.0637 18  DHA A CB  
240 C CB  D DHA A 18 ? 0.0499 0.0530 0.0434 -0.0111 -0.0027 0.0087  18  DHA A CB  
241 C C   C DHA A 18 ? 0.0756 0.1473 0.1071 0.0283  0.0273  0.0173  18  DHA A C   
242 C C   D DHA A 18 ? 0.0585 0.0705 0.1218 -0.0006 0.0090  -0.0105 18  DHA A C   
243 O O   C DHA A 18 ? 0.1083 0.2135 0.1139 -0.0097 0.0234  0.0143  18  DHA A O   
244 O O   D DHA A 18 ? 0.1011 0.1334 0.2022 -0.0362 0.0639  -0.0734 18  DHA A O   
251 N N   C NH2 A 19 ? 0.1141 0.2251 0.1239 0.0495  0.0484  0.0510  19  NH2 A N   
252 N N   D NH2 A 19 ? 0.0947 0.0556 0.1350 0.0084  0.0319  -0.0110 19  NH2 A N   
257 O O12 . QUA B 1  ? 0.0256 0.0448 0.0344 -0.0098 0.0013  -0.0091 1   QUA B O12 
258 C C11 . QUA B 1  ? 0.0247 0.0307 0.0310 -0.0050 0.0005  -0.0049 1   QUA B C11 
259 C C2  . QUA B 1  ? 0.0233 0.0274 0.0327 -0.0053 -0.0003 -0.0029 1   QUA B C2  
260 N N1  . QUA B 1  ? 0.0235 0.0287 0.0310 -0.0052 0.0008  -0.0017 1   QUA B N1  
261 C C3  . QUA B 1  ? 0.0254 0.0301 0.0300 -0.0074 0.0014  -0.0037 1   QUA B C3  
262 C C9  . QUA B 1  ? 0.0232 0.0285 0.0337 -0.0047 0.0014  -0.0007 1   QUA B C9  
263 C C4  . QUA B 1  ? 0.0275 0.0301 0.0291 -0.0067 0.0010  -0.0014 1   QUA B C4  
264 C C8  . QUA B 1  ? 0.0236 0.0316 0.0362 -0.0047 0.0027  -0.0010 1   QUA B C8  
265 C C10 . QUA B 1  ? 0.0274 0.0284 0.0312 -0.0052 0.0027  0.0015  1   QUA B C10 
266 O O16 . QUA B 1  ? 0.0278 0.0322 0.0371 -0.0079 -0.0003 0.0021  1   QUA B O16 
267 C C7  . QUA B 1  ? 0.0265 0.0337 0.0384 -0.0043 0.0039  0.0008  1   QUA B C7  
268 C C13 . QUA B 1  ? 0.0304 0.0323 0.0321 -0.0082 -0.0004 -0.0027 1   QUA B C13 
269 O O15 . QUA B 1  ? 0.0305 0.0334 0.0342 -0.0089 -0.0030 -0.0031 1   QUA B O15 
270 C C5  . QUA B 1  ? 0.0285 0.0420 0.0317 -0.0055 0.0021  -0.0006 1   QUA B C5  
271 C C14 . QUA B 1  ? 0.0386 0.0321 0.0464 -0.0072 0.0041  -0.0083 1   QUA B C14 
272 C C6  . QUA B 1  ? 0.0296 0.0422 0.0385 -0.0030 0.0085  0.0002  1   QUA B C6  
284 N N   . ILE B 2  ? 0.0308 0.0299 0.0446 -0.0064 -0.0012 -0.0012 2   ILE B N   
285 C CA  . ILE B 2  ? 0.0247 0.0325 0.0478 -0.0008 -0.0009 -0.0020 2   ILE B CA  
286 C C   . ILE B 2  ? 0.0276 0.0421 0.0424 -0.0007 -0.0033 -0.0072 2   ILE B C   
287 O O   . ILE B 2  ? 0.0289 0.0648 0.0485 0.0027  -0.0091 -0.0152 2   ILE B O   
288 C CB  . ILE B 2  ? 0.0286 0.0356 0.0473 -0.0003 0.0069  0.0022  2   ILE B CB  
289 C CG1 . ILE B 2  ? 0.0398 0.0321 0.0535 -0.0008 0.0106  0.0008  2   ILE B CG1 
290 C CG2 . ILE B 2  ? 0.0382 0.0499 0.0541 -0.0003 0.0113  0.0109  2   ILE B CG2 
291 C CD1 . ILE B 2  ? 0.0623 0.0401 0.0655 0.0110  0.0220  0.0069  2   ILE B CD1 
303 N N   . ALA B 3  ? 0.0267 0.0435 0.0370 -0.0008 -0.0014 -0.0053 3   ALA B N   
304 C CA  . ALA B 3  ? 0.0255 0.0426 0.0346 0.0005  -0.0036 -0.0055 3   ALA B CA  
305 C C   . ALA B 3  ? 0.0254 0.0389 0.0322 -0.0023 -0.0038 -0.0022 3   ALA B C   
306 O O   . ALA B 3  ? 0.0311 0.0479 0.0311 -0.0065 -0.0036 -0.0030 3   ALA B O   
307 C CB  . ALA B 3  ? 0.0378 0.0503 0.0419 0.0083  -0.0040 -0.0001 3   ALA B CB  
313 N N   . DHA B 4  ? 0.0270 0.0488 0.0338 -0.0009 -0.0031 -0.0060 4   DHA B N   
314 C CA  . DHA B 4  ? 0.0263 0.0395 0.0321 -0.0023 -0.0010 -0.0046 4   DHA B CA  
315 C CB  . DHA B 4  ? 0.0299 0.0389 0.0435 -0.0072 0.0011  -0.0074 4   DHA B CB  
316 C C   . DHA B 4  ? 0.0272 0.0383 0.0309 -0.0025 -0.0014 -0.0033 4   DHA B C   
317 O O   . DHA B 4  ? 0.0298 0.0529 0.0359 -0.0023 -0.0042 -0.0094 4   DHA B O   
321 N N   . ALA B 5  ? 0.0269 0.0369 0.0438 -0.0030 -0.0028 -0.0080 5   ALA B N   
322 C CA  . ALA B 5  ? 0.0288 0.0320 0.0366 -0.0033 -0.0013 -0.0038 5   ALA B CA  
323 C C   . ALA B 5  ? 0.0296 0.0316 0.0342 -0.0040 -0.0007 -0.0058 5   ALA B C   
324 O O   . ALA B 5  ? 0.0415 0.0360 0.0467 -0.0089 -0.0101 -0.0072 5   ALA B O   
325 C CB  . ALA B 5  ? 0.0380 0.0422 0.0459 -0.0032 0.0074  0.0029  5   ALA B CB  
331 N N   A SER B 6  ? 0.0261 0.0315 0.0229 -0.0038 0.0032  0.0013  6   SER B N   
332 N N   B SER B 6  ? 0.0241 0.0270 0.0302 -0.0081 -0.0017 -0.0094 6   SER B N   
333 C CA  A SER B 6  ? 0.0260 0.0323 0.0247 -0.0021 0.0007  -0.0005 6   SER B CA  
334 C CA  B SER B 6  ? 0.0257 0.0339 0.0271 -0.0026 0.0014  -0.0038 6   SER B CA  
335 C C   A SER B 6  ? 0.0268 0.0297 0.0208 -0.0058 -0.0015 0.0013  6   SER B C   
336 C C   B SER B 6  ? 0.0191 0.0352 0.0338 -0.0012 0.0080  -0.0056 6   SER B C   
337 C CB  A SER B 6  ? 0.0254 0.0431 0.0314 -0.0033 0.0031  -0.0049 6   SER B CB  
338 C CB  B SER B 6  ? 0.0254 0.0431 0.0314 -0.0033 0.0031  -0.0049 6   SER B CB  
345 N N   A BB9 B 7  ? 0.0288 0.0315 0.0231 -0.0082 0.0017  -0.0011 7   BB9 B N   
346 N N   B BB9 B 7  ? 0.0171 0.0321 0.0263 -0.0119 -0.0053 0.0028  7   BB9 B N   
347 C CA  A BB9 B 7  ? 0.0286 0.0286 0.0220 -0.0066 -0.0010 0.0033  7   BB9 B CA  
348 C CA  B BB9 B 7  ? 0.0184 0.0351 0.0231 -0.0111 -0.0004 0.0022  7   BB9 B CA  
349 C C   A BB9 B 7  ? 0.0283 0.0328 0.0207 -0.0065 -0.0006 0.0024  7   BB9 B C   
350 C C   B BB9 B 7  ? 0.0265 0.0311 0.0209 -0.0115 0.0021  -0.0048 7   BB9 B C   
351 O O   A BB9 B 7  ? 0.0370 0.0342 0.0248 -0.0096 0.0070  -0.0041 7   BB9 B O   
352 O O   B BB9 B 7  ? 0.0331 0.0418 0.0210 -0.0206 0.0045  -0.0040 7   BB9 B O   
353 C CB  A BB9 B 7  ? 0.0275 0.0387 0.0206 -0.0090 0.0018  0.0025  7   BB9 B CB  
354 C CB  B BB9 B 7  ? 0.0418 0.0354 0.0215 -0.0196 -0.0089 0.0018  7   BB9 B CB  
355 S SG  A BB9 B 7  ? 0.0277 0.0439 0.0263 -0.0130 0.0019  -0.0033 7   BB9 B SG  
356 S SG  B BB9 B 7  ? 0.0354 0.0509 0.0341 -0.0171 0.0007  -0.0104 7   BB9 B SG  
359 N N   . THR B 8  ? 0.0301 0.0338 0.0343 -0.0063 -0.0030 -0.0045 8   THR B N   
360 C CA  . THR B 8  ? 0.0305 0.0298 0.0322 -0.0070 -0.0042 -0.0004 8   THR B CA  
361 C C   . THR B 8  ? 0.0367 0.0306 0.0349 -0.0018 -0.0067 0.0006  8   THR B C   
362 O O   . THR B 8  ? 0.0430 0.0364 0.0585 0.0037  0.0036  -0.0012 8   THR B O   
363 C CB  . THR B 8  ? 0.0304 0.0284 0.0347 -0.0040 -0.0037 0.0006  8   THR B CB  
364 O OG1 . THR B 8  ? 0.0335 0.0354 0.0381 -0.0040 0.0008  0.0031  8   THR B OG1 
365 C CG2 . THR B 8  ? 0.0346 0.0370 0.0339 -0.0019 -0.0070 0.0014  8   THR B CG2 
373 N N   . DBU B 9  ? 0.0403 0.0325 0.0340 -0.0046 -0.0056 0.0035  9   DBU B N   
374 C CA  . DBU B 9  ? 0.0480 0.0324 0.0413 -0.0042 -0.0117 0.0114  9   DBU B CA  
375 C CB  . DBU B 9  ? 0.0623 0.0435 0.0560 -0.0017 -0.0170 0.0190  9   DBU B CB  
376 C CG  . DBU B 9  ? 0.0681 0.0617 0.0775 -0.0051 -0.0316 0.0257  9   DBU B CG  
377 C C   . DBU B 9  ? 0.0508 0.0263 0.0332 -0.0080 -0.0039 0.0077  9   DBU B C   
383 N N   . DCY B 10 ? 0.0436 0.0238 0.0367 -0.0062 -0.0050 0.0039  10  DCY B N   
384 C CA  . DCY B 10 ? 0.0479 0.0284 0.0343 -0.0087 -0.0003 0.0025  10  DCY B CA  
385 C C   . DCY B 10 ? 0.0398 0.0264 0.0330 -0.0078 0.0006  0.0014  10  DCY B C   
386 O O   . DCY B 10 ? 0.0478 0.0283 0.0379 -0.0120 -0.0011 -0.0013 10  DCY B O   
387 C CB  . DCY B 10 ? 0.0637 0.0273 0.0511 -0.0118 -0.0116 0.0092  10  DCY B CB  
388 S SG  . DCY B 10 ? 0.0708 0.0297 0.0527 -0.0123 -0.0163 0.0149  10  DCY B SG  
392 N N   . TS9 B 11 ? 0.0353 0.0272 0.0306 -0.0078 -0.0043 0.0036  11  TS9 B N   
393 C CA  . TS9 B 11 ? 0.0304 0.0294 0.0298 -0.0095 -0.0051 0.0030  11  TS9 B CA  
394 C C   . TS9 B 11 ? 0.0340 0.0309 0.0305 -0.0111 -0.0031 -0.0017 11  TS9 B C   
395 C CB  . TS9 B 11 ? 0.0300 0.0290 0.0294 -0.0081 -0.0036 0.0025  11  TS9 B CB  
396 O OG3 . TS9 B 11 ? 0.0285 0.0286 0.0322 -0.0075 -0.0047 0.0029  11  TS9 B OG3 
397 C CG2 . TS9 B 11 ? 0.0294 0.0385 0.0314 -0.0088 -0.0045 0.0079  11  TS9 B CG2 
398 C CG1 . TS9 B 11 ? 0.0313 0.0297 0.0276 -0.0080 -0.0034 0.0034  11  TS9 B CG1 
399 O OD2 . TS9 B 11 ? 0.0313 0.0490 0.0298 -0.0159 -0.0018 0.0021  11  TS9 B OD2 
400 C CD1 . TS9 B 11 ? 0.0318 0.0362 0.0402 -0.0016 -0.0026 0.0035  11  TS9 B CD1 
412 N N   . BB9 B 12 ? 0.0326 0.0301 0.0321 -0.0101 -0.0020 -0.0060 12  BB9 B N   
413 C CA  . BB9 B 12 ? 0.0290 0.0330 0.0340 -0.0082 -0.0021 -0.0084 12  BB9 B CA  
414 C C   . BB9 B 12 ? 0.0333 0.0320 0.0392 -0.0081 0.0011  -0.0117 12  BB9 B C   
415 O O   . BB9 B 12 ? 0.0411 0.0439 0.0510 -0.0108 0.0099  -0.0208 12  BB9 B O   
416 C CB  . BB9 B 12 ? 0.0443 0.0393 0.0385 -0.0159 0.0032  -0.0155 12  BB9 B CB  
417 S SG  . BB9 B 12 ? 0.0391 0.0413 0.0420 -0.0178 0.0002  -0.0128 12  BB9 B SG  
419 N N   . THR B 13 ? 0.0330 0.0367 0.0391 -0.0104 0.0026  -0.0137 13  THR B N   
420 C CA  . THR B 13 ? 0.0300 0.0337 0.0356 -0.0050 0.0006  -0.0114 13  THR B CA  
421 C C   A THR B 13 ? 0.0261 0.0307 0.0332 -0.0068 0.0063  -0.0043 13  THR B C   
422 C C   B THR B 13 ? 0.0261 0.0307 0.0332 -0.0068 0.0063  -0.0043 13  THR B C   
423 C CB  . THR B 13 ? 0.0276 0.0343 0.0354 -0.0042 0.0003  -0.0082 13  THR B CB  
424 O OG1 . THR B 13 ? 0.0254 0.0351 0.0389 -0.0060 0.0017  -0.0087 13  THR B OG1 
425 C CG2 . THR B 13 ? 0.0303 0.0461 0.0463 -0.0021 -0.0043 -0.0058 13  THR B CG2 
433 N N   B BB9 B 14 ? 0.0209 0.0205 0.0297 -0.0143 0.0064  0.0041  14  BB9 B N   
434 C CA  A BB9 B 14 ? 0.0163 0.0139 0.0379 -0.0244 0.0091  0.0054  14  BB9 B CA  
435 C CA  B BB9 B 14 ? 0.0297 0.0306 0.0323 -0.0037 0.0040  -0.0032 14  BB9 B CA  
436 C C   A BB9 B 14 ? 0.0306 0.0382 0.0360 0.0045  -0.0040 -0.0160 14  BB9 B C   
437 C C   B BB9 B 14 ? 0.0294 0.0295 0.0339 -0.0009 0.0024  -0.0010 14  BB9 B C   
438 C CB  A BB9 B 14 ? 0.0270 0.0343 0.0423 -0.0018 0.0021  -0.0074 14  BB9 B CB  
439 C CB  B BB9 B 14 ? 0.0383 0.0348 0.0458 -0.0048 0.0058  0.0055  14  BB9 B CB  
440 S SG  A BB9 B 14 ? 0.0252 0.0331 0.0457 -0.0045 0.0013  0.0013  14  BB9 B SG  
441 S SG  B BB9 B 14 ? 0.0384 0.0323 0.0436 -0.0086 0.0091  0.0045  14  BB9 B SG  
442 H HB  A BB9 B 14 ? 0.0406 0.0454 0.0561 -0.0022 -0.0026 -0.0014 14  BB9 B HB  
444 N N   A MH6 B 15 ? 0.0316 0.0307 0.0343 -0.0007 0.0058  -0.0053 15  MH6 B N   
445 N N   B MH6 B 15 ? 0.0212 0.0416 0.0507 -0.0012 0.0100  -0.0061 15  MH6 B N   
446 C CA  A MH6 B 15 ? 0.0300 0.0380 0.0334 0.0028  0.0014  -0.0048 15  MH6 B CA  
447 C CA  B MH6 B 15 ? 0.0289 0.0458 0.0431 0.0002  0.0008  -0.0087 15  MH6 B CA  
448 C C   A MH6 B 15 ? 0.0284 0.0438 0.0324 0.0049  0.0008  -0.0098 15  MH6 B C   
449 C C   B MH6 B 15 ? 0.0476 0.1166 0.0496 -0.0082 0.0052  -0.0318 15  MH6 B C   
450 C CB  A MH6 B 15 ? 0.0328 0.0439 0.0327 -0.0032 0.0058  -0.0052 15  MH6 B CB  
451 C CB  B MH6 B 15 ? 0.0328 0.0439 0.0327 -0.0032 0.0058  -0.0052 15  MH6 B CB  
456 N N   A BB9 B 16 ? 0.0341 0.0436 0.0327 -0.0023 0.0064  -0.0110 16  BB9 B N   
457 N N   B BB9 B 16 ? 0.0599 0.1127 0.0392 0.0010  0.0112  -0.0345 16  BB9 B N   
458 C CA  A BB9 B 16 ? 0.0453 0.0502 0.0304 0.0066  -0.0016 -0.0114 16  BB9 B CA  
459 C CA  B BB9 B 16 ? 0.0903 0.0764 0.0390 -0.0071 0.0115  -0.0226 16  BB9 B CA  
460 C C   A BB9 B 16 ? 0.0736 0.0688 0.0346 -0.0015 0.0070  -0.0141 16  BB9 B C   
461 C C   B BB9 B 16 ? 0.0736 0.0688 0.0346 -0.0015 0.0070  -0.0141 16  BB9 B C   
462 O O   A BB9 B 16 ? 0.1156 0.0975 0.0433 -0.0176 0.0197  -0.0388 16  BB9 B O   
463 O O   B BB9 B 16 ? 0.1233 0.0392 0.0676 0.0086  0.0054  0.0108  16  BB9 B O   
464 C CB  A BB9 B 16 ? 0.0513 0.0496 0.0395 0.0034  -0.0029 -0.0135 16  BB9 B CB  
465 C CB  B BB9 B 16 ? 0.0885 0.0760 0.0921 -0.0038 0.0067  -0.0300 16  BB9 B CB  
466 S SG  A BB9 B 16 ? 0.0409 0.0436 0.0440 0.0008  -0.0018 -0.0142 16  BB9 B SG  
467 S SG  B BB9 B 16 ? 0.0658 0.1641 0.1024 0.0068  -0.0248 -0.0770 16  BB9 B SG  
470 N N   A DHA B 17 ? 0.0767 0.0690 0.0407 -0.0018 -0.0005 -0.0128 17  DHA B N   
471 N N   B DHA B 17 ? 0.0767 0.0690 0.0407 -0.0018 -0.0005 -0.0128 17  DHA B N   
472 C CA  A DHA B 17 ? 0.0980 0.0843 0.0471 -0.0192 0.0009  -0.0080 17  DHA B CA  
473 C CA  B DHA B 17 ? 0.0980 0.0843 0.0471 -0.0192 0.0009  -0.0080 17  DHA B CA  
474 C CB  A DHA B 17 ? 0.1032 0.1020 0.0513 -0.0169 0.0039  -0.0125 17  DHA B CB  
475 C CB  B DHA B 17 ? 0.1032 0.1020 0.0513 -0.0169 0.0039  -0.0125 17  DHA B CB  
476 C C   A DHA B 17 ? 0.1260 0.0824 0.0697 -0.0212 -0.0134 -0.0122 17  DHA B C   
477 C C   B DHA B 17 ? 0.1260 0.0824 0.0697 -0.0212 -0.0134 -0.0122 17  DHA B C   
478 O O   A DHA B 17 ? 0.1479 0.1047 0.0723 -0.0245 -0.0070 -0.0203 17  DHA B O   
479 O O   B DHA B 17 ? 0.1479 0.1047 0.0723 -0.0245 -0.0070 -0.0203 17  DHA B O   
486 N N   A DHA B 18 ? 0.1048 0.0786 0.1167 0.0048  -0.0020 0.0160  18  DHA B N   
487 N N   B DHA B 18 ? 0.1048 0.0786 0.1167 0.0048  -0.0020 0.0160  18  DHA B N   
488 C CA  A DHA B 18 ? 0.1140 0.0737 0.1385 0.0041  -0.0079 0.0154  18  DHA B CA  
489 C CA  B DHA B 18 ? 0.1140 0.0737 0.1385 0.0041  -0.0079 0.0154  18  DHA B CA  
490 C CB  A DHA B 18 ? 0.1292 0.0661 0.1415 0.0010  -0.0061 0.0134  18  DHA B CB  
491 C CB  B DHA B 18 ? 0.1292 0.0661 0.1415 0.0010  -0.0061 0.0134  18  DHA B CB  
492 C C   A DHA B 18 ? 0.1656 0.0871 0.1866 0.0217  0.0444  0.0377  18  DHA B C   
493 C C   B DHA B 18 ? 0.1656 0.0871 0.1866 0.0217  0.0444  0.0377  18  DHA B C   
494 O O   A DHA B 18 ? 0.1421 0.1173 0.1840 0.0477  0.0519  0.0349  18  DHA B O   
495 O O   B DHA B 18 ? 0.1104 0.0576 0.1714 -0.0150 0.0323  0.0367  18  DHA B O   
502 N N   A NH2 B 19 ? 0.1653 0.0894 0.1997 0.0198  0.0464  0.0351  19  NH2 B N   
503 N N   B NH2 B 19 ? 0.1653 0.0894 0.1997 0.0198  0.0464  0.0351  19  NH2 B N   
508 C C1  G DMF C .  ? 0.0838 0.0684 0.0409 0.0127  -0.0177 -0.0058 101 DMF A C1  
509 C C1  H DMF C .  ? 0.1794 0.0838 0.0612 -0.0037 -0.0035 0.0101  101 DMF A C1  
510 C C2  G DMF C .  ? 0.0466 0.0583 0.0469 -0.0130 -0.0029 -0.0124 101 DMF A C2  
511 C C2  H DMF C .  ? 0.0864 0.1297 0.1253 -0.0200 -0.0280 -0.0636 101 DMF A C2  
512 C C   G DMF C .  ? 0.0592 0.0675 0.0486 -0.0279 -0.0052 0.0101  101 DMF A C   
513 C C   H DMF C .  ? 0.0960 0.1225 0.1632 -0.0270 0.0098  0.0679  101 DMF A C   
514 O O   G DMF C .  ? 0.0597 0.1087 0.0754 -0.0343 0.0056  -0.0060 101 DMF A O   
515 O O   H DMF C .  ? 0.1820 0.1337 0.2389 -0.0201 -0.0057 0.0937  101 DMF A O   
516 N N   G DMF C .  ? 0.0433 0.0530 0.0405 -0.0121 -0.0071 0.0036  101 DMF A N   
517 N N   H DMF C .  ? 0.0843 0.0729 0.0527 -0.0330 -0.0137 0.0018  101 DMF A N   
532 C C1  O DMF D .  ? 0.1111 0.2466 0.1305 0.0423  -0.0129 0.0375  102 DMF A C1  
533 C C1  P DMF D .  ? 0.3319 0.2283 0.3023 0.1131  0.1144  0.0363  102 DMF A C1  
534 C C2  O DMF D .  ? 0.1811 0.0845 0.1425 0.0483  0.0377  0.0512  102 DMF A C2  
535 C C2  P DMF D .  ? 0.3709 0.2461 0.1141 0.1254  0.0123  0.0462  102 DMF A C2  
536 C C   O DMF D .  ? 0.0642 0.0491 0.0818 0.0112  0.0330  0.0103  102 DMF A C   
537 C C   P DMF D .  ? 0.2490 0.1190 0.0779 0.0460  0.0207  0.0219  102 DMF A C   
538 O O   O DMF D .  ? 0.0658 0.1010 0.1198 0.0055  -0.0025 0.0084  102 DMF A O   
539 O O   P DMF D .  ? 0.5463 0.2612 0.2985 0.0631  0.2187  -0.0757 102 DMF A O   
540 N N   O DMF D .  ? 0.0682 0.0799 0.0860 0.0051  0.0022  -0.0141 102 DMF A N   
541 N N   P DMF D .  ? 0.3173 0.1980 0.0885 0.1097  0.0483  0.0423  102 DMF A N   
556 O O1  . ETZ E .  ? 0.1050 0.0677 0.0838 -0.0041 0.0181  0.0134  103 ETZ A O1  
557 C C1  . ETZ E .  ? 0.0978 0.0986 0.0734 0.0013  0.0182  0.0132  103 ETZ A C1  
558 C C2  . ETZ E .  ? 0.0996 0.0666 0.0742 -0.0047 0.0190  0.0165  103 ETZ A C2  
559 C C3  . ETZ E .  ? 0.1113 0.1209 0.0840 0.0035  0.0127  0.0035  103 ETZ A C3  
560 C C4  . ETZ E .  ? 0.1120 0.1378 0.1195 0.0020  0.0116  -0.0196 103 ETZ A C4  
571 O O1  S ETZ F .  ? 0.0995 0.1113 0.2287 -0.0087 0.0819  -0.0396 104 ETZ A O1  
572 C C1  S ETZ F .  ? 0.1282 0.1641 0.2149 -0.0484 0.1018  -0.0733 104 ETZ A C1  
573 C C2  . ETZ F .  ? 0.0968 0.1688 0.2333 -0.0604 0.1040  -0.0604 104 ETZ A C2  
574 C C3  . ETZ F .  ? 0.1110 0.1252 0.2824 -0.0292 0.0445  -0.0105 104 ETZ A C3  
575 C C4  . ETZ F .  ? 0.0881 0.1855 0.2927 0.0198  0.0211  -0.0385 104 ETZ A C4  
586 O O1  A ETZ G .  ? 0.1734 0.1537 0.1359 -0.0081 -0.0428 0.0023  105 ETZ A O1  
587 O O1  B ETZ G .  ? 0.1734 0.1537 0.1359 -0.0081 -0.0428 0.0023  105 ETZ A O1  
588 C C1  A ETZ G .  ? 0.1529 0.1559 0.1155 -0.0093 -0.0500 0.0167  105 ETZ A C1  
589 C C1  B ETZ G .  ? 0.1529 0.1559 0.1155 -0.0093 -0.0500 0.0167  105 ETZ A C1  
590 C C2  A ETZ G .  ? 0.1677 0.1686 0.1366 -0.0045 -0.0435 0.0074  105 ETZ A C2  
591 C C2  B ETZ G .  ? 0.1677 0.1686 0.1366 -0.0045 -0.0435 0.0074  105 ETZ A C2  
592 C C3  A ETZ G .  ? 0.1613 0.1166 0.1368 -0.0319 -0.0336 0.0134  105 ETZ A C3  
593 C C3  B ETZ G .  ? 0.1613 0.1166 0.1368 -0.0319 -0.0336 0.0134  105 ETZ A C3  
594 C C4  A ETZ G .  ? 0.2712 0.1187 0.1504 0.0012  -0.0722 -0.0011 105 ETZ A C4  
595 C C4  B ETZ G .  ? 0.2712 0.1187 0.1504 0.0012  -0.0722 -0.0011 105 ETZ A C4  
616 O O1  . ETZ H .  ? 0.4287 0.3794 0.3505 -0.0616 0.0703  -0.1925 106 ETZ A O1  
617 C C1  . ETZ H .  ? 0.4219 0.3840 0.2761 -0.0693 0.0393  -0.2080 106 ETZ A C1  
618 C C2  . ETZ H .  ? 0.4287 0.3815 0.3617 -0.0588 0.0709  -0.1926 106 ETZ A C2  
619 C C3  . ETZ H .  ? 0.4089 0.3708 0.3467 -0.0887 0.0581  -0.2086 106 ETZ A C3  
620 C C4  . ETZ H .  ? 0.3972 0.2536 0.3303 -0.1135 0.0569  -0.2437 106 ETZ A C4  
631 O O1  . ETZ I .  ? 0.0506 0.0818 0.0440 -0.0071 0.0196  0.0270  107 ETZ A O1  
632 C C1  . ETZ I .  ? 0.0832 0.0525 0.1262 0.0327  0.0185  0.0199  107 ETZ A C1  
633 C C2  . ETZ I .  ? 0.0827 0.1098 0.0574 0.0217  0.0030  0.0122  107 ETZ A C2  
634 C C3  . ETZ I .  ? 0.0827 0.1098 0.0574 0.0217  0.0030  0.0122  107 ETZ A C3  
635 C C4  . ETZ I .  ? 0.0477 0.0951 0.0574 -0.0057 0.0107  0.0235  107 ETZ A C4  
646 C C1  L DMF J .  ? 0.1298 0.0665 0.0384 0.0008  -0.0241 0.0079  108 DMF A C1  
647 C C1  M DMF J .  ? 0.1336 0.1210 0.0669 0.0665  -0.0139 -0.0093 108 DMF A C1  
648 C C2  L DMF J .  ? 0.1293 0.0491 0.0981 0.0118  0.0204  0.0268  108 DMF A C2  
649 C C2  M DMF J .  ? 0.0927 0.1152 0.1042 0.0182  0.0242  0.0175  108 DMF A C2  
650 C C   L DMF J .  ? 0.1235 0.0261 0.0213 0.0087  -0.0069 -0.0023 108 DMF A C   
651 C C   M DMF J .  ? 0.1397 0.1117 0.0550 -0.0463 0.0217  -0.0054 108 DMF A C   
652 O O   L DMF J .  ? 0.1415 0.1767 0.0486 0.0481  0.0079  0.0044  108 DMF A O   
653 O O   M DMF J .  ? 0.1720 0.1361 0.0612 -0.0357 0.0098  -0.0133 108 DMF A O   
654 N N   L DMF J .  ? 0.1154 0.0486 0.0247 0.0009  -0.0110 0.0012  108 DMF A N   
655 N N   M DMF J .  ? 0.0874 0.0780 0.0534 0.0175  0.0101  0.0193  108 DMF A N   
670 C C1  . DMF K .  ? 0.1507 0.0838 0.1035 0.0639  -0.0372 -0.0441 101 DMF B C1  
671 C C2  . DMF K .  ? 0.1119 0.0650 0.1373 0.0176  -0.0059 -0.0303 101 DMF B C2  
672 C C   . DMF K .  ? 0.2585 0.0956 0.1116 0.0285  -0.0539 -0.0316 101 DMF B C   
673 O O   . DMF K .  ? 0.3934 0.0921 0.1194 -0.0527 0.0292  -0.0353 101 DMF B O   
674 N N   . DMF K .  ? 0.1790 0.0752 0.0993 0.0436  -0.0186 -0.0404 101 DMF B N   
682 C C1  . DMF L .  ? 0.0486 0.1198 0.0593 -0.0126 0.0003  0.0090  102 DMF B C1  
683 C C2  . DMF L .  ? 0.1755 0.1361 0.1121 0.0181  0.0848  -0.0024 102 DMF B C2  
684 C C   . DMF L .  ? 0.0872 0.1429 0.0500 0.0248  0.0151  -0.0027 102 DMF B C   
685 O O   . DMF L .  ? 0.0728 0.1710 0.0486 0.0044  -0.0060 -0.0311 102 DMF B O   
686 N N   . DMF L .  ? 0.0987 0.1153 0.0557 0.0143  0.0201  0.0038  102 DMF B N   
694 C C1  I DMF M .  ? 0.9475 0.2286 0.0586 0.3122  0.0283  0.0157  103 DMF B C1  
695 C C1  J DMF M .  ? 0.1702 0.0699 0.0820 -0.0304 -0.0450 0.0248  103 DMF B C1  
696 C C2  I DMF M .  ? 0.5946 0.2716 0.2362 0.1812  -0.2386 -0.0646 103 DMF B C2  
697 C C2  J DMF M .  ? 0.1581 0.0973 0.0964 -0.0080 -0.0296 0.0102  103 DMF B C2  
698 C C   I DMF M .  ? 0.1291 0.0873 0.0956 0.0012  -0.0144 0.0211  103 DMF B C   
699 C C   J DMF M .  ? 0.2701 0.0936 0.1000 0.0228  0.0328  0.0378  103 DMF B C   
700 O O   I DMF M .  ? 0.1295 0.2734 0.1878 0.0694  -0.0233 -0.1203 103 DMF B O   
701 O O   J DMF M .  ? 0.2066 0.0655 0.0789 0.0220  0.0596  0.0201  103 DMF B O   
702 N N   I DMF M .  ? 0.1259 0.0780 0.0953 0.0382  0.0082  -0.0113 103 DMF B N   
703 N N   J DMF M .  ? 0.1556 0.0880 0.0728 -0.0107 -0.0239 0.0248  103 DMF B N   
718 C C1  . DMF N .  ? 0.0803 0.0737 0.0519 0.0197  0.0073  0.0091  104 DMF B C1  
719 C C2  . DMF N .  ? 0.0756 0.0627 0.0614 0.0030  -0.0044 0.0055  104 DMF B C2  
720 C C   . DMF N .  ? 0.0783 0.0838 0.0584 0.0068  0.0078  0.0082  104 DMF B C   
721 O O   . DMF N .  ? 0.0893 0.1101 0.0572 0.0151  0.0066  0.0171  104 DMF B O   
722 N N   . DMF N .  ? 0.0679 0.0567 0.0549 0.0023  0.0012  0.0040  104 DMF B N   
730 C C1  . DMF O .  ? 0.0889 0.1075 0.1249 0.0508  -0.0445 -0.0330 105 DMF B C1  
731 C C2  . DMF O .  ? 0.5768 0.2399 0.2977 0.1546  0.1600  0.0651  105 DMF B C2  
732 C C   . DMF O .  ? 0.1706 0.0890 0.1577 -0.0057 0.0209  -0.0705 105 DMF B C   
733 O O   . DMF O .  ? 0.3341 0.0771 0.1865 0.0713  0.1134  0.0111  105 DMF B O   
734 N N   . DMF O .  ? 0.2198 0.1034 0.2168 0.0238  0.0689  -0.0445 105 DMF B N   
742 O O1  . ETZ P .  ? 0.1050 0.0677 0.0838 -0.0041 0.0181  0.0134  106 ETZ B O1  
743 C C1  . ETZ P .  ? 0.0978 0.0986 0.0734 0.0013  0.0182  0.0132  106 ETZ B C1  
744 C C2  . ETZ P .  ? 0.0996 0.0666 0.0742 -0.0047 0.0190  0.0165  106 ETZ B C2  
745 C C3  . ETZ P .  ? 0.1113 0.1209 0.0840 0.0035  0.0127  0.0035  106 ETZ B C3  
746 C C4  . ETZ P .  ? 0.1120 0.1378 0.1195 0.0020  0.0116  -0.0196 106 ETZ B C4  
757 O O   . HOH Q .  ? 0.0337 0.0464 0.0281 -0.0020 0.0015  0.0114  201 HOH A O   
760 O O   . HOH Q .  ? 0.0316 0.0389 0.0388 -0.0118 -0.0058 0.0094  202 HOH A O   
# 
